data_5UME
#
_entry.id   5UME
#
_cell.length_a   90.065
_cell.length_b   134.960
_cell.length_c   182.985
_cell.angle_alpha   90.00
_cell.angle_beta   90.00
_cell.angle_gamma   90.00
#
_symmetry.space_group_name_H-M   'P 21 21 21'
#
loop_
_entity.id
_entity.type
_entity.pdbx_description
1 polymer '5,10-methylenetetrahydrofolate reductase'
2 non-polymer 'FLAVIN-ADENINE DINUCLEOTIDE'
3 non-polymer 'SULFATE ION'
4 non-polymer 'ACETIC ACID'
5 non-polymer 1,2-ETHANEDIOL
6 non-polymer 'FORMIC ACID'
7 water water
#
_entity_poly.entity_id   1
_entity_poly.type   'polypeptide(L)'
_entity_poly.pdbx_seq_one_letter_code
;SNAMSYAKEIDTLNQHIADFNKKINVSFEFFPPKNEKMETLLWDSIHRLKVLKPKFVSVTYGANSGERDRTHGIVKAIKQ
ETGLEAAPHLTGIDATPEELKQIARDYWDSGIRRIVALRGDEPKGYAKKPFYASDLVELLRSVADFDISVAAYPEVHPEA
KSAQADLINLKRKIDAGANHVITQFFFDIENYLRFRDRCASIGIDTEIVPGILPVTNFKQLQKMASFTNVKIPAWLVKAY
DGLDNDPTTRNLVAASVAMDMVKILSREGVNDFHFYTLNRSELTYAICHMLGVRP
;
_entity_poly.pdbx_strand_id   A,B,C,D,E,F
#
loop_
_chem_comp.id
_chem_comp.type
_chem_comp.name
_chem_comp.formula
ACY non-polymer 'ACETIC ACID' 'C2 H4 O2'
EDO non-polymer 1,2-ETHANEDIOL 'C2 H6 O2'
FAD non-polymer 'FLAVIN-ADENINE DINUCLEOTIDE' 'C27 H33 N9 O15 P2'
FMT non-polymer 'FORMIC ACID' 'C H2 O2'
SO4 non-polymer 'SULFATE ION' 'O4 S -2'
#
# COMPACT_ATOMS: atom_id res chain seq x y z
N TYR A 6 -0.01 -4.96 -3.16
CA TYR A 6 0.06 -6.37 -3.53
C TYR A 6 -0.27 -6.61 -5.00
N ALA A 7 -1.38 -6.02 -5.47
CA ALA A 7 -1.76 -6.11 -6.87
C ALA A 7 -0.84 -5.26 -7.75
N LYS A 8 -0.62 -4.00 -7.35
CA LYS A 8 0.35 -3.16 -8.03
C LYS A 8 1.76 -3.72 -7.94
N GLU A 9 1.98 -4.76 -7.12
CA GLU A 9 3.28 -5.40 -6.99
C GLU A 9 3.53 -6.39 -8.14
N ILE A 10 2.54 -7.24 -8.44
CA ILE A 10 2.68 -8.18 -9.55
C ILE A 10 2.44 -7.46 -10.90
N ASP A 11 1.70 -6.36 -10.90
CA ASP A 11 1.50 -5.60 -12.13
C ASP A 11 2.78 -4.90 -12.58
N THR A 12 3.48 -4.21 -11.64
CA THR A 12 4.75 -3.59 -11.99
C THR A 12 5.86 -4.63 -12.14
N LEU A 13 5.72 -5.79 -11.48
CA LEU A 13 6.62 -6.91 -11.76
C LEU A 13 6.54 -7.32 -13.23
N ASN A 14 5.31 -7.57 -13.74
CA ASN A 14 5.12 -8.00 -15.13
C ASN A 14 5.54 -6.93 -16.13
N GLN A 15 5.39 -5.65 -15.78
CA GLN A 15 5.77 -4.57 -16.67
C GLN A 15 7.26 -4.27 -16.65
N HIS A 16 8.01 -4.75 -15.65
CA HIS A 16 9.47 -4.70 -15.73
C HIS A 16 10.04 -5.88 -16.49
N ILE A 17 9.34 -7.03 -16.49
CA ILE A 17 9.75 -8.18 -17.31
C ILE A 17 9.53 -7.90 -18.80
N ALA A 18 8.47 -7.15 -19.14
CA ALA A 18 8.13 -6.83 -20.52
C ALA A 18 8.87 -5.61 -21.06
N ASP A 19 9.44 -4.77 -20.19
CA ASP A 19 10.10 -3.53 -20.58
C ASP A 19 11.61 -3.61 -20.64
N PHE A 20 12.22 -4.62 -20.01
CA PHE A 20 13.67 -4.68 -19.91
C PHE A 20 14.27 -5.08 -21.26
N ASN A 21 15.03 -4.17 -21.85
CA ASN A 21 15.84 -4.45 -23.03
C ASN A 21 17.17 -5.12 -22.69
N LYS A 22 17.43 -5.37 -21.40
CA LYS A 22 18.68 -6.00 -20.98
C LYS A 22 18.81 -7.38 -21.63
N LYS A 23 19.96 -7.62 -22.25
CA LYS A 23 20.20 -8.93 -22.85
C LYS A 23 20.20 -9.97 -21.75
N ILE A 24 19.35 -10.97 -21.89
CA ILE A 24 19.26 -12.07 -20.94
C ILE A 24 19.94 -13.29 -21.56
N ASN A 25 20.88 -13.87 -20.83
CA ASN A 25 21.65 -15.02 -21.30
C ASN A 25 21.00 -16.29 -20.77
N VAL A 26 20.53 -17.15 -21.66
CA VAL A 26 20.00 -18.42 -21.20
C VAL A 26 20.86 -19.55 -21.74
N SER A 27 20.75 -20.70 -21.06
CA SER A 27 21.45 -21.89 -21.49
C SER A 27 20.62 -23.09 -21.08
N PHE A 28 20.69 -24.13 -21.93
CA PHE A 28 19.86 -25.33 -21.83
C PHE A 28 20.74 -26.56 -21.54
N GLU A 29 20.30 -27.41 -20.60
CA GLU A 29 20.97 -28.66 -20.29
C GLU A 29 20.15 -29.85 -20.79
N PHE A 30 20.79 -30.69 -21.59
CA PHE A 30 20.25 -31.95 -22.09
C PHE A 30 21.00 -33.14 -21.50
N PHE A 31 20.32 -34.30 -21.47
CA PHE A 31 20.95 -35.54 -21.06
C PHE A 31 20.97 -36.54 -22.21
N PRO A 32 21.97 -37.43 -22.26
CA PRO A 32 22.10 -38.36 -23.39
C PRO A 32 21.02 -39.42 -23.38
N PRO A 33 20.29 -39.56 -24.50
CA PRO A 33 19.14 -40.47 -24.52
C PRO A 33 19.55 -41.93 -24.52
N LYS A 34 18.76 -42.76 -23.85
CA LYS A 34 19.07 -44.17 -23.69
C LYS A 34 18.12 -45.08 -24.46
N ASN A 35 17.42 -44.55 -25.46
CA ASN A 35 16.53 -45.34 -26.31
C ASN A 35 16.17 -44.50 -27.54
N GLU A 36 15.31 -45.07 -28.39
CA GLU A 36 14.91 -44.37 -29.62
C GLU A 36 13.87 -43.29 -29.36
N LYS A 37 12.88 -43.58 -28.51
CA LYS A 37 11.93 -42.56 -28.10
C LYS A 37 12.64 -41.33 -27.58
N MET A 38 13.43 -41.50 -26.52
CA MET A 38 14.15 -40.38 -25.92
C MET A 38 14.96 -39.59 -26.94
N GLU A 39 15.49 -40.27 -27.95
CA GLU A 39 16.33 -39.59 -28.94
C GLU A 39 15.51 -38.65 -29.82
N THR A 40 14.34 -39.10 -30.26
CA THR A 40 13.45 -38.22 -31.02
C THR A 40 13.07 -37.01 -30.18
N LEU A 41 12.77 -37.24 -28.90
CA LEU A 41 12.38 -36.15 -28.02
C LEU A 41 13.49 -35.12 -27.93
N LEU A 42 14.72 -35.57 -27.65
CA LEU A 42 15.87 -34.69 -27.53
C LEU A 42 16.06 -33.83 -28.78
N TRP A 43 15.93 -34.43 -29.96
CA TRP A 43 16.32 -33.70 -31.16
C TRP A 43 15.25 -32.71 -31.60
N ASP A 44 13.97 -33.01 -31.32
CA ASP A 44 12.94 -31.99 -31.50
C ASP A 44 13.14 -30.83 -30.52
N SER A 45 13.54 -31.12 -29.28
CA SER A 45 13.82 -30.05 -28.35
C SER A 45 14.96 -29.17 -28.85
N ILE A 46 16.01 -29.77 -29.40
CA ILE A 46 17.18 -28.99 -29.77
C ILE A 46 16.84 -28.06 -30.92
N HIS A 47 16.06 -28.54 -31.88
CA HIS A 47 15.66 -27.73 -33.02
C HIS A 47 14.58 -26.72 -32.68
N ARG A 48 13.87 -26.93 -31.58
CA ARG A 48 12.85 -26.00 -31.13
C ARG A 48 13.45 -24.91 -30.23
N LEU A 49 14.50 -25.23 -29.47
CA LEU A 49 15.10 -24.26 -28.57
C LEU A 49 16.23 -23.47 -29.20
N LYS A 50 16.79 -23.96 -30.31
CA LYS A 50 17.95 -23.31 -30.93
C LYS A 50 17.63 -21.91 -31.43
N VAL A 51 16.38 -21.65 -31.82
CA VAL A 51 16.03 -20.35 -32.37
C VAL A 51 16.21 -19.23 -31.34
N LEU A 52 16.19 -19.56 -30.04
CA LEU A 52 16.28 -18.62 -28.93
C LEU A 52 17.69 -18.12 -28.67
N LYS A 53 18.68 -18.68 -29.36
CA LYS A 53 20.08 -18.25 -29.37
C LYS A 53 20.73 -18.31 -27.99
N PRO A 54 20.69 -19.45 -27.31
CA PRO A 54 21.19 -19.50 -25.94
C PRO A 54 22.69 -19.22 -25.94
N LYS A 55 23.22 -18.87 -24.77
CA LYS A 55 24.65 -18.64 -24.67
C LYS A 55 25.41 -19.92 -25.01
N PHE A 56 24.89 -21.05 -24.55
CA PHE A 56 25.40 -22.37 -24.91
C PHE A 56 24.34 -23.36 -24.49
N VAL A 57 24.51 -24.60 -24.96
CA VAL A 57 23.80 -25.75 -24.45
C VAL A 57 24.85 -26.74 -23.93
N SER A 58 24.40 -27.66 -23.08
CA SER A 58 25.32 -28.53 -22.37
C SER A 58 24.71 -29.92 -22.28
N VAL A 59 25.57 -30.94 -22.15
CA VAL A 59 25.16 -32.34 -22.17
C VAL A 59 25.82 -33.08 -21.01
N THR A 60 25.01 -33.73 -20.16
CA THR A 60 25.49 -34.34 -18.94
C THR A 60 26.29 -35.64 -19.21
N TYR A 61 26.84 -36.20 -18.13
CA TYR A 61 27.83 -37.28 -18.20
C TYR A 61 27.57 -38.27 -17.08
N GLY A 62 27.24 -39.51 -17.42
CA GLY A 62 27.11 -40.56 -16.43
C GLY A 62 28.46 -41.09 -16.00
N ALA A 63 28.88 -40.69 -14.80
CA ALA A 63 30.25 -40.87 -14.31
C ALA A 63 30.80 -42.26 -14.60
N ASN A 64 30.33 -43.27 -13.88
CA ASN A 64 30.80 -44.64 -14.06
C ASN A 64 30.16 -45.35 -15.26
N SER A 65 29.23 -44.71 -15.96
CA SER A 65 28.56 -45.40 -17.06
C SER A 65 29.53 -45.73 -18.19
N GLY A 66 30.50 -44.85 -18.44
CA GLY A 66 31.31 -44.99 -19.62
C GLY A 66 30.65 -44.48 -20.88
N GLU A 67 29.51 -43.81 -20.76
CA GLU A 67 28.87 -43.17 -21.90
C GLU A 67 29.53 -41.85 -22.28
N ARG A 68 30.81 -41.65 -21.93
CA ARG A 68 31.48 -40.38 -22.19
C ARG A 68 31.72 -40.15 -23.69
N ASP A 69 31.99 -41.23 -24.43
CA ASP A 69 31.97 -41.18 -25.89
C ASP A 69 30.61 -40.75 -26.39
N ARG A 70 29.54 -41.06 -25.64
CA ARG A 70 28.19 -40.73 -26.05
C ARG A 70 27.87 -39.27 -25.79
N THR A 71 28.26 -38.75 -24.62
CA THR A 71 28.15 -37.32 -24.34
C THR A 71 28.93 -36.49 -25.35
N HIS A 72 30.16 -36.94 -25.66
CA HIS A 72 30.97 -36.24 -26.65
C HIS A 72 30.32 -36.29 -28.03
N GLY A 73 29.67 -37.41 -28.37
CA GLY A 73 29.03 -37.53 -29.66
C GLY A 73 27.85 -36.59 -29.85
N ILE A 74 26.96 -36.51 -28.85
CA ILE A 74 25.85 -35.57 -28.92
C ILE A 74 26.36 -34.15 -29.10
N VAL A 75 27.45 -33.81 -28.42
CA VAL A 75 28.00 -32.46 -28.46
C VAL A 75 28.50 -32.11 -29.86
N LYS A 76 29.33 -32.97 -30.44
CA LYS A 76 29.79 -32.75 -31.82
C LYS A 76 28.60 -32.64 -32.77
N ALA A 77 27.55 -33.44 -32.55
CA ALA A 77 26.40 -33.44 -33.43
C ALA A 77 25.60 -32.15 -33.32
N ILE A 78 25.44 -31.63 -32.09
CA ILE A 78 24.72 -30.38 -31.89
C ILE A 78 25.43 -29.25 -32.61
N LYS A 79 26.78 -29.23 -32.57
CA LYS A 79 27.49 -28.11 -33.17
C LYS A 79 27.37 -28.14 -34.67
N GLN A 80 27.41 -29.34 -35.26
CA GLN A 80 27.36 -29.48 -36.71
C GLN A 80 25.97 -29.15 -37.24
N GLU A 81 24.92 -29.61 -36.56
CA GLU A 81 23.58 -29.49 -37.12
C GLU A 81 22.96 -28.12 -36.86
N THR A 82 23.40 -27.42 -35.82
CA THR A 82 22.68 -26.21 -35.41
C THR A 82 23.54 -24.97 -35.32
N GLY A 83 24.85 -25.09 -35.07
CA GLY A 83 25.68 -23.93 -34.80
C GLY A 83 25.81 -23.56 -33.33
N LEU A 84 24.95 -24.08 -32.47
CA LEU A 84 25.03 -23.78 -31.04
C LEU A 84 26.41 -24.12 -30.49
N GLU A 85 26.86 -23.33 -29.52
CA GLU A 85 28.03 -23.67 -28.71
C GLU A 85 27.62 -24.75 -27.73
N ALA A 86 28.16 -25.94 -27.90
CA ALA A 86 27.79 -27.06 -27.05
C ALA A 86 28.93 -27.33 -26.07
N ALA A 87 28.56 -27.66 -24.83
CA ALA A 87 29.52 -27.81 -23.75
C ALA A 87 29.31 -29.19 -23.15
N PRO A 88 30.35 -30.02 -23.05
CA PRO A 88 30.20 -31.29 -22.35
C PRO A 88 30.29 -31.11 -20.85
N HIS A 89 29.51 -31.90 -20.13
CA HIS A 89 29.79 -32.18 -18.74
C HIS A 89 30.89 -33.23 -18.67
N LEU A 90 31.86 -33.01 -17.79
CA LEU A 90 32.97 -33.92 -17.60
C LEU A 90 33.16 -34.14 -16.10
N THR A 91 33.35 -35.40 -15.70
CA THR A 91 33.68 -35.71 -14.31
C THR A 91 35.02 -36.42 -14.24
N GLY A 92 35.85 -36.01 -13.30
CA GLY A 92 37.14 -36.62 -13.14
C GLY A 92 37.18 -37.77 -12.17
N ILE A 93 36.03 -38.25 -11.68
CA ILE A 93 36.04 -39.21 -10.59
C ILE A 93 36.33 -40.63 -11.06
N ASP A 94 36.08 -40.92 -12.34
CA ASP A 94 36.17 -42.27 -12.90
C ASP A 94 37.34 -42.42 -13.85
N ALA A 95 38.12 -41.36 -14.06
CA ALA A 95 39.18 -41.30 -15.05
C ALA A 95 40.51 -40.95 -14.37
N THR A 96 41.60 -41.60 -14.81
CA THR A 96 42.94 -41.18 -14.44
C THR A 96 43.23 -39.78 -14.96
N PRO A 97 44.14 -39.04 -14.31
CA PRO A 97 44.42 -37.67 -14.77
C PRO A 97 44.90 -37.57 -16.21
N GLU A 98 45.68 -38.54 -16.69
CA GLU A 98 46.15 -38.45 -18.06
C GLU A 98 45.00 -38.67 -19.05
N GLU A 99 44.11 -39.62 -18.77
CA GLU A 99 42.91 -39.76 -19.58
C GLU A 99 42.15 -38.44 -19.63
N LEU A 100 41.98 -37.80 -18.48
CA LEU A 100 41.26 -36.52 -18.46
C LEU A 100 41.92 -35.50 -19.38
N LYS A 101 43.25 -35.49 -19.44
CA LYS A 101 43.95 -34.56 -20.32
C LYS A 101 43.75 -34.93 -21.79
N GLN A 102 43.75 -36.23 -22.10
CA GLN A 102 43.38 -36.65 -23.46
C GLN A 102 41.98 -36.17 -23.81
N ILE A 103 41.02 -36.37 -22.91
CA ILE A 103 39.63 -35.99 -23.20
C ILE A 103 39.55 -34.49 -23.47
N ALA A 104 40.31 -33.70 -22.72
CA ALA A 104 40.30 -32.25 -22.89
C ALA A 104 40.94 -31.81 -24.21
N ARG A 105 42.09 -32.38 -24.57
CA ARG A 105 42.72 -32.00 -25.83
C ARG A 105 41.82 -32.38 -27.00
N ASP A 106 41.20 -33.55 -26.93
CA ASP A 106 40.32 -33.95 -28.02
C ASP A 106 39.08 -33.06 -28.08
N TYR A 107 38.49 -32.71 -26.93
CA TYR A 107 37.43 -31.71 -26.93
C TYR A 107 37.88 -30.40 -27.58
N TRP A 108 39.09 -29.95 -27.26
CA TRP A 108 39.54 -28.64 -27.74
C TRP A 108 39.75 -28.63 -29.25
N ASP A 109 40.24 -29.75 -29.82
CA ASP A 109 40.42 -29.84 -31.26
C ASP A 109 39.10 -30.00 -31.99
N SER A 110 38.02 -30.40 -31.30
CA SER A 110 36.70 -30.37 -31.91
C SER A 110 36.20 -28.96 -32.13
N GLY A 111 36.71 -27.99 -31.38
CA GLY A 111 36.12 -26.67 -31.34
C GLY A 111 35.34 -26.39 -30.08
N ILE A 112 35.35 -27.32 -29.13
CA ILE A 112 34.73 -27.06 -27.85
C ILE A 112 35.58 -26.06 -27.08
N ARG A 113 34.94 -25.06 -26.52
CA ARG A 113 35.59 -24.01 -25.78
C ARG A 113 35.10 -23.90 -24.35
N ARG A 114 33.94 -24.48 -24.03
CA ARG A 114 33.37 -24.49 -22.67
C ARG A 114 33.16 -25.94 -22.24
N ILE A 115 33.62 -26.25 -21.02
CA ILE A 115 33.35 -27.52 -20.34
C ILE A 115 32.71 -27.24 -19.00
N VAL A 116 31.64 -27.98 -18.67
CA VAL A 116 31.05 -28.02 -17.33
C VAL A 116 31.80 -29.10 -16.54
N ALA A 117 32.44 -28.71 -15.45
CA ALA A 117 33.43 -29.54 -14.79
C ALA A 117 32.97 -29.87 -13.37
N LEU A 118 32.70 -31.15 -13.12
CA LEU A 118 32.14 -31.61 -11.86
C LEU A 118 32.90 -32.81 -11.34
N ARG A 119 32.83 -33.00 -10.02
CA ARG A 119 33.40 -34.20 -9.41
C ARG A 119 32.68 -35.47 -9.88
N GLY A 120 31.35 -35.48 -9.79
CA GLY A 120 30.59 -36.72 -9.91
C GLY A 120 30.72 -37.55 -8.64
N ASP A 121 29.93 -38.62 -8.57
CA ASP A 121 29.89 -39.47 -7.38
C ASP A 121 30.15 -40.92 -7.74
N GLU A 122 31.17 -41.51 -7.13
CA GLU A 122 31.39 -42.94 -7.30
C GLU A 122 30.26 -43.72 -6.64
N PRO A 123 29.71 -44.74 -7.30
CA PRO A 123 28.67 -45.56 -6.67
C PRO A 123 29.25 -46.49 -5.60
N LYS A 129 38.19 -41.77 -3.55
CA LYS A 129 39.19 -41.02 -4.31
C LYS A 129 39.25 -39.57 -3.84
N PRO A 130 40.45 -39.09 -3.46
CA PRO A 130 40.58 -37.70 -3.01
C PRO A 130 40.59 -36.69 -4.16
N PHE A 131 39.76 -36.93 -5.19
CA PHE A 131 39.69 -36.10 -6.39
C PHE A 131 38.41 -35.26 -6.31
N TYR A 132 38.58 -33.95 -6.24
CA TYR A 132 37.50 -32.98 -6.16
C TYR A 132 37.40 -32.19 -7.46
N ALA A 133 36.42 -31.29 -7.52
CA ALA A 133 36.18 -30.59 -8.78
C ALA A 133 37.20 -29.50 -9.04
N SER A 134 37.66 -28.81 -8.00
CA SER A 134 38.73 -27.84 -8.22
C SER A 134 39.96 -28.50 -8.83
N ASP A 135 40.16 -29.80 -8.55
CA ASP A 135 41.27 -30.53 -9.17
C ASP A 135 41.05 -30.74 -10.66
N LEU A 136 39.82 -31.06 -11.08
CA LEU A 136 39.56 -31.16 -12.51
C LEU A 136 39.70 -29.82 -13.20
N VAL A 137 39.42 -28.72 -12.49
CA VAL A 137 39.49 -27.40 -13.11
C VAL A 137 40.94 -27.02 -13.36
N GLU A 138 41.79 -27.17 -12.34
CA GLU A 138 43.23 -27.02 -12.54
C GLU A 138 43.69 -27.84 -13.74
N LEU A 139 43.17 -29.07 -13.85
CA LEU A 139 43.65 -30.01 -14.87
C LEU A 139 43.28 -29.52 -16.25
N LEU A 140 41.99 -29.21 -16.46
CA LEU A 140 41.52 -28.69 -17.74
C LEU A 140 42.29 -27.46 -18.13
N ARG A 141 42.51 -26.57 -17.18
CA ARG A 141 43.13 -25.29 -17.48
C ARG A 141 44.60 -25.44 -17.87
N SER A 142 45.24 -26.54 -17.49
CA SER A 142 46.61 -26.79 -17.92
C SER A 142 46.66 -27.32 -19.35
N VAL A 143 45.56 -27.88 -19.84
CA VAL A 143 45.51 -28.31 -21.23
C VAL A 143 45.25 -27.14 -22.17
N ALA A 144 44.29 -26.26 -21.83
CA ALA A 144 43.94 -25.12 -22.69
C ALA A 144 43.05 -24.11 -21.94
N ASP A 145 42.80 -22.97 -22.60
CA ASP A 145 42.09 -21.84 -21.99
C ASP A 145 40.57 -22.04 -22.07
N PHE A 146 40.08 -23.16 -21.53
CA PHE A 146 38.64 -23.41 -21.48
C PHE A 146 37.96 -22.36 -20.64
N ASP A 147 36.80 -21.91 -21.11
CA ASP A 147 35.79 -21.46 -20.18
C ASP A 147 35.29 -22.68 -19.43
N ILE A 148 35.22 -22.59 -18.10
CA ILE A 148 34.80 -23.73 -17.30
C ILE A 148 33.68 -23.29 -16.36
N SER A 149 32.55 -24.02 -16.40
CA SER A 149 31.40 -23.81 -15.53
C SER A 149 31.44 -24.83 -14.40
N VAL A 150 31.10 -24.39 -13.18
CA VAL A 150 31.16 -25.23 -11.98
C VAL A 150 29.86 -25.13 -11.20
N ALA A 151 29.68 -26.08 -10.28
CA ALA A 151 28.43 -26.25 -9.53
C ALA A 151 28.45 -25.51 -8.19
N ALA A 152 27.38 -24.81 -7.90
CA ALA A 152 27.16 -24.13 -6.63
C ALA A 152 25.89 -24.65 -5.97
N TYR A 153 25.87 -24.63 -4.64
CA TYR A 153 24.83 -25.30 -3.87
C TYR A 153 24.21 -24.34 -2.87
N PRO A 154 23.18 -23.59 -3.28
CA PRO A 154 22.55 -22.61 -2.37
C PRO A 154 22.07 -23.21 -1.07
N GLU A 155 21.75 -24.50 -1.04
CA GLU A 155 21.27 -25.15 0.17
C GLU A 155 22.30 -26.14 0.70
N VAL A 156 23.58 -25.86 0.43
CA VAL A 156 24.77 -26.58 0.85
C VAL A 156 24.84 -27.98 0.26
N HIS A 157 25.99 -28.35 -0.30
CA HIS A 157 26.15 -29.70 -0.83
C HIS A 157 26.07 -30.71 0.30
N PRO A 158 25.29 -31.79 0.17
CA PRO A 158 25.01 -32.72 1.28
C PRO A 158 26.23 -33.23 2.04
N GLU A 159 27.39 -33.21 1.40
CA GLU A 159 28.62 -33.72 1.99
C GLU A 159 29.51 -32.65 2.60
N ALA A 160 29.13 -31.38 2.51
CA ALA A 160 29.93 -30.33 3.11
C ALA A 160 29.82 -30.39 4.63
N LYS A 161 30.90 -30.03 5.31
CA LYS A 161 30.82 -29.95 6.76
C LYS A 161 29.94 -28.79 7.19
N SER A 162 29.86 -27.73 6.39
CA SER A 162 29.18 -26.50 6.78
C SER A 162 28.93 -25.63 5.55
N ALA A 163 27.98 -24.71 5.69
CA ALA A 163 27.72 -23.74 4.63
C ALA A 163 28.96 -22.92 4.30
N GLN A 164 29.64 -22.40 5.32
CA GLN A 164 30.80 -21.57 5.04
C GLN A 164 31.89 -22.36 4.33
N ALA A 165 32.03 -23.65 4.64
CA ALA A 165 33.06 -24.46 4.00
C ALA A 165 32.70 -24.78 2.55
N ASP A 166 31.43 -25.10 2.29
CA ASP A 166 31.01 -25.29 0.91
C ASP A 166 31.18 -24.02 0.10
N LEU A 167 31.10 -22.85 0.77
CA LEU A 167 31.29 -21.60 0.06
C LEU A 167 32.77 -21.37 -0.24
N ILE A 168 33.61 -21.55 0.77
CA ILE A 168 35.06 -21.52 0.55
C ILE A 168 35.44 -22.43 -0.61
N ASN A 169 34.78 -23.59 -0.69
CA ASN A 169 35.08 -24.52 -1.77
C ASN A 169 34.76 -23.90 -3.13
N LEU A 170 33.58 -23.34 -3.27
CA LEU A 170 33.19 -22.73 -4.54
C LEU A 170 34.17 -21.63 -4.96
N LYS A 171 34.68 -20.85 -4.00
CA LYS A 171 35.68 -19.85 -4.32
C LYS A 171 37.00 -20.50 -4.73
N ARG A 172 37.29 -21.69 -4.20
CA ARG A 172 38.48 -22.43 -4.61
C ARG A 172 38.39 -22.81 -6.09
N LYS A 173 37.20 -23.21 -6.55
CA LYS A 173 37.07 -23.61 -7.95
C LYS A 173 37.19 -22.42 -8.89
N ILE A 174 36.73 -21.24 -8.45
CA ILE A 174 36.91 -20.04 -9.26
C ILE A 174 38.39 -19.70 -9.36
N ASP A 175 39.09 -19.69 -8.24
CA ASP A 175 40.50 -19.34 -8.25
C ASP A 175 41.33 -20.38 -8.99
N ALA A 176 40.84 -21.61 -9.09
CA ALA A 176 41.51 -22.66 -9.84
C ALA A 176 41.39 -22.51 -11.34
N GLY A 177 40.58 -21.58 -11.84
CA GLY A 177 40.50 -21.39 -13.28
C GLY A 177 39.12 -21.36 -13.89
N ALA A 178 38.08 -21.60 -13.08
CA ALA A 178 36.71 -21.53 -13.59
C ALA A 178 36.23 -20.08 -13.69
N ASN A 179 35.26 -19.84 -14.58
CA ASN A 179 34.70 -18.50 -14.70
C ASN A 179 33.18 -18.50 -14.89
N HIS A 180 32.49 -19.61 -14.60
CA HIS A 180 31.05 -19.70 -14.72
C HIS A 180 30.51 -20.54 -13.57
N VAL A 181 29.40 -20.09 -12.97
CA VAL A 181 28.79 -20.73 -11.81
C VAL A 181 27.33 -21.05 -12.14
N ILE A 182 26.91 -22.30 -11.86
CA ILE A 182 25.57 -22.80 -12.16
C ILE A 182 25.04 -23.52 -10.92
N THR A 183 23.85 -23.13 -10.46
CA THR A 183 23.33 -23.69 -9.20
C THR A 183 22.57 -24.98 -9.42
N GLN A 184 22.67 -25.87 -8.41
CA GLN A 184 21.72 -26.95 -8.24
C GLN A 184 20.31 -26.36 -8.26
N PHE A 185 19.28 -27.15 -8.60
CA PHE A 185 17.97 -26.51 -8.66
C PHE A 185 17.51 -26.17 -7.23
N PHE A 186 16.55 -25.24 -7.14
CA PHE A 186 16.07 -24.81 -5.83
C PHE A 186 14.63 -24.30 -5.92
N PHE A 187 13.96 -24.25 -4.76
CA PHE A 187 12.65 -23.63 -4.68
C PHE A 187 12.51 -22.57 -3.61
N ASP A 188 13.45 -22.48 -2.65
CA ASP A 188 13.47 -21.36 -1.71
C ASP A 188 14.26 -20.23 -2.36
N ILE A 189 13.54 -19.27 -2.94
CA ILE A 189 14.22 -18.24 -3.68
C ILE A 189 14.91 -17.24 -2.75
N GLU A 190 14.27 -16.90 -1.63
CA GLU A 190 14.90 -16.00 -0.68
C GLU A 190 16.25 -16.56 -0.20
N ASN A 191 16.33 -17.87 -0.01
CA ASN A 191 17.62 -18.45 0.37
C ASN A 191 18.62 -18.36 -0.79
N TYR A 192 18.18 -18.57 -2.03
CA TYR A 192 19.12 -18.38 -3.14
C TYR A 192 19.65 -16.94 -3.14
N LEU A 193 18.75 -15.96 -2.95
CA LEU A 193 19.17 -14.58 -2.98
C LEU A 193 20.19 -14.26 -1.87
N ARG A 194 19.96 -14.80 -0.66
CA ARG A 194 20.92 -14.63 0.42
C ARG A 194 22.24 -15.33 0.11
N PHE A 195 22.17 -16.46 -0.60
CA PHE A 195 23.40 -17.14 -1.00
C PHE A 195 24.21 -16.28 -1.98
N ARG A 196 23.54 -15.78 -3.04
CA ARG A 196 24.21 -14.89 -3.98
C ARG A 196 24.83 -13.67 -3.30
N ASP A 197 24.23 -13.16 -2.21
CA ASP A 197 24.87 -12.08 -1.44
C ASP A 197 26.20 -12.54 -0.83
N ARG A 198 26.24 -13.74 -0.24
CA ARG A 198 27.45 -14.23 0.39
C ARG A 198 28.58 -14.43 -0.64
N CYS A 199 28.24 -14.98 -1.82
CA CYS A 199 29.21 -15.12 -2.91
C CYS A 199 29.81 -13.77 -3.26
N ALA A 200 28.98 -12.76 -3.45
CA ALA A 200 29.46 -11.39 -3.61
C ALA A 200 30.44 -11.00 -2.50
N SER A 201 30.08 -11.27 -1.23
CA SER A 201 30.95 -10.84 -0.14
C SER A 201 32.30 -11.52 -0.20
N ILE A 202 32.31 -12.84 -0.40
CA ILE A 202 33.53 -13.64 -0.33
C ILE A 202 34.33 -13.44 -1.62
N GLY A 203 33.75 -12.69 -2.56
CA GLY A 203 34.50 -12.12 -3.68
C GLY A 203 34.47 -12.88 -4.99
N ILE A 204 33.45 -13.72 -5.22
CA ILE A 204 33.25 -14.39 -6.50
C ILE A 204 32.63 -13.40 -7.49
N ASP A 205 33.32 -13.15 -8.60
CA ASP A 205 32.97 -12.08 -9.53
C ASP A 205 32.20 -12.54 -10.78
N THR A 206 31.52 -13.69 -10.74
CA THR A 206 30.60 -14.07 -11.82
C THR A 206 29.18 -14.20 -11.28
N GLU A 207 28.21 -14.16 -12.19
CA GLU A 207 26.85 -14.45 -11.79
C GLU A 207 26.77 -15.83 -11.12
N ILE A 208 25.94 -15.94 -10.09
CA ILE A 208 25.62 -17.24 -9.49
C ILE A 208 24.34 -17.68 -10.19
N VAL A 209 24.52 -18.28 -11.37
CA VAL A 209 23.45 -18.51 -12.33
C VAL A 209 22.47 -19.58 -11.87
N PRO A 210 21.17 -19.25 -11.82
CA PRO A 210 20.17 -20.20 -11.31
C PRO A 210 19.93 -21.35 -12.28
N GLY A 211 19.95 -22.57 -11.74
CA GLY A 211 19.49 -23.73 -12.47
C GLY A 211 17.99 -23.86 -12.27
N ILE A 212 17.21 -23.52 -13.29
CA ILE A 212 15.77 -23.60 -13.25
C ILE A 212 15.37 -25.01 -13.66
N LEU A 213 14.58 -25.67 -12.82
CA LEU A 213 14.09 -27.01 -13.14
C LEU A 213 12.58 -26.96 -13.22
N PRO A 214 11.98 -26.92 -14.41
CA PRO A 214 10.53 -26.93 -14.49
C PRO A 214 9.99 -28.25 -14.01
N VAL A 215 8.95 -28.17 -13.19
CA VAL A 215 8.42 -29.33 -12.46
C VAL A 215 7.30 -29.94 -13.28
N THR A 216 7.65 -30.73 -14.27
CA THR A 216 6.63 -31.37 -15.11
C THR A 216 6.15 -32.69 -14.54
N ASN A 217 6.87 -33.26 -13.59
CA ASN A 217 6.50 -34.55 -13.00
C ASN A 217 6.99 -34.59 -11.55
N PHE A 218 6.05 -34.65 -10.61
CA PHE A 218 6.43 -34.50 -9.21
C PHE A 218 7.00 -35.77 -8.60
N LYS A 219 6.64 -36.94 -9.14
CA LYS A 219 7.30 -38.17 -8.71
C LYS A 219 8.78 -38.16 -9.11
N GLN A 220 9.07 -37.82 -10.37
CA GLN A 220 10.45 -37.68 -10.80
C GLN A 220 11.20 -36.65 -9.94
N LEU A 221 10.57 -35.51 -9.66
CA LEU A 221 11.23 -34.50 -8.81
C LEU A 221 11.49 -35.06 -7.41
N GLN A 222 10.59 -35.86 -6.88
CA GLN A 222 10.82 -36.44 -5.55
C GLN A 222 12.08 -37.29 -5.56
N LYS A 223 12.33 -37.99 -6.67
CA LYS A 223 13.50 -38.84 -6.80
C LYS A 223 14.79 -38.00 -6.89
N MET A 224 14.86 -37.09 -7.87
CA MET A 224 16.02 -36.23 -8.00
C MET A 224 16.36 -35.51 -6.69
N ALA A 225 15.34 -35.14 -5.91
CA ALA A 225 15.57 -34.25 -4.77
C ALA A 225 15.99 -34.98 -3.51
N SER A 226 15.84 -36.31 -3.45
CA SER A 226 16.27 -37.03 -2.25
C SER A 226 17.79 -37.14 -2.21
N PHE A 227 18.42 -37.50 -3.33
CA PHE A 227 19.87 -37.55 -3.39
C PHE A 227 20.50 -36.22 -2.95
N THR A 228 19.83 -35.11 -3.21
CA THR A 228 20.52 -33.84 -3.36
C THR A 228 20.48 -32.91 -2.16
N ASN A 229 19.77 -33.24 -1.08
CA ASN A 229 19.63 -32.31 0.06
C ASN A 229 18.96 -31.00 -0.37
N VAL A 230 18.10 -31.05 -1.40
CA VAL A 230 17.33 -29.89 -1.82
C VAL A 230 15.92 -30.03 -1.24
N LYS A 231 15.40 -28.93 -0.72
CA LYS A 231 14.15 -28.97 0.03
C LYS A 231 12.96 -28.68 -0.88
N ILE A 232 11.92 -29.48 -0.70
CA ILE A 232 10.65 -29.32 -1.41
C ILE A 232 9.69 -28.59 -0.47
N PRO A 233 9.31 -27.36 -0.77
CA PRO A 233 8.35 -26.63 0.07
C PRO A 233 7.02 -27.36 0.22
N ALA A 234 6.47 -27.28 1.43
CA ALA A 234 5.13 -27.77 1.71
C ALA A 234 4.13 -27.33 0.66
N TRP A 235 4.20 -26.06 0.24
CA TRP A 235 3.25 -25.59 -0.77
C TRP A 235 3.49 -26.28 -2.11
N LEU A 236 4.73 -26.68 -2.39
CA LEU A 236 5.00 -27.36 -3.66
C LEU A 236 4.40 -28.76 -3.66
N VAL A 237 4.58 -29.50 -2.58
CA VAL A 237 3.88 -30.79 -2.41
C VAL A 237 2.38 -30.63 -2.59
N LYS A 238 1.78 -29.64 -1.93
CA LYS A 238 0.34 -29.39 -2.04
C LYS A 238 -0.06 -29.11 -3.48
N ALA A 239 0.73 -28.30 -4.18
CA ALA A 239 0.42 -27.93 -5.54
C ALA A 239 0.48 -29.11 -6.50
N TYR A 240 0.98 -30.26 -6.06
CA TYR A 240 1.04 -31.41 -6.94
C TYR A 240 0.26 -32.59 -6.41
N ASP A 241 -0.29 -32.48 -5.20
CA ASP A 241 -1.15 -33.52 -4.66
C ASP A 241 -2.28 -33.83 -5.64
N GLY A 242 -2.47 -35.13 -5.90
CA GLY A 242 -3.55 -35.59 -6.74
C GLY A 242 -3.34 -35.46 -8.23
N LEU A 243 -2.15 -35.05 -8.69
CA LEU A 243 -1.92 -34.85 -10.12
C LEU A 243 -1.04 -35.92 -10.76
N ASP A 244 -0.93 -37.10 -10.13
CA ASP A 244 -0.05 -38.15 -10.66
C ASP A 244 -0.40 -38.52 -12.10
N ASN A 245 -1.69 -38.54 -12.44
CA ASN A 245 -2.14 -38.91 -13.77
C ASN A 245 -2.64 -37.73 -14.59
N ASP A 246 -2.31 -36.48 -14.20
CA ASP A 246 -2.80 -35.29 -14.91
C ASP A 246 -1.64 -34.49 -15.47
N PRO A 247 -1.02 -34.98 -16.56
CA PRO A 247 0.10 -34.22 -17.15
C PRO A 247 -0.30 -32.82 -17.55
N THR A 248 -1.50 -32.66 -18.08
CA THR A 248 -1.94 -31.34 -18.49
C THR A 248 -1.95 -30.37 -17.33
N THR A 249 -2.53 -30.76 -16.19
CA THR A 249 -2.56 -29.83 -15.08
C THR A 249 -1.16 -29.59 -14.54
N ARG A 250 -0.30 -30.61 -14.57
CA ARG A 250 1.07 -30.47 -14.08
C ARG A 250 1.87 -29.45 -14.90
N ASN A 251 1.73 -29.48 -16.23
CA ASN A 251 2.45 -28.50 -17.04
C ASN A 251 1.97 -27.08 -16.72
N LEU A 252 0.65 -26.89 -16.56
CA LEU A 252 0.14 -25.55 -16.23
C LEU A 252 0.60 -25.11 -14.83
N VAL A 253 0.51 -26.00 -13.84
CA VAL A 253 1.02 -25.69 -12.51
C VAL A 253 2.50 -25.36 -12.58
N ALA A 254 3.26 -26.13 -13.39
CA ALA A 254 4.71 -25.93 -13.49
C ALA A 254 5.04 -24.58 -14.11
N ALA A 255 4.25 -24.17 -15.09
CA ALA A 255 4.43 -22.85 -15.70
C ALA A 255 4.33 -21.75 -14.65
N SER A 256 3.28 -21.75 -13.84
CA SER A 256 3.13 -20.69 -12.85
C SER A 256 4.25 -20.72 -11.81
N VAL A 257 4.73 -21.91 -11.44
CA VAL A 257 5.79 -22.00 -10.44
C VAL A 257 7.07 -21.43 -11.00
N ALA A 258 7.45 -21.86 -12.21
CA ALA A 258 8.70 -21.41 -12.80
C ALA A 258 8.67 -19.92 -13.10
N MET A 259 7.57 -19.40 -13.66
CA MET A 259 7.61 -18.01 -14.07
C MET A 259 7.49 -17.03 -12.89
N ASP A 260 6.93 -17.45 -11.75
CA ASP A 260 7.07 -16.61 -10.56
C ASP A 260 8.53 -16.55 -10.14
N MET A 261 9.16 -17.71 -10.04
CA MET A 261 10.54 -17.78 -9.61
C MET A 261 11.43 -16.92 -10.51
N VAL A 262 11.22 -17.02 -11.82
CA VAL A 262 12.07 -16.36 -12.80
C VAL A 262 11.78 -14.86 -12.85
N LYS A 263 10.51 -14.45 -12.65
CA LYS A 263 10.16 -13.04 -12.61
C LYS A 263 10.83 -12.36 -11.43
N ILE A 264 10.85 -13.03 -10.27
CA ILE A 264 11.44 -12.43 -9.08
C ILE A 264 12.94 -12.36 -9.21
N LEU A 265 13.56 -13.46 -9.67
CA LEU A 265 15.00 -13.47 -9.90
C LEU A 265 15.40 -12.39 -10.89
N SER A 266 14.61 -12.26 -11.96
CA SER A 266 14.87 -11.22 -12.96
C SER A 266 14.74 -9.82 -12.35
N ARG A 267 13.73 -9.62 -11.51
CA ARG A 267 13.60 -8.33 -10.84
C ARG A 267 14.77 -8.04 -9.90
N GLU A 268 15.37 -9.09 -9.31
CA GLU A 268 16.45 -8.81 -8.37
C GLU A 268 17.80 -8.63 -9.06
N GLY A 269 17.81 -8.70 -10.40
CA GLY A 269 18.97 -8.35 -11.20
C GLY A 269 19.66 -9.52 -11.86
N VAL A 270 19.14 -10.73 -11.70
CA VAL A 270 19.69 -11.94 -12.30
C VAL A 270 19.27 -11.99 -13.77
N ASN A 271 20.24 -11.80 -14.68
CA ASN A 271 19.98 -11.84 -16.12
C ASN A 271 20.52 -13.10 -16.79
N ASP A 272 20.79 -14.14 -16.02
CA ASP A 272 21.39 -15.37 -16.55
C ASP A 272 20.62 -16.56 -16.00
N PHE A 273 20.09 -17.39 -16.89
CA PHE A 273 19.34 -18.56 -16.50
C PHE A 273 19.85 -19.78 -17.23
N HIS A 274 19.90 -20.91 -16.51
CA HIS A 274 20.28 -22.21 -17.04
C HIS A 274 19.12 -23.17 -16.81
N PHE A 275 18.59 -23.77 -17.87
CA PHE A 275 17.37 -24.57 -17.79
C PHE A 275 17.72 -26.05 -17.85
N TYR A 276 17.30 -26.77 -16.82
CA TYR A 276 17.30 -28.24 -16.80
C TYR A 276 16.08 -28.70 -17.58
N THR A 277 16.25 -28.75 -18.90
CA THR A 277 15.14 -29.05 -19.81
C THR A 277 14.64 -30.48 -19.65
N LEU A 278 15.43 -31.38 -19.08
CA LEU A 278 15.09 -32.80 -19.01
C LEU A 278 14.73 -33.36 -20.40
N ASN A 279 15.28 -32.72 -21.42
CA ASN A 279 15.15 -33.05 -22.84
C ASN A 279 13.82 -32.65 -23.44
N ARG A 280 12.95 -31.98 -22.68
CA ARG A 280 11.69 -31.48 -23.20
C ARG A 280 11.77 -29.97 -23.33
N SER A 281 11.11 -29.42 -24.36
CA SER A 281 11.23 -28.00 -24.68
C SER A 281 10.02 -27.15 -24.30
N GLU A 282 8.89 -27.75 -23.91
CA GLU A 282 7.65 -26.99 -23.76
C GLU A 282 7.79 -25.89 -22.71
N LEU A 283 8.21 -26.26 -21.49
CA LEU A 283 8.26 -25.28 -20.41
C LEU A 283 9.38 -24.27 -20.64
N THR A 284 10.56 -24.75 -21.04
CA THR A 284 11.68 -23.84 -21.25
C THR A 284 11.38 -22.80 -22.32
N TYR A 285 10.80 -23.21 -23.47
CA TYR A 285 10.47 -22.24 -24.51
C TYR A 285 9.49 -21.18 -24.00
N ALA A 286 8.47 -21.62 -23.24
CA ALA A 286 7.51 -20.70 -22.63
C ALA A 286 8.18 -19.78 -21.61
N ILE A 287 9.00 -20.34 -20.72
CA ILE A 287 9.65 -19.52 -19.71
C ILE A 287 10.56 -18.49 -20.35
N CYS A 288 11.33 -18.90 -21.37
CA CYS A 288 12.17 -17.94 -22.08
C CYS A 288 11.31 -16.90 -22.77
N HIS A 289 10.18 -17.32 -23.36
CA HIS A 289 9.35 -16.37 -24.08
C HIS A 289 8.94 -15.22 -23.17
N MET A 290 8.52 -15.55 -21.95
CA MET A 290 8.07 -14.55 -21.01
C MET A 290 9.21 -13.67 -20.54
N LEU A 291 10.44 -14.19 -20.48
CA LEU A 291 11.57 -13.36 -20.09
C LEU A 291 11.92 -12.32 -21.15
N GLY A 292 11.45 -12.49 -22.37
CA GLY A 292 11.88 -11.66 -23.49
C GLY A 292 12.86 -12.35 -24.42
N VAL A 293 13.11 -13.64 -24.21
CA VAL A 293 14.00 -14.41 -25.04
C VAL A 293 13.17 -15.01 -26.18
N ARG A 294 13.29 -14.46 -27.38
CA ARG A 294 12.39 -14.85 -28.46
C ARG A 294 13.07 -14.91 -29.81
N PRO A 295 12.59 -15.77 -30.72
CA PRO A 295 13.15 -15.80 -32.08
C PRO A 295 12.99 -14.47 -32.81
N LYS B 23 -11.24 8.31 -21.71
CA LYS B 23 -11.42 9.69 -22.16
C LYS B 23 -11.67 10.66 -21.00
N ILE B 24 -10.88 11.73 -20.97
CA ILE B 24 -10.85 12.67 -19.86
C ILE B 24 -11.48 13.98 -20.34
N ASN B 25 -12.26 14.60 -19.47
CA ASN B 25 -12.90 15.88 -19.75
C ASN B 25 -12.38 16.92 -18.78
N VAL B 26 -11.96 18.06 -19.30
CA VAL B 26 -11.52 19.18 -18.47
C VAL B 26 -12.36 20.40 -18.82
N SER B 27 -12.70 21.18 -17.80
CA SER B 27 -13.26 22.51 -17.98
C SER B 27 -12.37 23.52 -17.29
N PHE B 28 -12.34 24.75 -17.78
CA PHE B 28 -11.53 25.84 -17.25
C PHE B 28 -12.43 26.98 -16.79
N GLU B 29 -12.05 27.62 -15.67
CA GLU B 29 -12.81 28.71 -15.08
C GLU B 29 -11.97 29.99 -15.09
N PHE B 30 -12.44 30.99 -15.84
CA PHE B 30 -11.84 32.32 -15.87
C PHE B 30 -12.72 33.32 -15.15
N PHE B 31 -12.14 34.47 -14.81
CA PHE B 31 -12.90 35.59 -14.26
C PHE B 31 -12.67 36.85 -15.08
N PRO B 32 -13.62 37.79 -15.05
CA PRO B 32 -13.44 39.05 -15.81
C PRO B 32 -12.28 39.87 -15.28
N PRO B 33 -11.47 40.45 -16.17
CA PRO B 33 -10.34 41.27 -15.72
C PRO B 33 -10.75 42.70 -15.47
N LYS B 34 -9.81 43.46 -14.91
CA LYS B 34 -10.02 44.86 -14.58
C LYS B 34 -9.40 45.82 -15.59
N ASN B 35 -8.40 45.38 -16.34
CA ASN B 35 -7.57 46.24 -17.18
C ASN B 35 -7.56 45.73 -18.62
N GLU B 36 -7.14 46.62 -19.53
CA GLU B 36 -6.83 46.18 -20.88
C GLU B 36 -5.60 45.29 -20.91
N LYS B 37 -4.68 45.51 -19.95
CA LYS B 37 -3.55 44.59 -19.76
C LYS B 37 -4.03 43.21 -19.33
N MET B 38 -4.89 43.17 -18.30
CA MET B 38 -5.32 41.88 -17.75
C MET B 38 -6.22 41.11 -18.70
N GLU B 39 -6.88 41.78 -19.64
CA GLU B 39 -7.67 41.06 -20.62
C GLU B 39 -6.78 40.32 -21.60
N THR B 40 -5.73 41.01 -22.11
CA THR B 40 -4.76 40.37 -23.00
C THR B 40 -4.18 39.09 -22.38
N LEU B 41 -3.89 39.12 -21.07
CA LEU B 41 -3.36 37.94 -20.43
C LEU B 41 -4.41 36.83 -20.31
N LEU B 42 -5.69 37.19 -20.15
CA LEU B 42 -6.74 36.17 -20.08
C LEU B 42 -6.93 35.48 -21.42
N TRP B 43 -6.88 36.25 -22.51
CA TRP B 43 -7.03 35.66 -23.84
C TRP B 43 -5.76 34.97 -24.29
N ASP B 44 -4.59 35.44 -23.84
CA ASP B 44 -3.40 34.61 -23.94
C ASP B 44 -3.69 33.23 -23.34
N SER B 45 -4.24 33.21 -22.12
CA SER B 45 -4.56 31.92 -21.49
C SER B 45 -5.67 31.18 -22.23
N ILE B 46 -6.67 31.90 -22.74
CA ILE B 46 -7.77 31.26 -23.44
C ILE B 46 -7.26 30.55 -24.69
N HIS B 47 -6.44 31.23 -25.49
CA HIS B 47 -5.96 30.64 -26.74
C HIS B 47 -4.96 29.52 -26.48
N ARG B 48 -4.12 29.66 -25.45
CA ARG B 48 -3.22 28.58 -25.10
C ARG B 48 -4.00 27.35 -24.61
N LEU B 49 -4.98 27.56 -23.75
CA LEU B 49 -5.81 26.46 -23.25
C LEU B 49 -6.79 25.92 -24.27
N LYS B 50 -7.20 26.72 -25.28
CA LYS B 50 -8.22 26.27 -26.23
C LYS B 50 -7.81 24.99 -26.95
N VAL B 51 -6.52 24.82 -27.25
CA VAL B 51 -6.07 23.68 -28.05
C VAL B 51 -6.21 22.35 -27.29
N LEU B 52 -6.44 22.41 -25.98
CA LEU B 52 -6.75 21.22 -25.17
C LEU B 52 -8.19 20.77 -25.34
N LYS B 53 -8.96 21.45 -26.20
CA LYS B 53 -10.32 21.05 -26.55
C LYS B 53 -11.15 20.75 -25.31
N PRO B 54 -11.31 21.72 -24.41
CA PRO B 54 -12.07 21.46 -23.17
C PRO B 54 -13.55 21.31 -23.41
N LYS B 55 -14.18 20.44 -22.61
CA LYS B 55 -15.64 20.29 -22.59
C LYS B 55 -16.36 21.64 -22.56
N PHE B 56 -15.99 22.54 -21.65
CA PHE B 56 -16.51 23.90 -21.66
C PHE B 56 -15.57 24.81 -20.86
N VAL B 57 -15.66 26.10 -21.12
CA VAL B 57 -15.03 27.11 -20.28
C VAL B 57 -16.11 27.86 -19.53
N SER B 58 -15.77 28.39 -18.36
CA SER B 58 -16.74 29.11 -17.55
C SER B 58 -16.14 30.43 -17.07
N VAL B 59 -17.01 31.41 -16.86
CA VAL B 59 -16.64 32.78 -16.47
C VAL B 59 -17.46 33.18 -15.24
N THR B 60 -16.79 33.68 -14.20
CA THR B 60 -17.45 34.10 -12.97
C THR B 60 -18.37 35.31 -13.19
N TYR B 61 -19.38 35.42 -12.32
CA TYR B 61 -20.44 36.45 -12.36
C TYR B 61 -20.35 37.35 -11.13
N SER B 65 -23.12 42.37 -8.47
CA SER B 65 -21.83 43.03 -8.27
C SER B 65 -21.48 44.04 -9.38
N GLY B 66 -22.34 44.16 -10.40
CA GLY B 66 -22.21 45.22 -11.39
C GLY B 66 -21.44 44.91 -12.65
N GLU B 67 -20.34 44.16 -12.54
CA GLU B 67 -19.46 43.81 -13.64
C GLU B 67 -19.95 42.60 -14.44
N ARG B 68 -21.25 42.34 -14.39
CA ARG B 68 -21.83 41.21 -15.09
C ARG B 68 -21.93 41.45 -16.58
N ASP B 69 -21.96 42.72 -17.01
CA ASP B 69 -21.89 43.03 -18.44
C ASP B 69 -20.58 42.53 -19.04
N ARG B 70 -19.52 42.47 -18.24
CA ARG B 70 -18.29 41.83 -18.70
C ARG B 70 -18.47 40.32 -18.82
N THR B 71 -19.13 39.71 -17.83
CA THR B 71 -19.35 38.27 -17.87
C THR B 71 -20.05 37.86 -19.16
N HIS B 72 -21.10 38.60 -19.53
CA HIS B 72 -21.83 38.30 -20.76
C HIS B 72 -20.94 38.50 -21.98
N GLY B 73 -20.26 39.64 -22.07
CA GLY B 73 -19.45 39.92 -23.24
C GLY B 73 -18.28 38.97 -23.40
N ILE B 74 -17.77 38.43 -22.30
CA ILE B 74 -16.67 37.49 -22.38
C ILE B 74 -17.15 36.15 -22.89
N VAL B 75 -18.34 35.73 -22.45
CA VAL B 75 -18.89 34.46 -22.90
C VAL B 75 -19.14 34.50 -24.41
N LYS B 76 -19.74 35.58 -24.89
CA LYS B 76 -20.03 35.70 -26.31
C LYS B 76 -18.75 35.78 -27.13
N ALA B 77 -17.74 36.48 -26.61
CA ALA B 77 -16.47 36.62 -27.32
C ALA B 77 -15.76 35.28 -27.45
N ILE B 78 -15.81 34.45 -26.41
CA ILE B 78 -15.17 33.14 -26.46
C ILE B 78 -15.83 32.24 -27.50
N LYS B 79 -17.17 32.24 -27.57
CA LYS B 79 -17.84 31.39 -28.54
C LYS B 79 -17.52 31.79 -29.98
N GLN B 80 -17.39 33.09 -30.23
CA GLN B 80 -17.18 33.56 -31.59
C GLN B 80 -15.77 33.26 -32.06
N GLU B 81 -14.77 33.66 -31.27
CA GLU B 81 -13.39 33.60 -31.71
C GLU B 81 -12.78 32.21 -31.62
N THR B 82 -13.25 31.40 -30.66
CA THR B 82 -12.59 30.15 -30.33
C THR B 82 -13.46 28.91 -30.50
N GLY B 83 -14.75 29.07 -30.80
CA GLY B 83 -15.65 27.96 -30.98
C GLY B 83 -16.00 27.18 -29.72
N LEU B 84 -15.39 27.48 -28.59
CA LEU B 84 -15.61 26.72 -27.36
C LEU B 84 -16.97 27.02 -26.76
N GLU B 85 -17.62 25.98 -26.20
CA GLU B 85 -18.85 26.20 -25.44
C GLU B 85 -18.53 26.89 -24.11
N ALA B 86 -19.04 28.09 -23.92
CA ALA B 86 -18.70 28.91 -22.77
C ALA B 86 -19.92 29.08 -21.88
N ALA B 87 -19.75 28.83 -20.58
CA ALA B 87 -20.83 28.84 -19.61
C ALA B 87 -20.68 30.04 -18.68
N PRO B 88 -21.63 30.96 -18.62
CA PRO B 88 -21.58 32.00 -17.57
C PRO B 88 -22.07 31.47 -16.23
N HIS B 89 -21.39 31.89 -15.15
CA HIS B 89 -21.94 31.69 -13.82
C HIS B 89 -23.09 32.68 -13.63
N LEU B 90 -24.02 32.31 -12.75
CA LEU B 90 -25.18 33.16 -12.52
C LEU B 90 -25.59 33.00 -11.07
N THR B 91 -25.77 34.14 -10.39
CA THR B 91 -26.07 34.13 -8.98
C THR B 91 -27.47 34.70 -8.76
N GLY B 92 -28.10 34.30 -7.64
CA GLY B 92 -29.52 34.51 -7.49
C GLY B 92 -30.02 35.41 -6.38
N ILE B 93 -29.20 35.75 -5.38
CA ILE B 93 -29.67 36.42 -4.16
C ILE B 93 -29.55 37.95 -4.30
N ASP B 94 -29.41 38.43 -5.54
CA ASP B 94 -29.07 39.82 -5.83
C ASP B 94 -29.90 40.41 -6.96
N ALA B 95 -30.97 39.74 -7.40
CA ALA B 95 -31.85 40.25 -8.45
C ALA B 95 -33.20 39.54 -8.32
N THR B 96 -34.25 40.21 -8.84
CA THR B 96 -35.61 39.70 -8.65
C THR B 96 -35.83 38.46 -9.51
N PRO B 97 -36.66 37.51 -9.03
CA PRO B 97 -36.85 36.27 -9.78
C PRO B 97 -37.55 36.48 -11.10
N GLU B 98 -37.81 37.73 -11.46
CA GLU B 98 -38.39 38.03 -12.77
C GLU B 98 -37.34 38.52 -13.76
N GLU B 99 -36.39 39.35 -13.33
CA GLU B 99 -35.34 39.75 -14.25
C GLU B 99 -34.35 38.62 -14.52
N LEU B 100 -34.20 37.68 -13.57
CA LEU B 100 -33.38 36.50 -13.82
C LEU B 100 -33.97 35.66 -14.95
N LYS B 101 -35.31 35.58 -15.02
CA LYS B 101 -35.93 34.82 -16.11
C LYS B 101 -35.58 35.43 -17.46
N GLN B 102 -35.41 36.74 -17.53
CA GLN B 102 -35.02 37.35 -18.78
C GLN B 102 -33.50 37.47 -18.91
N ILE B 103 -32.78 37.55 -17.78
CA ILE B 103 -31.33 37.31 -17.84
C ILE B 103 -31.08 35.97 -18.52
N ALA B 104 -31.93 34.99 -18.20
CA ALA B 104 -31.82 33.66 -18.79
C ALA B 104 -32.10 33.71 -20.30
N ARG B 105 -33.25 34.27 -20.69
CA ARG B 105 -33.63 34.28 -22.09
C ARG B 105 -32.62 35.05 -22.95
N ASP B 106 -31.94 36.06 -22.37
CA ASP B 106 -30.86 36.72 -23.10
C ASP B 106 -29.70 35.78 -23.37
N TYR B 107 -29.35 34.96 -22.38
CA TYR B 107 -28.25 34.00 -22.58
C TYR B 107 -28.59 33.00 -23.67
N TRP B 108 -29.84 32.51 -23.71
CA TRP B 108 -30.15 31.41 -24.61
C TRP B 108 -30.29 31.89 -26.06
N ASP B 109 -30.83 33.08 -26.27
CA ASP B 109 -30.85 33.64 -27.62
C ASP B 109 -29.45 33.97 -28.11
N SER B 110 -28.49 34.16 -27.20
CA SER B 110 -27.09 34.30 -27.60
C SER B 110 -26.57 33.02 -28.24
N GLY B 111 -26.65 31.91 -27.52
CA GLY B 111 -26.19 30.63 -28.03
C GLY B 111 -25.70 29.78 -26.86
N ILE B 112 -25.87 30.34 -25.67
CA ILE B 112 -25.40 29.69 -24.44
C ILE B 112 -26.33 28.54 -24.11
N ARG B 113 -25.74 27.38 -23.78
CA ARG B 113 -26.52 26.20 -23.47
C ARG B 113 -26.18 25.59 -22.10
N ARG B 114 -25.21 26.15 -21.36
CA ARG B 114 -24.95 25.77 -19.98
C ARG B 114 -24.76 27.02 -19.12
N ILE B 115 -25.41 27.03 -17.96
CA ILE B 115 -25.28 28.06 -16.93
C ILE B 115 -24.67 27.37 -15.72
N VAL B 116 -23.89 28.10 -14.93
CA VAL B 116 -23.39 27.62 -13.65
C VAL B 116 -24.21 28.35 -12.59
N ALA B 117 -25.25 27.68 -12.08
CA ALA B 117 -26.27 28.30 -11.24
C ALA B 117 -25.87 28.18 -9.78
N LEU B 118 -25.70 29.32 -9.11
CA LEU B 118 -25.26 29.39 -7.73
C LEU B 118 -26.16 30.34 -6.95
N ARG B 119 -26.06 30.28 -5.61
CA ARG B 119 -26.77 31.23 -4.78
C ARG B 119 -26.01 32.56 -4.71
N GLY B 120 -24.71 32.50 -4.39
CA GLY B 120 -23.92 33.66 -4.02
C GLY B 120 -24.01 33.91 -2.52
N ASP B 121 -23.47 35.05 -2.09
CA ASP B 121 -23.56 35.47 -0.69
C ASP B 121 -24.21 36.84 -0.47
N PRO B 130 -35.04 34.52 1.65
CA PRO B 130 -34.39 33.21 1.60
C PRO B 130 -34.51 32.53 0.24
N PHE B 131 -33.47 32.63 -0.59
CA PHE B 131 -33.48 32.18 -1.98
C PHE B 131 -32.26 31.31 -2.24
N TYR B 132 -32.47 30.03 -2.47
CA TYR B 132 -31.36 29.09 -2.63
C TYR B 132 -31.14 28.75 -4.10
N ALA B 133 -29.96 28.16 -4.37
CA ALA B 133 -29.60 27.86 -5.75
C ALA B 133 -30.59 26.91 -6.40
N SER B 134 -31.15 25.97 -5.63
CA SER B 134 -32.19 25.09 -6.17
C SER B 134 -33.32 25.89 -6.81
N ASP B 135 -33.68 27.03 -6.21
CA ASP B 135 -34.68 27.91 -6.81
C ASP B 135 -34.17 28.52 -8.11
N LEU B 136 -32.89 28.90 -8.15
CA LEU B 136 -32.35 29.45 -9.39
C LEU B 136 -32.33 28.38 -10.48
N VAL B 137 -32.20 27.10 -10.10
CA VAL B 137 -32.19 26.02 -11.06
C VAL B 137 -33.60 25.79 -11.62
N GLU B 138 -34.62 25.75 -10.75
CA GLU B 138 -36.00 25.62 -11.21
C GLU B 138 -36.36 26.75 -12.17
N LEU B 139 -36.04 27.99 -11.78
CA LEU B 139 -36.34 29.15 -12.63
C LEU B 139 -35.74 28.99 -14.02
N LEU B 140 -34.44 28.64 -14.08
CA LEU B 140 -33.77 28.51 -15.37
C LEU B 140 -34.40 27.40 -16.19
N ARG B 141 -34.66 26.24 -15.55
CA ARG B 141 -35.28 25.12 -16.24
C ARG B 141 -36.67 25.43 -16.77
N SER B 142 -37.30 26.50 -16.26
CA SER B 142 -38.55 26.96 -16.82
C SER B 142 -38.36 27.82 -18.06
N VAL B 143 -37.19 28.45 -18.24
CA VAL B 143 -37.00 29.30 -19.40
C VAL B 143 -36.66 28.48 -20.64
N ALA B 144 -35.70 27.57 -20.52
CA ALA B 144 -35.37 26.71 -21.64
C ALA B 144 -34.70 25.44 -21.12
N ASP B 145 -34.27 24.61 -22.07
CA ASP B 145 -33.64 23.31 -21.79
C ASP B 145 -32.13 23.50 -21.58
N PHE B 146 -31.79 24.16 -20.48
CA PHE B 146 -30.39 24.42 -20.14
C PHE B 146 -29.73 23.22 -19.47
N ASP B 147 -28.40 23.13 -19.65
CA ASP B 147 -27.54 22.34 -18.77
C ASP B 147 -27.10 23.21 -17.62
N ILE B 148 -27.30 22.75 -16.39
CA ILE B 148 -27.01 23.58 -15.24
C ILE B 148 -25.94 22.89 -14.41
N SER B 149 -24.80 23.58 -14.23
CA SER B 149 -23.75 23.15 -13.34
C SER B 149 -24.00 23.71 -11.95
N VAL B 150 -23.75 22.89 -10.94
CA VAL B 150 -24.12 23.23 -9.56
C VAL B 150 -22.93 22.92 -8.65
N ALA B 151 -22.81 23.70 -7.57
CA ALA B 151 -21.73 23.52 -6.60
C ALA B 151 -22.00 22.38 -5.64
N ALA B 152 -20.92 21.73 -5.22
CA ALA B 152 -20.94 20.77 -4.13
C ALA B 152 -19.78 21.09 -3.18
N TYR B 153 -19.94 20.65 -1.93
CA TYR B 153 -19.00 21.02 -0.87
C TYR B 153 -18.61 19.75 -0.12
N PRO B 154 -17.50 19.11 -0.54
CA PRO B 154 -17.07 17.87 0.11
C PRO B 154 -16.82 18.05 1.59
N GLU B 155 -16.42 19.25 2.00
CA GLU B 155 -16.16 19.55 3.39
C GLU B 155 -17.33 20.25 4.07
N VAL B 156 -18.51 20.25 3.43
CA VAL B 156 -19.75 20.88 3.86
C VAL B 156 -19.69 22.40 3.77
N HIS B 157 -20.75 23.00 3.22
CA HIS B 157 -20.83 24.45 3.13
C HIS B 157 -20.92 25.06 4.54
N PRO B 158 -20.27 26.19 4.78
CA PRO B 158 -20.13 26.67 6.17
C PRO B 158 -21.45 27.02 6.86
N GLU B 159 -22.49 27.45 6.16
CA GLU B 159 -23.74 27.84 6.80
C GLU B 159 -24.77 26.72 6.83
N ALA B 160 -24.41 25.52 6.37
CA ALA B 160 -25.37 24.44 6.28
C ALA B 160 -25.69 23.88 7.66
N LYS B 161 -26.96 23.46 7.83
CA LYS B 161 -27.41 22.82 9.06
C LYS B 161 -26.45 21.71 9.49
N SER B 162 -26.18 20.76 8.60
CA SER B 162 -25.40 19.57 8.89
C SER B 162 -24.73 19.08 7.62
N ALA B 163 -23.93 18.02 7.75
CA ALA B 163 -23.48 17.31 6.56
C ALA B 163 -24.64 16.68 5.83
N GLN B 164 -25.61 16.14 6.59
CA GLN B 164 -26.74 15.47 5.98
C GLN B 164 -27.63 16.44 5.20
N ALA B 165 -27.83 17.66 5.73
CA ALA B 165 -28.69 18.61 5.05
C ALA B 165 -28.00 19.19 3.81
N ASP B 166 -26.68 19.39 3.87
CA ASP B 166 -25.94 19.83 2.68
C ASP B 166 -25.95 18.77 1.59
N LEU B 167 -25.81 17.49 1.95
CA LEU B 167 -25.86 16.46 0.92
C LEU B 167 -27.24 16.40 0.28
N ILE B 168 -28.30 16.53 1.10
CA ILE B 168 -29.67 16.55 0.59
C ILE B 168 -29.93 17.78 -0.27
N ASN B 169 -29.34 18.93 0.08
CA ASN B 169 -29.43 20.11 -0.77
C ASN B 169 -28.88 19.83 -2.17
N LEU B 170 -27.72 19.18 -2.25
CA LEU B 170 -27.14 18.86 -3.56
C LEU B 170 -28.07 17.97 -4.38
N LYS B 171 -28.76 17.03 -3.74
CA LYS B 171 -29.74 16.24 -4.50
C LYS B 171 -30.88 17.14 -4.96
N ARG B 172 -31.31 18.09 -4.12
CA ARG B 172 -32.39 19.00 -4.48
C ARG B 172 -32.06 19.77 -5.75
N LYS B 173 -30.83 20.30 -5.85
CA LYS B 173 -30.43 21.00 -7.07
C LYS B 173 -30.40 20.05 -8.26
N ILE B 174 -29.91 18.81 -8.06
CA ILE B 174 -29.94 17.84 -9.15
C ILE B 174 -31.37 17.55 -9.55
N ASP B 175 -32.24 17.36 -8.56
CA ASP B 175 -33.65 17.08 -8.85
C ASP B 175 -34.36 18.32 -9.43
N ALA B 176 -33.97 19.52 -9.00
CA ALA B 176 -34.45 20.73 -9.67
C ALA B 176 -34.07 20.78 -11.15
N GLY B 177 -33.04 20.07 -11.58
CA GLY B 177 -32.75 20.07 -13.00
C GLY B 177 -31.31 20.27 -13.37
N ALA B 178 -30.44 20.49 -12.39
CA ALA B 178 -29.02 20.54 -12.70
C ALA B 178 -28.55 19.13 -13.05
N ASN B 179 -27.62 19.05 -14.00
CA ASN B 179 -27.13 17.76 -14.51
C ASN B 179 -25.62 17.63 -14.44
N HIS B 180 -24.94 18.56 -13.77
CA HIS B 180 -23.48 18.64 -13.72
C HIS B 180 -23.11 19.30 -12.39
N VAL B 181 -22.04 18.79 -11.76
CA VAL B 181 -21.67 19.15 -10.40
C VAL B 181 -20.19 19.45 -10.35
N ILE B 182 -19.83 20.63 -9.86
CA ILE B 182 -18.44 21.03 -9.58
C ILE B 182 -18.31 21.25 -8.08
N THR B 183 -17.18 20.84 -7.52
CA THR B 183 -16.94 20.99 -6.09
C THR B 183 -16.12 22.25 -5.80
N GLN B 184 -16.29 22.77 -4.58
CA GLN B 184 -15.34 23.72 -4.01
C GLN B 184 -13.94 23.13 -4.12
N PHE B 185 -12.90 23.96 -4.06
CA PHE B 185 -11.58 23.35 -4.07
C PHE B 185 -11.31 22.67 -2.73
N PHE B 186 -10.25 21.86 -2.71
CA PHE B 186 -9.96 21.08 -1.53
C PHE B 186 -8.53 20.56 -1.63
N PHE B 187 -8.05 20.05 -0.50
CA PHE B 187 -6.74 19.45 -0.46
C PHE B 187 -6.75 18.11 0.26
N ASP B 188 -7.91 17.66 0.74
CA ASP B 188 -8.08 16.37 1.39
C ASP B 188 -8.69 15.40 0.36
N ILE B 189 -7.83 14.66 -0.33
CA ILE B 189 -8.31 13.73 -1.35
C ILE B 189 -9.25 12.71 -0.74
N GLU B 190 -8.83 12.09 0.36
CA GLU B 190 -9.59 10.94 0.88
C GLU B 190 -11.00 11.34 1.28
N ASN B 191 -11.16 12.59 1.71
CA ASN B 191 -12.48 13.05 2.11
C ASN B 191 -13.36 13.32 0.89
N TYR B 192 -12.80 13.92 -0.16
CA TYR B 192 -13.55 14.07 -1.41
C TYR B 192 -14.01 12.70 -1.92
N LEU B 193 -13.10 11.74 -2.00
CA LEU B 193 -13.45 10.41 -2.50
C LEU B 193 -14.58 9.80 -1.68
N ARG B 194 -14.62 10.10 -0.38
CA ARG B 194 -15.71 9.58 0.43
C ARG B 194 -16.99 10.35 0.20
N PHE B 195 -16.88 11.67 0.01
CA PHE B 195 -18.05 12.44 -0.39
C PHE B 195 -18.62 11.93 -1.72
N ARG B 196 -17.73 11.65 -2.69
CA ARG B 196 -18.18 11.04 -3.94
C ARG B 196 -19.00 9.78 -3.69
N ASP B 197 -18.51 8.90 -2.82
CA ASP B 197 -19.26 7.70 -2.48
C ASP B 197 -20.65 8.03 -1.94
N ARG B 198 -20.75 9.01 -1.04
CA ARG B 198 -22.05 9.34 -0.47
C ARG B 198 -23.01 9.87 -1.55
N CYS B 199 -22.51 10.69 -2.48
CA CYS B 199 -23.37 11.18 -3.55
C CYS B 199 -23.91 10.02 -4.39
N ALA B 200 -23.05 9.04 -4.67
CA ALA B 200 -23.53 7.83 -5.34
C ALA B 200 -24.47 7.05 -4.44
N SER B 201 -24.22 7.06 -3.13
CA SER B 201 -25.06 6.32 -2.23
C SER B 201 -26.50 6.83 -2.20
N ILE B 202 -26.72 8.09 -2.61
CA ILE B 202 -28.06 8.67 -2.58
C ILE B 202 -28.61 8.95 -3.98
N GLY B 203 -27.98 8.42 -5.04
CA GLY B 203 -28.57 8.41 -6.35
C GLY B 203 -28.20 9.53 -7.27
N ILE B 204 -27.29 10.42 -6.89
CA ILE B 204 -26.82 11.47 -7.79
C ILE B 204 -25.97 10.84 -8.90
N ASP B 205 -26.53 10.72 -10.10
CA ASP B 205 -25.90 9.94 -11.15
C ASP B 205 -24.99 10.75 -12.06
N THR B 206 -24.65 11.98 -11.71
CA THR B 206 -23.60 12.66 -12.44
C THR B 206 -22.28 12.50 -11.70
N GLU B 207 -21.18 12.62 -12.43
CA GLU B 207 -19.90 12.73 -11.76
C GLU B 207 -19.90 13.95 -10.85
N ILE B 208 -19.23 13.81 -9.71
CA ILE B 208 -19.00 14.91 -8.78
C ILE B 208 -17.63 15.47 -9.13
N VAL B 209 -17.60 16.40 -10.09
CA VAL B 209 -16.37 16.87 -10.72
C VAL B 209 -15.52 17.71 -9.77
N PRO B 210 -14.30 17.25 -9.47
CA PRO B 210 -13.44 18.00 -8.53
C PRO B 210 -13.01 19.33 -9.11
N GLY B 211 -12.99 20.34 -8.26
CA GLY B 211 -12.48 21.65 -8.60
C GLY B 211 -11.05 21.77 -8.11
N ILE B 212 -10.13 21.97 -9.05
CA ILE B 212 -8.70 21.98 -8.74
C ILE B 212 -8.20 23.41 -8.79
N LEU B 213 -7.62 23.85 -7.69
CA LEU B 213 -7.03 25.18 -7.61
C LEU B 213 -5.52 25.03 -7.52
N PRO B 214 -4.76 25.38 -8.57
CA PRO B 214 -3.30 25.41 -8.42
C PRO B 214 -2.86 26.51 -7.46
N VAL B 215 -2.06 26.13 -6.47
CA VAL B 215 -1.65 27.04 -5.39
C VAL B 215 -0.50 27.92 -5.88
N THR B 216 -0.81 28.92 -6.71
CA THR B 216 0.25 29.78 -7.22
C THR B 216 0.75 30.74 -6.14
N ASN B 217 -0.11 31.19 -5.23
CA ASN B 217 0.24 32.21 -4.24
C ASN B 217 -0.39 31.80 -2.92
N PHE B 218 0.43 31.51 -1.91
CA PHE B 218 -0.12 30.96 -0.67
C PHE B 218 -0.90 32.01 0.10
N LYS B 219 -0.37 33.22 0.19
CA LYS B 219 -1.06 34.26 0.93
C LYS B 219 -2.44 34.53 0.35
N GLN B 220 -2.55 34.56 -0.98
CA GLN B 220 -3.85 34.73 -1.62
C GLN B 220 -4.78 33.58 -1.28
N LEU B 221 -4.28 32.33 -1.34
CA LEU B 221 -5.12 31.18 -1.01
C LEU B 221 -5.49 31.14 0.47
N GLN B 222 -4.63 31.67 1.34
CA GLN B 222 -5.00 31.81 2.73
C GLN B 222 -6.30 32.59 2.87
N LYS B 223 -6.48 33.61 2.02
CA LYS B 223 -7.73 34.38 1.99
C LYS B 223 -8.87 33.60 1.33
N MET B 224 -8.62 33.01 0.16
CA MET B 224 -9.67 32.25 -0.51
C MET B 224 -10.26 31.20 0.43
N ALA B 225 -9.40 30.39 1.07
CA ALA B 225 -9.87 29.38 2.01
C ALA B 225 -10.34 29.96 3.33
N SER B 226 -10.08 31.24 3.57
CA SER B 226 -10.59 31.87 4.77
C SER B 226 -12.10 32.14 4.67
N PHE B 227 -12.56 32.51 3.47
CA PHE B 227 -13.97 32.81 3.28
C PHE B 227 -14.80 31.54 3.09
N THR B 228 -14.18 30.46 2.59
CA THR B 228 -14.90 29.27 2.17
C THR B 228 -14.89 28.14 3.21
N ASN B 229 -14.15 28.28 4.32
CA ASN B 229 -14.06 27.24 5.36
C ASN B 229 -13.49 25.93 4.79
N VAL B 230 -12.56 26.05 3.85
CA VAL B 230 -11.85 24.90 3.32
C VAL B 230 -10.62 24.68 4.18
N LYS B 231 -10.38 23.44 4.58
CA LYS B 231 -9.28 23.18 5.49
C LYS B 231 -7.95 23.10 4.72
N ILE B 232 -6.96 23.85 5.20
CA ILE B 232 -5.62 23.87 4.63
C ILE B 232 -4.76 22.92 5.45
N PRO B 233 -4.24 21.84 4.87
CA PRO B 233 -3.44 20.87 5.64
C PRO B 233 -2.16 21.48 6.20
N ALA B 234 -1.63 20.81 7.23
CA ALA B 234 -0.41 21.29 7.86
C ALA B 234 0.81 21.08 6.99
N TRP B 235 0.83 20.03 6.16
CA TRP B 235 1.95 19.88 5.24
C TRP B 235 1.95 20.98 4.19
N LEU B 236 0.77 21.52 3.85
CA LEU B 236 0.68 22.56 2.83
C LEU B 236 1.17 23.91 3.35
N VAL B 237 0.96 24.19 4.63
CA VAL B 237 1.51 25.44 5.18
C VAL B 237 3.03 25.37 5.17
N LYS B 238 3.60 24.18 5.38
CA LYS B 238 5.07 24.05 5.39
C LYS B 238 5.63 24.12 3.98
N ALA B 239 4.89 23.64 2.98
CA ALA B 239 5.34 23.71 1.60
C ALA B 239 5.62 25.14 1.16
N TYR B 240 4.73 26.08 1.49
CA TYR B 240 4.85 27.47 1.05
C TYR B 240 5.50 28.39 2.07
N ASP B 241 5.95 27.85 3.19
CA ASP B 241 6.63 28.59 4.25
C ASP B 241 7.97 29.14 3.75
N GLY B 242 8.06 30.45 3.57
CA GLY B 242 9.29 31.11 3.19
C GLY B 242 9.36 31.53 1.75
N LEU B 243 8.27 31.35 1.00
CA LEU B 243 8.26 31.56 -0.43
C LEU B 243 7.45 32.80 -0.82
N ASP B 244 7.22 33.70 0.13
CA ASP B 244 6.39 34.87 -0.15
C ASP B 244 6.99 35.73 -1.24
N ASN B 245 8.32 35.79 -1.34
CA ASN B 245 8.99 36.55 -2.38
C ASN B 245 9.79 35.66 -3.32
N ASP B 246 9.27 34.48 -3.66
CA ASP B 246 9.96 33.52 -4.50
C ASP B 246 8.95 32.86 -5.43
N PRO B 247 8.39 33.63 -6.37
CA PRO B 247 7.38 33.06 -7.28
C PRO B 247 7.86 31.83 -8.04
N THR B 248 9.17 31.73 -8.33
CA THR B 248 9.67 30.59 -9.11
C THR B 248 9.61 29.30 -8.30
N THR B 249 9.98 29.33 -7.02
CA THR B 249 9.86 28.13 -6.18
C THR B 249 8.40 27.79 -5.91
N ARG B 250 7.57 28.81 -5.69
CA ARG B 250 6.14 28.60 -5.49
C ARG B 250 5.54 27.79 -6.63
N ASN B 251 5.68 28.27 -7.87
CA ASN B 251 5.09 27.55 -9.00
C ASN B 251 5.58 26.11 -9.08
N LEU B 252 6.87 25.86 -8.78
CA LEU B 252 7.38 24.50 -8.81
C LEU B 252 6.78 23.64 -7.70
N VAL B 253 6.65 24.20 -6.50
CA VAL B 253 5.94 23.49 -5.44
C VAL B 253 4.49 23.27 -5.85
N ALA B 254 3.85 24.30 -6.42
CA ALA B 254 2.46 24.19 -6.85
C ALA B 254 2.26 23.00 -7.76
N ALA B 255 3.09 22.88 -8.80
CA ALA B 255 2.95 21.78 -9.75
C ALA B 255 2.98 20.44 -9.04
N SER B 256 3.96 20.23 -8.16
CA SER B 256 4.10 18.95 -7.49
C SER B 256 2.84 18.62 -6.68
N VAL B 257 2.22 19.61 -6.06
CA VAL B 257 1.03 19.36 -5.24
C VAL B 257 -0.17 19.02 -6.13
N ALA B 258 -0.42 19.84 -7.16
CA ALA B 258 -1.52 19.62 -8.09
C ALA B 258 -1.39 18.29 -8.84
N MET B 259 -0.20 17.99 -9.38
CA MET B 259 -0.05 16.74 -10.12
C MET B 259 -0.21 15.54 -9.20
N ASP B 260 0.23 15.64 -7.95
CA ASP B 260 -0.01 14.58 -6.99
C ASP B 260 -1.51 14.33 -6.82
N MET B 261 -2.29 15.40 -6.65
CA MET B 261 -3.72 15.26 -6.43
C MET B 261 -4.39 14.64 -7.63
N VAL B 262 -4.21 15.26 -8.78
CA VAL B 262 -4.79 14.84 -10.04
C VAL B 262 -4.40 13.41 -10.40
N LYS B 263 -3.11 13.06 -10.24
CA LYS B 263 -2.70 11.67 -10.37
C LYS B 263 -3.56 10.76 -9.50
N ILE B 264 -3.68 11.08 -8.21
CA ILE B 264 -4.39 10.23 -7.29
C ILE B 264 -5.86 10.11 -7.68
N LEU B 265 -6.48 11.25 -8.03
CA LEU B 265 -7.90 11.26 -8.42
C LEU B 265 -8.13 10.43 -9.68
N SER B 266 -7.29 10.62 -10.70
CA SER B 266 -7.41 9.83 -11.93
C SER B 266 -7.30 8.34 -11.65
N ARG B 267 -6.43 7.96 -10.69
CA ARG B 267 -6.32 6.55 -10.38
C ARG B 267 -7.60 5.99 -9.79
N GLU B 268 -8.40 6.82 -9.12
CA GLU B 268 -9.57 6.36 -8.36
C GLU B 268 -10.87 6.39 -9.16
N GLY B 269 -10.78 6.70 -10.45
CA GLY B 269 -11.90 6.64 -11.36
C GLY B 269 -12.31 7.96 -11.95
N VAL B 270 -11.71 9.06 -11.50
CA VAL B 270 -12.24 10.39 -11.77
C VAL B 270 -11.67 10.88 -13.10
N ASN B 271 -12.54 11.07 -14.09
CA ASN B 271 -12.10 11.43 -15.43
C ASN B 271 -12.58 12.80 -15.86
N ASP B 272 -13.10 13.59 -14.93
CA ASP B 272 -13.49 14.97 -15.17
C ASP B 272 -12.74 15.85 -14.18
N PHE B 273 -12.23 16.98 -14.66
CA PHE B 273 -11.57 17.95 -13.77
C PHE B 273 -12.00 19.35 -14.17
N HIS B 274 -12.34 20.17 -13.17
CA HIS B 274 -12.64 21.58 -13.37
C HIS B 274 -11.56 22.43 -12.72
N PHE B 275 -10.91 23.28 -13.52
CA PHE B 275 -9.70 24.00 -13.13
C PHE B 275 -9.96 25.47 -12.80
N TYR B 276 -9.56 25.89 -11.60
CA TYR B 276 -9.68 27.29 -11.19
C TYR B 276 -8.41 28.01 -11.61
N THR B 277 -8.42 28.54 -12.84
CA THR B 277 -7.17 28.99 -13.46
C THR B 277 -6.65 30.29 -12.87
N LEU B 278 -7.53 31.14 -12.33
CA LEU B 278 -7.11 32.49 -11.96
C LEU B 278 -6.53 33.21 -13.17
N ASN B 279 -7.04 32.87 -14.36
CA ASN B 279 -6.65 33.47 -15.64
C ASN B 279 -5.18 33.20 -16.01
N ARG B 280 -4.59 32.14 -15.47
CA ARG B 280 -3.24 31.74 -15.80
C ARG B 280 -3.25 30.37 -16.45
N SER B 281 -2.46 30.21 -17.51
CA SER B 281 -2.42 28.98 -18.30
C SER B 281 -1.32 27.99 -17.89
N GLU B 282 -0.19 28.44 -17.33
CA GLU B 282 1.00 27.59 -17.26
C GLU B 282 0.74 26.32 -16.45
N LEU B 283 0.25 26.48 -15.21
CA LEU B 283 0.04 25.32 -14.34
C LEU B 283 -1.04 24.40 -14.87
N THR B 284 -2.17 24.96 -15.29
CA THR B 284 -3.25 24.13 -15.80
C THR B 284 -2.84 23.39 -17.07
N TYR B 285 -2.12 24.06 -17.97
CA TYR B 285 -1.64 23.37 -19.16
C TYR B 285 -0.76 22.19 -18.79
N ALA B 286 0.06 22.32 -17.74
CA ALA B 286 0.96 21.23 -17.38
C ALA B 286 0.24 20.12 -16.62
N ILE B 287 -0.72 20.46 -15.77
CA ILE B 287 -1.51 19.41 -15.12
C ILE B 287 -2.26 18.63 -16.17
N CYS B 288 -2.99 19.34 -17.04
CA CYS B 288 -3.61 18.69 -18.19
C CYS B 288 -2.60 17.84 -18.94
N HIS B 289 -1.40 18.38 -19.17
CA HIS B 289 -0.41 17.66 -19.95
C HIS B 289 -0.07 16.31 -19.33
N MET B 290 0.04 16.26 -17.99
CA MET B 290 0.39 15.03 -17.32
C MET B 290 -0.77 14.05 -17.24
N LEU B 291 -2.00 14.53 -17.45
CA LEU B 291 -3.18 13.69 -17.50
C LEU B 291 -3.39 12.99 -18.82
N GLY B 292 -2.69 13.41 -19.88
CA GLY B 292 -2.95 12.94 -21.21
C GLY B 292 -3.69 13.94 -22.08
N VAL B 293 -4.24 14.99 -21.48
CA VAL B 293 -4.97 16.03 -22.19
C VAL B 293 -3.94 16.89 -22.93
N ARG B 294 -3.83 16.70 -24.25
CA ARG B 294 -2.74 17.24 -25.07
C ARG B 294 -3.29 17.66 -26.42
N PRO B 295 -2.58 18.61 -27.10
CA PRO B 295 -3.03 19.19 -28.38
C PRO B 295 -3.36 18.18 -29.47
N ALA C 7 -1.03 1.09 9.64
CA ALA C 7 0.21 1.84 9.85
C ALA C 7 0.01 3.29 9.43
N LYS C 8 0.27 3.54 8.14
CA LYS C 8 -0.02 4.84 7.55
C LYS C 8 -1.49 5.21 7.72
N GLU C 9 -2.36 4.20 7.80
CA GLU C 9 -3.80 4.43 7.81
C GLU C 9 -4.29 4.93 9.16
N ILE C 10 -3.66 4.51 10.27
CA ILE C 10 -4.06 5.00 11.59
C ILE C 10 -3.11 6.08 12.12
N ASP C 11 -1.95 6.28 11.50
CA ASP C 11 -1.15 7.46 11.81
C ASP C 11 -1.83 8.72 11.25
N THR C 12 -2.36 8.64 10.02
CA THR C 12 -3.16 9.75 9.47
C THR C 12 -4.47 9.92 10.23
N LEU C 13 -5.12 8.81 10.58
CA LEU C 13 -6.41 8.90 11.28
C LEU C 13 -6.24 9.50 12.67
N ASN C 14 -5.12 9.21 13.33
CA ASN C 14 -4.81 9.85 14.61
C ASN C 14 -4.49 11.32 14.43
N GLN C 15 -3.78 11.68 13.35
CA GLN C 15 -3.41 13.08 13.13
C GLN C 15 -4.64 13.95 12.86
N HIS C 16 -5.69 13.39 12.23
CA HIS C 16 -6.88 14.18 11.95
C HIS C 16 -7.66 14.50 13.24
N ILE C 17 -7.85 13.50 14.11
CA ILE C 17 -8.62 13.73 15.33
C ILE C 17 -7.92 14.77 16.21
N ALA C 18 -6.60 14.92 16.03
CA ALA C 18 -5.80 15.87 16.80
C ALA C 18 -5.88 17.28 16.20
N ASP C 19 -5.71 17.40 14.89
CA ASP C 19 -5.72 18.67 14.18
C ASP C 19 -7.12 19.12 13.74
N PHE C 20 -8.17 18.42 14.18
CA PHE C 20 -9.53 18.70 13.75
C PHE C 20 -9.99 20.01 14.37
N ASN C 21 -10.17 21.04 13.55
CA ASN C 21 -10.55 22.35 14.05
C ASN C 21 -12.06 22.49 14.23
N LYS C 22 -12.86 21.81 13.42
CA LYS C 22 -14.31 21.97 13.46
C LYS C 22 -14.87 21.47 14.79
N LYS C 23 -16.10 21.89 15.06
CA LYS C 23 -16.68 21.92 16.40
C LYS C 23 -17.49 20.65 16.63
N ILE C 24 -17.03 19.81 17.54
CA ILE C 24 -17.74 18.60 17.91
C ILE C 24 -18.75 18.94 19.00
N ASN C 25 -19.93 18.33 18.93
CA ASN C 25 -20.99 18.47 19.93
C ASN C 25 -21.17 17.15 20.66
N VAL C 26 -21.18 17.18 21.97
CA VAL C 26 -21.43 15.96 22.71
C VAL C 26 -22.65 16.16 23.60
N SER C 27 -23.32 15.06 23.88
CA SER C 27 -24.38 15.02 24.87
C SER C 27 -24.18 13.77 25.72
N PHE C 28 -24.56 13.86 27.00
CA PHE C 28 -24.42 12.77 27.95
C PHE C 28 -25.79 12.39 28.47
N GLU C 29 -26.04 11.08 28.57
CA GLU C 29 -27.26 10.53 29.12
C GLU C 29 -26.99 9.90 30.49
N PHE C 30 -27.75 10.33 31.50
CA PHE C 30 -27.73 9.74 32.83
C PHE C 30 -29.05 9.04 33.11
N PHE C 31 -29.04 8.21 34.14
CA PHE C 31 -30.25 7.53 34.57
C PHE C 31 -30.48 7.77 36.06
N PRO C 32 -31.73 7.68 36.51
CA PRO C 32 -32.05 8.03 37.89
C PRO C 32 -31.51 7.00 38.87
N PRO C 33 -30.78 7.44 39.88
CA PRO C 33 -30.18 6.49 40.83
C PRO C 33 -31.23 5.81 41.68
N LYS C 34 -31.06 4.50 41.88
CA LYS C 34 -31.95 3.82 42.80
C LYS C 34 -31.48 3.96 44.25
N ASN C 35 -30.21 3.66 44.52
CA ASN C 35 -29.65 3.70 45.87
C ASN C 35 -29.28 5.12 46.24
N GLU C 36 -28.49 5.24 47.30
CA GLU C 36 -27.79 6.48 47.59
C GLU C 36 -26.31 6.40 47.26
N LYS C 37 -25.71 5.21 47.35
CA LYS C 37 -24.35 5.05 46.85
C LYS C 37 -24.28 5.40 45.37
N MET C 38 -25.31 5.02 44.61
CA MET C 38 -25.37 5.40 43.21
C MET C 38 -25.74 6.87 43.04
N GLU C 39 -26.43 7.47 44.01
CA GLU C 39 -26.68 8.91 43.96
C GLU C 39 -25.37 9.71 43.91
N THR C 40 -24.42 9.34 44.78
CA THR C 40 -23.13 10.03 44.82
C THR C 40 -22.39 9.90 43.51
N LEU C 41 -22.32 8.67 43.00
CA LEU C 41 -21.62 8.41 41.75
C LEU C 41 -22.13 9.30 40.63
N LEU C 42 -23.44 9.49 40.55
CA LEU C 42 -24.00 10.23 39.42
C LEU C 42 -23.63 11.70 39.48
N TRP C 43 -23.65 12.30 40.66
CA TRP C 43 -23.35 13.72 40.75
C TRP C 43 -21.86 14.00 40.67
N ASP C 44 -21.02 13.06 41.14
CA ASP C 44 -19.60 13.14 40.81
C ASP C 44 -19.43 13.24 39.31
N SER C 45 -20.05 12.33 38.57
CA SER C 45 -19.85 12.28 37.13
C SER C 45 -20.35 13.56 36.47
N ILE C 46 -21.45 14.10 36.97
CA ILE C 46 -22.01 15.32 36.40
C ILE C 46 -21.03 16.47 36.58
N HIS C 47 -20.59 16.72 37.82
CA HIS C 47 -19.64 17.81 38.03
C HIS C 47 -18.33 17.56 37.32
N ARG C 48 -17.98 16.30 37.10
CA ARG C 48 -16.79 15.96 36.32
C ARG C 48 -17.01 16.27 34.84
N LEU C 49 -18.15 15.84 34.28
CA LEU C 49 -18.43 15.99 32.85
C LEU C 49 -18.89 17.40 32.47
N LYS C 50 -19.43 18.18 33.40
CA LYS C 50 -19.97 19.49 33.06
C LYS C 50 -18.91 20.45 32.48
N VAL C 51 -17.63 20.27 32.80
CA VAL C 51 -16.61 21.16 32.25
C VAL C 51 -16.41 21.00 30.74
N LEU C 52 -16.90 19.90 30.15
CA LEU C 52 -16.81 19.68 28.72
C LEU C 52 -17.87 20.44 27.91
N LYS C 53 -18.67 21.29 28.55
CA LYS C 53 -19.71 22.09 27.89
C LYS C 53 -20.55 21.27 26.91
N PRO C 54 -21.22 20.20 27.38
CA PRO C 54 -22.04 19.42 26.46
C PRO C 54 -23.22 20.25 25.96
N LYS C 55 -23.69 19.91 24.75
CA LYS C 55 -24.78 20.66 24.15
C LYS C 55 -26.01 20.60 25.05
N PHE C 56 -26.29 19.41 25.56
CA PHE C 56 -27.33 19.14 26.55
C PHE C 56 -26.95 17.84 27.23
N VAL C 57 -27.62 17.54 28.33
CA VAL C 57 -27.50 16.25 28.99
C VAL C 57 -28.92 15.74 29.16
N SER C 58 -29.11 14.44 29.09
CA SER C 58 -30.44 13.86 29.17
C SER C 58 -30.55 12.89 30.34
N VAL C 59 -31.78 12.70 30.84
CA VAL C 59 -32.05 11.82 31.97
C VAL C 59 -33.19 10.88 31.59
N THR C 60 -32.96 9.57 31.72
CA THR C 60 -33.93 8.57 31.28
C THR C 60 -35.12 8.45 32.23
N TYR C 61 -36.17 7.81 31.73
CA TYR C 61 -37.38 7.57 32.52
C TYR C 61 -37.88 6.17 32.22
N GLY C 62 -38.01 5.34 33.26
CA GLY C 62 -38.50 3.99 33.08
C GLY C 62 -39.91 3.97 32.52
N ALA C 63 -40.20 2.92 31.73
CA ALA C 63 -41.47 2.88 31.00
C ALA C 63 -42.64 2.97 31.95
N ASN C 64 -42.84 1.94 32.77
CA ASN C 64 -43.98 1.94 33.68
C ASN C 64 -43.52 1.97 35.12
N SER C 65 -42.50 2.78 35.40
CA SER C 65 -41.89 2.79 36.72
C SER C 65 -42.69 3.58 37.74
N GLY C 66 -43.52 4.51 37.29
CA GLY C 66 -44.13 5.45 38.22
C GLY C 66 -43.15 6.37 38.89
N GLU C 67 -41.94 6.48 38.33
CA GLU C 67 -40.89 7.31 38.90
C GLU C 67 -40.67 8.56 38.03
N ARG C 68 -41.78 9.10 37.51
CA ARG C 68 -41.71 10.28 36.67
C ARG C 68 -41.06 11.45 37.37
N ASP C 69 -41.34 11.63 38.67
CA ASP C 69 -40.88 12.82 39.37
C ASP C 69 -39.38 12.81 39.58
N ARG C 70 -38.80 11.63 39.83
CA ARG C 70 -37.34 11.52 39.93
C ARG C 70 -36.67 12.03 38.66
N THR C 71 -37.27 11.75 37.50
CA THR C 71 -36.67 12.18 36.24
C THR C 71 -36.81 13.69 36.08
N HIS C 72 -38.02 14.22 36.33
CA HIS C 72 -38.22 15.67 36.40
C HIS C 72 -37.26 16.31 37.37
N GLY C 73 -37.05 15.68 38.53
CA GLY C 73 -36.31 16.32 39.60
C GLY C 73 -34.83 16.48 39.26
N ILE C 74 -34.21 15.43 38.72
CA ILE C 74 -32.79 15.49 38.39
C ILE C 74 -32.55 16.50 37.27
N VAL C 75 -33.49 16.59 36.31
CA VAL C 75 -33.37 17.56 35.22
C VAL C 75 -33.40 19.00 35.75
N LYS C 76 -34.32 19.31 36.67
CA LYS C 76 -34.29 20.70 37.13
C LYS C 76 -33.14 20.94 38.10
N ALA C 77 -32.65 19.90 38.78
CA ALA C 77 -31.50 20.09 39.66
C ALA C 77 -30.23 20.34 38.86
N ILE C 78 -30.03 19.59 37.77
CA ILE C 78 -28.84 19.74 36.92
C ILE C 78 -28.71 21.17 36.39
N LYS C 79 -29.82 21.78 35.95
CA LYS C 79 -29.71 23.15 35.45
C LYS C 79 -29.43 24.13 36.58
N GLN C 80 -30.10 23.95 37.72
CA GLN C 80 -29.85 24.85 38.84
C GLN C 80 -28.40 24.77 39.28
N GLU C 81 -27.82 23.58 39.27
CA GLU C 81 -26.51 23.34 39.88
C GLU C 81 -25.34 23.40 38.90
N THR C 82 -25.60 23.31 37.60
CA THR C 82 -24.51 23.31 36.62
C THR C 82 -24.72 24.26 35.45
N GLY C 83 -25.93 24.82 35.26
CA GLY C 83 -26.18 25.64 34.10
C GLY C 83 -26.33 24.91 32.78
N LEU C 84 -26.09 23.60 32.74
CA LEU C 84 -26.27 22.86 31.49
C LEU C 84 -27.74 22.75 31.13
N GLU C 85 -28.02 22.74 29.82
CA GLU C 85 -29.35 22.41 29.35
C GLU C 85 -29.60 20.92 29.56
N ALA C 86 -30.70 20.58 30.22
CA ALA C 86 -31.02 19.21 30.57
C ALA C 86 -32.37 18.83 30.00
N ALA C 87 -32.43 17.69 29.34
CA ALA C 87 -33.63 17.17 28.70
C ALA C 87 -34.14 15.92 29.42
N PRO C 88 -35.41 15.84 29.76
CA PRO C 88 -35.96 14.57 30.24
C PRO C 88 -36.30 13.63 29.09
N HIS C 89 -36.25 12.33 29.39
CA HIS C 89 -36.82 11.31 28.52
C HIS C 89 -38.27 11.09 28.93
N LEU C 90 -39.20 11.27 28.01
CA LEU C 90 -40.62 11.09 28.28
C LEU C 90 -41.17 9.98 27.40
N THR C 91 -41.81 8.98 28.01
CA THR C 91 -42.43 7.89 27.28
C THR C 91 -43.93 8.15 27.14
N GLY C 92 -44.46 7.97 25.92
CA GLY C 92 -45.87 8.16 25.63
C GLY C 92 -46.79 6.99 25.93
N ILE C 93 -46.26 5.77 26.09
CA ILE C 93 -47.11 4.58 26.15
C ILE C 93 -47.68 4.29 27.53
N ASP C 94 -47.31 5.08 28.54
CA ASP C 94 -47.79 4.84 29.89
C ASP C 94 -48.55 6.03 30.46
N ALA C 95 -48.96 6.96 29.61
CA ALA C 95 -49.73 8.12 30.04
C ALA C 95 -50.77 8.43 28.98
N THR C 96 -51.97 8.80 29.42
CA THR C 96 -53.00 9.19 28.48
C THR C 96 -52.58 10.46 27.76
N PRO C 97 -53.21 10.76 26.60
CA PRO C 97 -52.88 12.02 25.91
C PRO C 97 -53.07 13.26 26.77
N GLU C 98 -54.10 13.28 27.62
CA GLU C 98 -54.32 14.46 28.45
C GLU C 98 -53.24 14.62 29.51
N GLU C 99 -52.78 13.52 30.11
CA GLU C 99 -51.70 13.58 31.08
C GLU C 99 -50.41 14.06 30.45
N LEU C 100 -50.11 13.60 29.23
CA LEU C 100 -48.88 14.00 28.54
C LEU C 100 -48.88 15.51 28.27
N LYS C 101 -50.00 16.03 27.75
CA LYS C 101 -50.10 17.46 27.51
C LYS C 101 -49.85 18.25 28.80
N GLN C 102 -50.30 17.72 29.94
CA GLN C 102 -50.03 18.42 31.19
C GLN C 102 -48.57 18.30 31.60
N ILE C 103 -47.98 17.10 31.43
CA ILE C 103 -46.57 16.90 31.73
C ILE C 103 -45.70 17.84 30.90
N ALA C 104 -46.02 17.97 29.60
CA ALA C 104 -45.27 18.85 28.71
C ALA C 104 -45.33 20.30 29.18
N ARG C 105 -46.54 20.79 29.49
CA ARG C 105 -46.71 22.14 30.03
C ARG C 105 -45.92 22.34 31.32
N ASP C 106 -45.90 21.34 32.20
CA ASP C 106 -45.11 21.44 33.41
C ASP C 106 -43.62 21.50 33.08
N TYR C 107 -43.13 20.62 32.19
CA TYR C 107 -41.73 20.70 31.75
C TYR C 107 -41.39 22.10 31.21
N TRP C 108 -42.25 22.62 30.33
CA TRP C 108 -41.99 23.93 29.71
C TRP C 108 -41.97 25.05 30.75
N ASP C 109 -42.96 25.10 31.64
CA ASP C 109 -43.02 26.20 32.61
C ASP C 109 -41.88 26.15 33.60
N SER C 110 -41.20 25.02 33.71
CA SER C 110 -40.10 24.87 34.62
C SER C 110 -38.75 25.04 33.94
N GLY C 111 -38.73 25.50 32.68
CA GLY C 111 -37.50 25.87 32.01
C GLY C 111 -36.98 24.90 30.97
N ILE C 112 -37.55 23.69 30.90
CA ILE C 112 -37.11 22.66 29.95
C ILE C 112 -37.52 23.02 28.51
N ARG C 113 -36.60 22.80 27.58
CA ARG C 113 -36.78 23.18 26.19
C ARG C 113 -36.51 22.06 25.22
N ARG C 114 -35.93 20.94 25.69
CA ARG C 114 -35.71 19.75 24.88
C ARG C 114 -36.23 18.54 25.63
N ILE C 115 -36.94 17.68 24.91
CA ILE C 115 -37.42 16.40 25.42
C ILE C 115 -36.90 15.30 24.50
N VAL C 116 -36.46 14.21 25.10
CA VAL C 116 -36.24 12.96 24.38
C VAL C 116 -37.56 12.21 24.41
N ALA C 117 -38.25 12.14 23.27
CA ALA C 117 -39.59 11.59 23.17
C ALA C 117 -39.54 10.15 22.65
N LEU C 118 -39.91 9.18 23.49
CA LEU C 118 -39.90 7.78 23.11
C LEU C 118 -41.29 7.17 23.27
N ARG C 119 -41.54 6.06 22.55
CA ARG C 119 -42.77 5.31 22.80
C ARG C 119 -42.73 4.69 24.19
N GLY C 120 -41.66 3.95 24.50
CA GLY C 120 -41.68 3.05 25.63
C GLY C 120 -42.33 1.74 25.23
N ASP C 121 -42.33 0.79 26.17
CA ASP C 121 -42.74 -0.57 25.89
C ASP C 121 -43.88 -0.98 26.82
N GLU C 122 -44.90 -1.62 26.25
CA GLU C 122 -46.03 -2.09 27.04
C GLU C 122 -45.59 -3.27 27.90
N PRO C 123 -46.05 -3.34 29.15
CA PRO C 123 -45.65 -4.47 30.01
C PRO C 123 -46.41 -5.75 29.68
N ALA C 127 -51.35 -6.29 26.17
CA ALA C 127 -52.20 -5.77 25.10
C ALA C 127 -51.58 -4.49 24.56
N LYS C 128 -51.24 -4.48 23.27
CA LYS C 128 -50.52 -3.34 22.71
C LYS C 128 -51.48 -2.20 22.38
N LYS C 129 -51.11 -0.97 22.81
CA LYS C 129 -51.87 0.27 22.52
C LYS C 129 -51.37 0.88 21.22
N PRO C 130 -52.27 1.35 20.34
CA PRO C 130 -51.83 1.89 19.05
C PRO C 130 -51.21 3.28 19.10
N PHE C 131 -50.57 3.62 20.22
CA PHE C 131 -49.83 4.88 20.37
C PHE C 131 -48.37 4.65 19.99
N TYR C 132 -47.81 5.61 19.25
CA TYR C 132 -46.46 5.52 18.73
C TYR C 132 -45.72 6.81 19.02
N ALA C 133 -44.39 6.74 18.95
CA ALA C 133 -43.57 7.90 19.28
C ALA C 133 -43.92 9.11 18.40
N SER C 134 -44.23 8.86 17.11
CA SER C 134 -44.62 9.99 16.26
C SER C 134 -45.88 10.70 16.77
N ASP C 135 -46.77 9.98 17.49
CA ASP C 135 -47.94 10.64 18.06
C ASP C 135 -47.54 11.51 19.24
N LEU C 136 -46.56 11.05 20.04
CA LEU C 136 -46.03 11.83 21.14
C LEU C 136 -45.32 13.08 20.66
N VAL C 137 -44.63 13.00 19.52
CA VAL C 137 -43.97 14.20 18.98
C VAL C 137 -45.03 15.23 18.57
N GLU C 138 -46.12 14.78 17.92
CA GLU C 138 -47.20 15.69 17.53
C GLU C 138 -47.89 16.30 18.76
N LEU C 139 -48.09 15.50 19.82
CA LEU C 139 -48.69 16.01 21.04
C LEU C 139 -47.82 17.08 21.69
N LEU C 140 -46.51 16.79 21.84
CA LEU C 140 -45.59 17.77 22.43
C LEU C 140 -45.56 19.06 21.61
N ARG C 141 -45.51 18.95 20.27
CA ARG C 141 -45.32 20.19 19.51
C ARG C 141 -46.56 21.04 19.45
N SER C 142 -47.72 20.48 19.84
CA SER C 142 -48.95 21.26 19.95
C SER C 142 -49.02 21.98 21.27
N VAL C 143 -48.28 21.49 22.25
CA VAL C 143 -48.14 22.22 23.51
C VAL C 143 -47.19 23.41 23.33
N ALA C 144 -46.00 23.17 22.79
CA ALA C 144 -44.97 24.20 22.74
C ALA C 144 -43.91 23.83 21.72
N ASP C 145 -43.07 24.80 21.41
CA ASP C 145 -41.95 24.60 20.48
C ASP C 145 -40.74 23.94 21.18
N PHE C 146 -40.94 22.69 21.60
CA PHE C 146 -39.83 21.89 22.11
C PHE C 146 -38.90 21.45 21.01
N ASP C 147 -37.61 21.48 21.30
CA ASP C 147 -36.67 20.70 20.53
C ASP C 147 -36.81 19.25 20.98
N ILE C 148 -37.22 18.39 20.05
CA ILE C 148 -37.58 17.01 20.36
C ILE C 148 -36.55 16.08 19.74
N SER C 149 -35.95 15.24 20.57
CA SER C 149 -35.05 14.19 20.13
C SER C 149 -35.80 12.88 20.04
N VAL C 150 -35.35 12.03 19.14
CA VAL C 150 -36.15 10.91 18.70
C VAL C 150 -35.18 9.76 18.44
N ALA C 151 -35.64 8.54 18.71
CA ALA C 151 -34.80 7.35 18.61
C ALA C 151 -34.69 6.83 17.17
N ALA C 152 -33.48 6.48 16.75
CA ALA C 152 -33.30 5.76 15.50
C ALA C 152 -32.61 4.43 15.76
N TYR C 153 -32.80 3.48 14.85
CA TYR C 153 -32.30 2.12 15.03
C TYR C 153 -31.57 1.67 13.77
N PRO C 154 -30.24 1.80 13.75
CA PRO C 154 -29.49 1.36 12.54
C PRO C 154 -29.66 -0.11 12.25
N GLU C 155 -29.70 -0.94 13.28
CA GLU C 155 -29.87 -2.36 13.06
C GLU C 155 -31.34 -2.78 13.02
N VAL C 156 -32.26 -1.81 13.00
CA VAL C 156 -33.72 -1.97 12.83
C VAL C 156 -34.40 -2.39 14.14
N HIS C 157 -35.41 -1.61 14.54
CA HIS C 157 -36.11 -1.84 15.80
C HIS C 157 -36.75 -3.24 15.80
N PRO C 158 -36.78 -3.91 16.95
CA PRO C 158 -37.15 -5.34 16.96
C PRO C 158 -38.57 -5.66 16.53
N GLU C 159 -39.51 -4.71 16.66
CA GLU C 159 -40.91 -4.96 16.31
C GLU C 159 -41.30 -4.41 14.94
N ALA C 160 -40.42 -3.64 14.29
CA ALA C 160 -40.70 -3.17 12.95
C ALA C 160 -40.90 -4.36 12.00
N LYS C 161 -41.56 -4.10 10.87
CA LYS C 161 -41.79 -5.17 9.91
C LYS C 161 -40.65 -5.32 8.89
N SER C 162 -39.85 -4.27 8.68
CA SER C 162 -38.77 -4.27 7.71
C SER C 162 -37.88 -3.06 7.99
N ALA C 163 -36.64 -3.14 7.51
CA ALA C 163 -35.74 -1.99 7.65
C ALA C 163 -36.32 -0.74 7.01
N GLN C 164 -37.05 -0.89 5.90
CA GLN C 164 -37.59 0.29 5.22
C GLN C 164 -38.78 0.88 5.97
N ALA C 165 -39.65 0.04 6.54
CA ALA C 165 -40.75 0.54 7.34
C ALA C 165 -40.26 1.24 8.60
N ASP C 166 -39.24 0.67 9.24
CA ASP C 166 -38.65 1.29 10.42
C ASP C 166 -37.95 2.60 10.06
N LEU C 167 -37.45 2.72 8.82
CA LEU C 167 -36.86 3.99 8.38
C LEU C 167 -37.94 5.01 8.01
N ILE C 168 -38.99 4.58 7.31
CA ILE C 168 -40.14 5.44 7.03
C ILE C 168 -40.68 6.04 8.33
N ASN C 169 -40.72 5.23 9.40
CA ASN C 169 -41.22 5.73 10.69
C ASN C 169 -40.32 6.82 11.24
N LEU C 170 -39.01 6.61 11.23
CA LEU C 170 -38.07 7.65 11.66
C LEU C 170 -38.34 8.98 10.94
N LYS C 171 -38.51 8.94 9.61
CA LYS C 171 -38.85 10.15 8.86
C LYS C 171 -40.19 10.71 9.33
N ARG C 172 -41.12 9.82 9.69
CA ARG C 172 -42.41 10.25 10.23
C ARG C 172 -42.24 11.03 11.53
N LYS C 173 -41.32 10.58 12.38
CA LYS C 173 -41.07 11.29 13.62
C LYS C 173 -40.45 12.65 13.35
N ILE C 174 -39.59 12.75 12.33
CA ILE C 174 -39.08 14.07 11.95
C ILE C 174 -40.21 14.96 11.44
N ASP C 175 -40.96 14.44 10.45
CA ASP C 175 -42.01 15.23 9.82
C ASP C 175 -43.09 15.65 10.84
N ALA C 176 -43.22 14.93 11.97
CA ALA C 176 -44.16 15.31 13.03
C ALA C 176 -43.65 16.42 13.95
N GLY C 177 -42.44 16.90 13.75
CA GLY C 177 -41.94 18.04 14.49
C GLY C 177 -40.65 17.79 15.25
N ALA C 178 -40.16 16.55 15.33
CA ALA C 178 -38.87 16.27 15.94
C ALA C 178 -37.75 16.82 15.06
N ASN C 179 -36.62 17.16 15.71
CA ASN C 179 -35.54 17.86 15.01
C ASN C 179 -34.16 17.34 15.40
N HIS C 180 -34.09 16.22 16.14
CA HIS C 180 -32.85 15.67 16.65
C HIS C 180 -33.00 14.16 16.69
N VAL C 181 -31.96 13.43 16.23
CA VAL C 181 -32.01 11.98 16.12
C VAL C 181 -30.86 11.36 16.89
N ILE C 182 -31.15 10.28 17.64
CA ILE C 182 -30.17 9.60 18.48
C ILE C 182 -30.35 8.10 18.32
N THR C 183 -29.27 7.39 17.96
CA THR C 183 -29.35 5.98 17.66
C THR C 183 -29.28 5.13 18.91
N GLN C 184 -29.84 3.92 18.83
CA GLN C 184 -29.53 2.85 19.75
C GLN C 184 -28.01 2.63 19.71
N PHE C 185 -27.42 2.03 20.76
CA PHE C 185 -26.00 1.75 20.71
C PHE C 185 -25.73 0.66 19.66
N PHE C 186 -24.52 0.68 19.08
CA PHE C 186 -24.18 -0.29 18.07
C PHE C 186 -22.69 -0.58 18.10
N PHE C 187 -22.29 -1.67 17.42
CA PHE C 187 -20.87 -1.97 17.27
C PHE C 187 -20.46 -2.21 15.83
N ASP C 188 -21.40 -2.32 14.91
CA ASP C 188 -21.15 -2.52 13.48
C ASP C 188 -21.10 -1.13 12.82
N ILE C 189 -19.90 -0.55 12.74
CA ILE C 189 -19.73 0.81 12.25
C ILE C 189 -20.17 0.93 10.80
N GLU C 190 -19.89 -0.10 9.98
CA GLU C 190 -20.23 0.04 8.56
C GLU C 190 -21.74 -0.01 8.35
N ASN C 191 -22.46 -0.73 9.21
CA ASN C 191 -23.91 -0.70 9.13
C ASN C 191 -24.46 0.65 9.60
N TYR C 192 -23.85 1.26 10.62
CA TYR C 192 -24.28 2.61 10.98
C TYR C 192 -24.08 3.58 9.81
N LEU C 193 -22.89 3.56 9.20
CA LEU C 193 -22.61 4.50 8.10
C LEU C 193 -23.57 4.27 6.94
N ARG C 194 -23.85 3.01 6.61
CA ARG C 194 -24.86 2.69 5.60
C ARG C 194 -26.23 3.25 5.99
N PHE C 195 -26.62 3.09 7.26
CA PHE C 195 -27.91 3.60 7.68
C PHE C 195 -27.96 5.14 7.56
N ARG C 196 -26.85 5.80 7.89
CA ARG C 196 -26.77 7.25 7.77
C ARG C 196 -26.91 7.72 6.33
N ASP C 197 -26.41 6.95 5.36
CA ASP C 197 -26.63 7.30 3.96
C ASP C 197 -28.10 7.09 3.58
N ARG C 198 -28.74 6.06 4.15
CA ARG C 198 -30.13 5.80 3.83
C ARG C 198 -31.03 6.89 4.40
N CYS C 199 -30.69 7.42 5.59
CA CYS C 199 -31.38 8.58 6.14
C CYS C 199 -31.24 9.80 5.23
N ALA C 200 -30.01 10.10 4.80
CA ALA C 200 -29.81 11.15 3.81
C ALA C 200 -30.70 10.96 2.60
N SER C 201 -30.78 9.73 2.10
CA SER C 201 -31.51 9.46 0.86
C SER C 201 -33.02 9.67 1.00
N ILE C 202 -33.57 9.36 2.18
CA ILE C 202 -35.00 9.53 2.41
C ILE C 202 -35.36 10.95 2.86
N GLY C 203 -34.38 11.86 2.96
CA GLY C 203 -34.65 13.27 3.15
C GLY C 203 -34.57 13.81 4.58
N ILE C 204 -34.29 12.95 5.57
CA ILE C 204 -34.04 13.37 6.95
C ILE C 204 -32.82 14.26 7.03
N ASP C 205 -32.99 15.58 7.08
CA ASP C 205 -31.84 16.46 7.00
C ASP C 205 -31.26 16.84 8.38
N THR C 206 -31.42 16.01 9.39
CA THR C 206 -30.69 16.22 10.64
C THR C 206 -29.64 15.11 10.80
N GLU C 207 -28.58 15.41 11.52
CA GLU C 207 -27.59 14.39 11.80
C GLU C 207 -28.24 13.20 12.47
N ILE C 208 -27.73 12.01 12.17
CA ILE C 208 -28.11 10.80 12.88
C ILE C 208 -27.06 10.59 13.97
N VAL C 209 -27.15 11.36 15.05
CA VAL C 209 -26.20 11.31 16.16
C VAL C 209 -26.02 9.91 16.72
N PRO C 210 -24.80 9.36 16.68
CA PRO C 210 -24.59 8.02 17.24
C PRO C 210 -24.58 8.03 18.77
N GLY C 211 -25.31 7.07 19.34
CA GLY C 211 -25.22 6.76 20.75
C GLY C 211 -24.08 5.79 21.03
N ILE C 212 -23.08 6.27 21.76
CA ILE C 212 -21.88 5.51 22.08
C ILE C 212 -22.06 4.91 23.47
N LEU C 213 -21.95 3.58 23.56
CA LEU C 213 -21.99 2.89 24.84
C LEU C 213 -20.61 2.31 25.20
N PRO C 214 -19.84 2.96 26.08
CA PRO C 214 -18.59 2.33 26.54
C PRO C 214 -18.86 1.06 27.31
N VAL C 215 -18.36 -0.05 26.76
CA VAL C 215 -18.50 -1.38 27.33
C VAL C 215 -17.65 -1.51 28.58
N THR C 216 -18.20 -1.07 29.71
CA THR C 216 -17.47 -1.15 30.97
C THR C 216 -17.79 -2.42 31.74
N ASN C 217 -18.90 -3.08 31.42
CA ASN C 217 -19.28 -4.34 32.03
C ASN C 217 -19.93 -5.20 30.96
N PHE C 218 -19.34 -6.34 30.65
CA PHE C 218 -19.86 -7.07 29.50
C PHE C 218 -21.18 -7.75 29.81
N LYS C 219 -21.28 -8.34 31.01
CA LYS C 219 -22.51 -9.04 31.37
C LYS C 219 -23.74 -8.13 31.26
N GLN C 220 -23.64 -6.89 31.74
CA GLN C 220 -24.70 -5.92 31.53
C GLN C 220 -25.03 -5.77 30.05
N LEU C 221 -24.05 -5.29 29.27
CA LEU C 221 -24.23 -5.12 27.83
C LEU C 221 -24.89 -6.34 27.19
N GLN C 222 -24.55 -7.55 27.66
CA GLN C 222 -25.16 -8.75 27.13
C GLN C 222 -26.66 -8.79 27.41
N LYS C 223 -27.06 -8.35 28.61
CA LYS C 223 -28.48 -8.27 28.95
C LYS C 223 -29.21 -7.27 28.06
N MET C 224 -28.74 -6.01 28.04
CA MET C 224 -29.33 -4.99 27.18
C MET C 224 -29.50 -5.49 25.74
N ALA C 225 -28.46 -6.10 25.18
CA ALA C 225 -28.44 -6.42 23.75
C ALA C 225 -29.38 -7.57 23.36
N SER C 226 -29.76 -8.41 24.32
CA SER C 226 -30.63 -9.55 23.99
C SER C 226 -32.06 -9.13 23.69
N PHE C 227 -32.44 -7.91 24.05
CA PHE C 227 -33.76 -7.45 23.76
C PHE C 227 -33.81 -6.32 22.73
N THR C 228 -32.68 -5.70 22.41
CA THR C 228 -32.64 -4.53 21.54
C THR C 228 -32.36 -4.85 20.07
N ASN C 229 -32.13 -6.11 19.71
CA ASN C 229 -31.81 -6.53 18.34
C ASN C 229 -30.47 -6.00 17.86
N VAL C 230 -29.58 -5.67 18.79
CA VAL C 230 -28.27 -5.10 18.45
C VAL C 230 -27.26 -6.24 18.40
N LYS C 231 -26.47 -6.28 17.34
CA LYS C 231 -25.50 -7.34 17.12
C LYS C 231 -24.25 -7.10 17.96
N ILE C 232 -23.89 -8.10 18.77
CA ILE C 232 -22.64 -8.07 19.53
C ILE C 232 -21.62 -8.90 18.78
N PRO C 233 -20.60 -8.29 18.16
CA PRO C 233 -19.64 -9.06 17.37
C PRO C 233 -18.91 -10.11 18.19
N ALA C 234 -18.44 -11.15 17.49
CA ALA C 234 -17.71 -12.21 18.18
C ALA C 234 -16.37 -11.72 18.70
N TRP C 235 -15.71 -10.80 17.99
CA TRP C 235 -14.48 -10.22 18.52
C TRP C 235 -14.73 -9.51 19.84
N LEU C 236 -15.89 -8.87 20.00
CA LEU C 236 -16.20 -8.19 21.25
C LEU C 236 -16.42 -9.19 22.38
N VAL C 237 -17.09 -10.30 22.09
CA VAL C 237 -17.22 -11.34 23.10
C VAL C 237 -15.86 -11.88 23.48
N LYS C 238 -14.99 -12.15 22.50
CA LYS C 238 -13.65 -12.63 22.80
C LYS C 238 -12.86 -11.61 23.61
N ALA C 239 -13.06 -10.32 23.34
CA ALA C 239 -12.32 -9.29 24.05
C ALA C 239 -12.62 -9.33 25.55
N TYR C 240 -13.86 -9.59 25.92
CA TYR C 240 -14.25 -9.53 27.32
C TYR C 240 -14.23 -10.89 28.03
N ASP C 241 -14.14 -11.98 27.27
CA ASP C 241 -13.94 -13.32 27.81
C ASP C 241 -12.85 -13.32 28.88
N GLY C 242 -13.24 -13.66 30.11
CA GLY C 242 -12.32 -13.78 31.22
C GLY C 242 -12.19 -12.55 32.08
N LEU C 243 -12.77 -11.43 31.67
CA LEU C 243 -12.63 -10.17 32.38
C LEU C 243 -13.75 -9.93 33.39
N ASP C 244 -14.39 -11.00 33.87
CA ASP C 244 -15.57 -10.84 34.72
C ASP C 244 -15.23 -10.32 36.10
N ASN C 245 -14.00 -10.52 36.59
CA ASN C 245 -13.58 -10.00 37.89
C ASN C 245 -12.47 -8.96 37.78
N ASP C 246 -12.31 -8.32 36.62
CA ASP C 246 -11.15 -7.46 36.35
C ASP C 246 -11.64 -6.15 35.78
N PRO C 247 -12.10 -5.22 36.63
CA PRO C 247 -12.63 -3.94 36.12
C PRO C 247 -11.56 -3.03 35.53
N THR C 248 -10.35 -3.03 36.08
CA THR C 248 -9.26 -2.25 35.50
C THR C 248 -8.99 -2.68 34.05
N THR C 249 -8.90 -3.99 33.79
CA THR C 249 -8.66 -4.40 32.41
C THR C 249 -9.87 -4.13 31.52
N ARG C 250 -11.08 -4.34 32.03
CA ARG C 250 -12.27 -4.01 31.26
C ARG C 250 -12.29 -2.55 30.81
N ASN C 251 -11.90 -1.59 31.68
CA ASN C 251 -11.88 -0.19 31.26
C ASN C 251 -10.82 0.06 30.18
N LEU C 252 -9.66 -0.59 30.30
CA LEU C 252 -8.63 -0.41 29.28
C LEU C 252 -9.11 -0.92 27.92
N VAL C 253 -9.70 -2.11 27.90
CA VAL C 253 -10.25 -2.66 26.66
C VAL C 253 -11.34 -1.74 26.10
N ALA C 254 -12.21 -1.22 26.97
CA ALA C 254 -13.31 -0.37 26.53
C ALA C 254 -12.82 0.90 25.87
N ALA C 255 -11.76 1.51 26.40
CA ALA C 255 -11.24 2.73 25.78
C ALA C 255 -10.80 2.44 24.36
N SER C 256 -10.13 1.31 24.16
CA SER C 256 -9.72 0.91 22.82
C SER C 256 -10.93 0.78 21.91
N VAL C 257 -11.92 -0.02 22.32
CA VAL C 257 -13.12 -0.20 21.52
C VAL C 257 -13.77 1.14 21.23
N ALA C 258 -14.10 1.89 22.28
CA ALA C 258 -14.86 3.11 22.06
C ALA C 258 -14.07 4.12 21.22
N MET C 259 -12.80 4.34 21.54
CA MET C 259 -12.03 5.34 20.80
C MET C 259 -11.76 4.90 19.36
N ASP C 260 -11.69 3.59 19.09
CA ASP C 260 -11.63 3.12 17.71
C ASP C 260 -12.89 3.53 16.96
N MET C 261 -14.05 3.24 17.54
CA MET C 261 -15.30 3.62 16.89
C MET C 261 -15.34 5.11 16.66
N VAL C 262 -15.06 5.89 17.70
CA VAL C 262 -15.24 7.33 17.61
C VAL C 262 -14.22 7.94 16.65
N LYS C 263 -13.01 7.38 16.56
CA LYS C 263 -12.05 7.84 15.55
C LYS C 263 -12.62 7.71 14.15
N ILE C 264 -13.22 6.54 13.83
CA ILE C 264 -13.74 6.30 12.49
C ILE C 264 -14.90 7.24 12.18
N LEU C 265 -15.93 7.22 13.03
CA LEU C 265 -17.09 8.07 12.81
C LEU C 265 -16.67 9.51 12.60
N SER C 266 -15.72 9.97 13.42
CA SER C 266 -15.25 11.34 13.31
C SER C 266 -14.66 11.57 11.92
N ARG C 267 -13.82 10.64 11.46
CA ARG C 267 -13.22 10.78 10.14
C ARG C 267 -14.28 10.83 9.07
N GLU C 268 -15.38 10.06 9.25
CA GLU C 268 -16.46 10.03 8.27
C GLU C 268 -17.12 11.40 8.09
N GLY C 269 -17.28 12.15 9.17
CA GLY C 269 -17.82 13.49 9.05
C GLY C 269 -18.83 13.72 10.15
N VAL C 270 -18.89 12.79 11.10
CA VAL C 270 -19.82 12.85 12.21
C VAL C 270 -19.18 13.68 13.32
N ASN C 271 -19.75 14.85 13.59
CA ASN C 271 -19.27 15.73 14.64
C ASN C 271 -20.26 15.86 15.79
N ASP C 272 -21.08 14.84 16.00
CA ASP C 272 -22.09 14.85 17.06
C ASP C 272 -22.10 13.47 17.71
N PHE C 273 -21.93 13.41 19.02
CA PHE C 273 -21.94 12.15 19.74
C PHE C 273 -22.80 12.24 21.00
N HIS C 274 -23.50 11.15 21.29
CA HIS C 274 -24.32 11.04 22.49
C HIS C 274 -23.75 9.90 23.32
N PHE C 275 -23.35 10.19 24.56
CA PHE C 275 -22.68 9.18 25.39
C PHE C 275 -23.63 8.60 26.44
N TYR C 276 -23.79 7.28 26.41
CA TYR C 276 -24.57 6.54 27.40
C TYR C 276 -23.63 6.25 28.56
N THR C 277 -23.51 7.23 29.46
CA THR C 277 -22.48 7.20 30.49
C THR C 277 -22.72 6.16 31.56
N LEU C 278 -23.93 5.60 31.64
CA LEU C 278 -24.33 4.73 32.75
C LEU C 278 -23.91 5.34 34.09
N ASN C 279 -23.92 6.69 34.16
CA ASN C 279 -23.63 7.52 35.33
C ASN C 279 -22.16 7.54 35.73
N ARG C 280 -21.26 6.95 34.97
CA ARG C 280 -19.83 7.00 35.24
C ARG C 280 -19.18 8.00 34.28
N SER C 281 -18.03 8.54 34.70
CA SER C 281 -17.38 9.61 33.96
C SER C 281 -16.05 9.24 33.31
N GLU C 282 -15.39 8.17 33.76
CA GLU C 282 -14.01 7.92 33.33
C GLU C 282 -13.91 7.77 31.82
N LEU C 283 -14.67 6.84 31.24
CA LEU C 283 -14.50 6.53 29.82
C LEU C 283 -14.97 7.68 28.95
N THR C 284 -16.14 8.23 29.26
CA THR C 284 -16.70 9.31 28.47
C THR C 284 -15.79 10.53 28.47
N TYR C 285 -15.27 10.93 29.64
CA TYR C 285 -14.30 12.04 29.70
C TYR C 285 -13.07 11.73 28.84
N ALA C 286 -12.62 10.47 28.82
CA ALA C 286 -11.42 10.13 28.07
C ALA C 286 -11.70 10.11 26.56
N ILE C 287 -12.82 9.50 26.16
CA ILE C 287 -13.21 9.49 24.75
C ILE C 287 -13.38 10.92 24.25
N CYS C 288 -14.03 11.78 25.05
CA CYS C 288 -14.20 13.18 24.66
C CYS C 288 -12.87 13.90 24.53
N HIS C 289 -11.92 13.57 25.42
CA HIS C 289 -10.62 14.22 25.42
C HIS C 289 -9.85 13.96 24.12
N MET C 290 -9.88 12.71 23.65
N MET C 290 -9.92 12.73 23.61
CA MET C 290 -9.24 12.36 22.39
CA MET C 290 -9.19 12.44 22.38
C MET C 290 -9.87 13.12 21.22
C MET C 290 -9.88 13.01 21.15
N LEU C 291 -11.21 13.19 21.19
CA LEU C 291 -11.92 13.85 20.09
C LEU C 291 -11.53 15.32 19.94
N GLY C 292 -11.02 15.94 21.01
CA GLY C 292 -10.72 17.36 21.04
C GLY C 292 -11.65 18.14 21.93
N VAL C 293 -12.65 17.49 22.52
CA VAL C 293 -13.62 18.15 23.41
C VAL C 293 -12.98 18.23 24.78
N ARG C 294 -12.55 19.43 25.16
CA ARG C 294 -11.73 19.55 26.35
C ARG C 294 -12.06 20.86 27.04
N PRO C 295 -11.90 20.93 28.37
CA PRO C 295 -12.20 22.10 29.21
C PRO C 295 -11.68 23.41 28.65
N SER D 5 11.09 -7.68 -0.02
CA SER D 5 11.32 -8.20 -1.36
C SER D 5 10.09 -8.97 -1.82
N TYR D 6 10.03 -9.24 -3.13
CA TYR D 6 8.96 -10.06 -3.70
C TYR D 6 9.07 -11.53 -3.30
N ALA D 7 10.27 -11.99 -2.91
CA ALA D 7 10.49 -13.41 -2.66
C ALA D 7 9.73 -13.89 -1.43
N LYS D 8 9.72 -13.08 -0.36
CA LYS D 8 9.08 -13.48 0.88
C LYS D 8 7.56 -13.38 0.82
N GLU D 9 7.01 -12.62 -0.12
CA GLU D 9 5.57 -12.38 -0.20
C GLU D 9 4.87 -13.13 -1.34
N ILE D 10 5.61 -13.92 -2.14
CA ILE D 10 5.01 -14.97 -2.97
C ILE D 10 5.05 -16.34 -2.30
N ASP D 11 5.98 -16.56 -1.35
CA ASP D 11 6.04 -17.79 -0.55
C ASP D 11 4.97 -17.80 0.55
N THR D 12 4.64 -16.63 1.09
CA THR D 12 3.50 -16.50 2.01
C THR D 12 2.17 -16.70 1.26
N LEU D 13 2.03 -16.12 0.06
CA LEU D 13 0.80 -16.21 -0.70
C LEU D 13 0.57 -17.61 -1.28
N ASN D 14 1.65 -18.34 -1.58
CA ASN D 14 1.50 -19.74 -1.98
C ASN D 14 1.05 -20.61 -0.81
N GLN D 15 1.55 -20.32 0.41
CA GLN D 15 1.19 -21.13 1.58
C GLN D 15 -0.21 -20.80 2.10
N HIS D 16 -0.66 -19.55 1.94
CA HIS D 16 -2.05 -19.19 2.28
C HIS D 16 -3.03 -19.96 1.40
N ILE D 17 -2.73 -20.07 0.10
CA ILE D 17 -3.57 -20.81 -0.82
C ILE D 17 -3.49 -22.31 -0.54
N ALA D 18 -2.35 -22.77 -0.01
CA ALA D 18 -2.16 -24.16 0.42
C ALA D 18 -2.92 -24.46 1.70
N ASN D 21 -8.16 -23.97 3.72
CA ASN D 21 -8.97 -23.83 4.91
C ASN D 21 -10.30 -23.14 4.59
N LYS D 22 -10.27 -22.27 3.57
CA LYS D 22 -11.45 -21.53 3.14
C LYS D 22 -12.25 -22.32 2.11
N LYS D 23 -13.56 -22.40 2.30
CA LYS D 23 -14.43 -22.94 1.26
C LYS D 23 -14.50 -21.91 0.12
N ILE D 24 -13.78 -22.18 -0.94
CA ILE D 24 -13.87 -21.38 -2.16
C ILE D 24 -15.04 -21.90 -2.99
N ASN D 25 -15.87 -20.98 -3.48
CA ASN D 25 -16.95 -21.30 -4.40
C ASN D 25 -16.56 -20.96 -5.84
N VAL D 26 -16.88 -21.87 -6.76
CA VAL D 26 -16.57 -21.65 -8.16
C VAL D 26 -17.82 -21.90 -9.03
N SER D 27 -18.02 -21.02 -10.01
CA SER D 27 -19.05 -21.17 -11.03
C SER D 27 -18.42 -21.13 -12.43
N PHE D 28 -18.93 -21.98 -13.32
CA PHE D 28 -18.43 -22.14 -14.70
C PHE D 28 -19.46 -21.66 -15.71
N GLU D 29 -19.03 -20.83 -16.66
CA GLU D 29 -19.88 -20.35 -17.73
C GLU D 29 -19.56 -21.08 -19.04
N PHE D 30 -20.59 -21.62 -19.68
CA PHE D 30 -20.52 -22.26 -20.98
C PHE D 30 -21.39 -21.50 -21.99
N PHE D 31 -21.05 -21.63 -23.26
CA PHE D 31 -21.91 -21.06 -24.27
C PHE D 31 -22.50 -22.16 -25.13
N PRO D 32 -23.71 -21.96 -25.64
CA PRO D 32 -24.32 -22.98 -26.51
C PRO D 32 -23.49 -23.22 -27.75
N PRO D 33 -23.12 -24.48 -28.00
CA PRO D 33 -22.37 -24.84 -29.21
C PRO D 33 -23.22 -24.84 -30.46
N LYS D 34 -22.53 -24.85 -31.61
CA LYS D 34 -23.18 -24.76 -32.90
C LYS D 34 -22.80 -25.84 -33.91
N ASN D 35 -21.89 -26.75 -33.57
CA ASN D 35 -21.49 -27.83 -34.47
C ASN D 35 -21.15 -29.06 -33.64
N GLU D 36 -20.95 -30.20 -34.31
CA GLU D 36 -20.68 -31.41 -33.53
C GLU D 36 -19.30 -31.39 -32.90
N LYS D 37 -18.34 -30.68 -33.49
CA LYS D 37 -17.05 -30.48 -32.83
C LYS D 37 -17.24 -29.79 -31.48
N MET D 38 -17.84 -28.60 -31.50
CA MET D 38 -18.00 -27.81 -30.28
C MET D 38 -18.96 -28.46 -29.28
N GLU D 39 -19.99 -29.16 -29.77
CA GLU D 39 -20.89 -29.88 -28.87
C GLU D 39 -20.13 -30.94 -28.07
N THR D 40 -19.17 -31.63 -28.71
CA THR D 40 -18.34 -32.61 -28.02
C THR D 40 -17.34 -31.95 -27.08
N LEU D 41 -16.75 -30.82 -27.50
CA LEU D 41 -15.84 -30.10 -26.63
C LEU D 41 -16.56 -29.65 -25.36
N LEU D 42 -17.83 -29.29 -25.47
CA LEU D 42 -18.57 -28.79 -24.31
C LEU D 42 -18.89 -29.91 -23.31
N TRP D 43 -19.31 -31.07 -23.82
CA TRP D 43 -19.70 -32.11 -22.87
C TRP D 43 -18.49 -32.80 -22.28
N ASP D 44 -17.38 -32.90 -23.04
CA ASP D 44 -16.09 -33.22 -22.43
C ASP D 44 -15.86 -32.36 -21.18
N SER D 45 -15.89 -31.03 -21.38
CA SER D 45 -15.63 -30.08 -20.29
C SER D 45 -16.60 -30.27 -19.13
N ILE D 46 -17.89 -30.51 -19.42
CA ILE D 46 -18.88 -30.57 -18.35
C ILE D 46 -18.60 -31.75 -17.42
N HIS D 47 -18.28 -32.91 -18.00
CA HIS D 47 -18.04 -34.08 -17.15
C HIS D 47 -16.69 -33.98 -16.45
N ARG D 48 -15.72 -33.29 -17.07
CA ARG D 48 -14.44 -33.05 -16.41
C ARG D 48 -14.61 -32.13 -15.22
N LEU D 49 -15.34 -31.03 -15.41
CA LEU D 49 -15.41 -29.99 -14.39
C LEU D 49 -16.36 -30.33 -13.25
N LYS D 50 -17.28 -31.29 -13.44
CA LYS D 50 -18.33 -31.52 -12.46
C LYS D 50 -17.77 -32.03 -11.13
N VAL D 51 -16.66 -32.74 -11.17
CA VAL D 51 -16.11 -33.33 -9.95
C VAL D 51 -15.61 -32.27 -8.98
N LEU D 52 -15.46 -31.03 -9.41
CA LEU D 52 -15.09 -29.95 -8.49
C LEU D 52 -16.30 -29.40 -7.74
N LYS D 53 -17.48 -29.99 -7.94
CA LYS D 53 -18.73 -29.61 -7.26
C LYS D 53 -18.97 -28.10 -7.28
N PRO D 54 -19.03 -27.47 -8.46
CA PRO D 54 -19.20 -26.02 -8.49
C PRO D 54 -20.52 -25.60 -7.87
N LYS D 55 -20.58 -24.34 -7.44
CA LYS D 55 -21.81 -23.79 -6.86
C LYS D 55 -22.95 -23.84 -7.86
N PHE D 56 -22.73 -23.32 -9.06
CA PHE D 56 -23.59 -23.58 -10.20
C PHE D 56 -22.74 -23.58 -11.47
N VAL D 57 -23.35 -23.97 -12.60
CA VAL D 57 -22.82 -23.71 -13.93
C VAL D 57 -23.88 -22.94 -14.69
N SER D 58 -23.44 -22.13 -15.66
CA SER D 58 -24.37 -21.27 -16.39
C SER D 58 -24.15 -21.45 -17.89
N VAL D 59 -25.17 -21.09 -18.67
CA VAL D 59 -25.14 -21.23 -20.13
C VAL D 59 -25.61 -19.91 -20.74
N THR D 60 -24.74 -19.28 -21.53
CA THR D 60 -25.07 -17.97 -22.11
C THR D 60 -26.24 -18.09 -23.09
N TYR D 61 -26.66 -16.93 -23.60
CA TYR D 61 -27.91 -16.78 -24.32
C TYR D 61 -27.69 -15.85 -25.51
N GLY D 62 -28.01 -16.34 -26.70
CA GLY D 62 -27.92 -15.50 -27.88
C GLY D 62 -29.04 -14.48 -27.94
N ALA D 63 -28.67 -13.20 -27.77
CA ALA D 63 -29.62 -12.09 -27.72
C ALA D 63 -30.69 -12.24 -28.81
N ASN D 64 -30.28 -12.05 -30.08
CA ASN D 64 -31.11 -12.34 -31.25
C ASN D 64 -30.52 -13.49 -32.08
N SER D 65 -29.75 -14.38 -31.44
CA SER D 65 -29.06 -15.38 -32.26
C SER D 65 -29.99 -16.48 -32.75
N GLY D 66 -31.23 -16.54 -32.27
CA GLY D 66 -32.14 -17.59 -32.68
C GLY D 66 -31.79 -18.86 -31.95
N GLU D 67 -30.61 -18.88 -31.33
CA GLU D 67 -30.16 -20.03 -30.57
C GLU D 67 -30.61 -19.83 -29.14
N ARG D 68 -31.74 -19.12 -29.02
CA ARG D 68 -32.37 -18.95 -27.72
C ARG D 68 -32.88 -20.27 -27.18
N ASP D 69 -33.33 -21.16 -28.07
CA ASP D 69 -33.86 -22.45 -27.68
C ASP D 69 -32.76 -23.44 -27.28
N ARG D 70 -31.50 -23.16 -27.66
CA ARG D 70 -30.39 -24.06 -27.32
C ARG D 70 -29.99 -23.91 -25.87
N THR D 71 -30.03 -22.69 -25.35
CA THR D 71 -29.74 -22.44 -23.96
C THR D 71 -30.64 -23.26 -23.03
N HIS D 72 -31.96 -23.23 -23.27
CA HIS D 72 -32.89 -23.92 -22.38
C HIS D 72 -32.66 -25.43 -22.39
N GLY D 73 -32.38 -26.01 -23.55
CA GLY D 73 -32.21 -27.46 -23.63
C GLY D 73 -30.94 -27.94 -22.94
N ILE D 74 -29.83 -27.21 -23.11
CA ILE D 74 -28.59 -27.59 -22.42
C ILE D 74 -28.80 -27.52 -20.91
N VAL D 75 -29.29 -26.38 -20.41
CA VAL D 75 -29.52 -26.19 -18.99
C VAL D 75 -30.32 -27.35 -18.41
N LYS D 76 -31.28 -27.87 -19.18
CA LYS D 76 -32.01 -29.05 -18.72
C LYS D 76 -31.15 -30.29 -18.78
N ALA D 77 -30.30 -30.41 -19.80
CA ALA D 77 -29.51 -31.64 -19.92
C ALA D 77 -28.41 -31.70 -18.86
N ILE D 78 -27.86 -30.54 -18.46
CA ILE D 78 -26.88 -30.53 -17.40
C ILE D 78 -27.49 -31.04 -16.09
N LYS D 79 -28.65 -30.49 -15.71
CA LYS D 79 -29.36 -30.96 -14.51
C LYS D 79 -29.63 -32.46 -14.59
N GLN D 80 -30.00 -32.93 -15.78
CA GLN D 80 -30.26 -34.34 -16.03
C GLN D 80 -29.03 -35.19 -15.75
N GLU D 81 -28.02 -35.04 -16.60
CA GLU D 81 -26.91 -35.99 -16.70
C GLU D 81 -25.80 -35.75 -15.70
N THR D 82 -25.79 -34.61 -14.99
CA THR D 82 -24.76 -34.37 -14.00
C THR D 82 -25.31 -34.05 -12.62
N GLY D 83 -26.54 -33.55 -12.52
CA GLY D 83 -27.05 -33.10 -11.23
C GLY D 83 -26.45 -31.81 -10.70
N LEU D 84 -25.60 -31.12 -11.47
CA LEU D 84 -25.18 -29.78 -11.08
C LEU D 84 -26.33 -28.81 -11.24
N GLU D 85 -26.48 -27.90 -10.29
CA GLU D 85 -27.39 -26.77 -10.47
C GLU D 85 -26.95 -25.96 -11.70
N ALA D 86 -27.89 -25.73 -12.62
CA ALA D 86 -27.61 -25.05 -13.87
C ALA D 86 -28.49 -23.82 -14.00
N ALA D 87 -27.86 -22.70 -14.37
CA ALA D 87 -28.53 -21.42 -14.54
C ALA D 87 -28.49 -20.99 -15.99
N PRO D 88 -29.63 -20.75 -16.63
CA PRO D 88 -29.62 -20.08 -17.93
C PRO D 88 -29.36 -18.58 -17.76
N HIS D 89 -28.67 -18.02 -18.73
CA HIS D 89 -28.70 -16.58 -18.92
C HIS D 89 -29.95 -16.25 -19.72
N LEU D 90 -30.46 -15.03 -19.52
CA LEU D 90 -31.68 -14.57 -20.13
C LEU D 90 -31.51 -13.08 -20.43
N THR D 91 -32.05 -12.64 -21.57
CA THR D 91 -31.82 -11.30 -22.07
C THR D 91 -33.15 -10.62 -22.29
N GLY D 92 -33.14 -9.29 -22.22
CA GLY D 92 -34.38 -8.54 -22.28
C GLY D 92 -34.77 -8.02 -23.64
N ILE D 93 -33.81 -7.49 -24.42
CA ILE D 93 -34.13 -6.72 -25.62
C ILE D 93 -34.85 -7.53 -26.70
N ASP D 94 -34.71 -8.86 -26.68
CA ASP D 94 -35.20 -9.74 -27.74
C ASP D 94 -36.69 -10.05 -27.66
N ALA D 95 -37.34 -9.77 -26.53
CA ALA D 95 -38.64 -10.36 -26.22
C ALA D 95 -39.53 -9.38 -25.46
N THR D 96 -40.83 -9.62 -25.54
CA THR D 96 -41.78 -8.83 -24.76
C THR D 96 -41.92 -9.38 -23.34
N PRO D 97 -42.53 -8.60 -22.43
CA PRO D 97 -42.67 -9.07 -21.03
C PRO D 97 -43.48 -10.35 -20.89
N GLU D 98 -44.58 -10.50 -21.65
CA GLU D 98 -45.31 -11.77 -21.69
C GLU D 98 -44.40 -12.94 -22.05
N GLU D 99 -43.51 -12.75 -23.04
CA GLU D 99 -42.57 -13.80 -23.45
C GLU D 99 -41.60 -14.12 -22.33
N LEU D 100 -41.04 -13.09 -21.71
CA LEU D 100 -40.13 -13.27 -20.59
C LEU D 100 -40.85 -13.88 -19.38
N LYS D 101 -42.10 -13.49 -19.12
CA LYS D 101 -42.80 -14.12 -18.00
C LYS D 101 -43.04 -15.60 -18.28
N GLN D 102 -43.33 -15.96 -19.55
CA GLN D 102 -43.51 -17.37 -19.90
C GLN D 102 -42.19 -18.14 -19.78
N ILE D 103 -41.09 -17.57 -20.29
CA ILE D 103 -39.79 -18.21 -20.11
C ILE D 103 -39.53 -18.45 -18.62
N ALA D 104 -39.71 -17.41 -17.80
CA ALA D 104 -39.44 -17.51 -16.36
C ALA D 104 -40.34 -18.56 -15.70
N ARG D 105 -41.64 -18.53 -16.00
CA ARG D 105 -42.57 -19.52 -15.46
C ARG D 105 -42.08 -20.93 -15.76
N ASP D 106 -41.70 -21.21 -17.01
CA ASP D 106 -41.35 -22.59 -17.37
C ASP D 106 -40.00 -23.00 -16.78
N TYR D 107 -39.03 -22.08 -16.76
CA TYR D 107 -37.78 -22.36 -16.04
C TYR D 107 -38.06 -22.81 -14.62
N TRP D 108 -38.96 -22.09 -13.93
CA TRP D 108 -39.24 -22.39 -12.53
C TRP D 108 -39.97 -23.73 -12.38
N ASP D 109 -40.96 -24.00 -13.23
CA ASP D 109 -41.60 -25.32 -13.16
C ASP D 109 -40.64 -26.41 -13.62
N SER D 110 -39.63 -26.06 -14.42
CA SER D 110 -38.57 -27.00 -14.81
C SER D 110 -37.82 -27.52 -13.60
N GLY D 111 -37.17 -26.63 -12.85
CA GLY D 111 -36.44 -26.92 -11.63
C GLY D 111 -35.39 -25.83 -11.42
N ILE D 112 -35.31 -24.91 -12.38
CA ILE D 112 -34.28 -23.89 -12.36
C ILE D 112 -34.59 -22.89 -11.26
N ARG D 113 -33.62 -22.62 -10.40
CA ARG D 113 -33.77 -21.68 -9.31
C ARG D 113 -32.89 -20.44 -9.47
N ARG D 114 -31.92 -20.49 -10.37
CA ARG D 114 -31.01 -19.37 -10.59
C ARG D 114 -31.06 -18.97 -12.06
N ILE D 115 -31.31 -17.69 -12.31
CA ILE D 115 -31.24 -17.11 -13.64
C ILE D 115 -30.19 -16.00 -13.63
N VAL D 116 -29.43 -15.90 -14.72
CA VAL D 116 -28.46 -14.83 -14.92
C VAL D 116 -29.13 -13.81 -15.84
N ALA D 117 -29.46 -12.65 -15.31
CA ALA D 117 -30.36 -11.72 -15.98
C ALA D 117 -29.58 -10.55 -16.57
N LEU D 118 -29.67 -10.38 -17.88
CA LEU D 118 -28.88 -9.39 -18.60
C LEU D 118 -29.76 -8.58 -19.51
N ARG D 119 -29.25 -7.43 -19.92
CA ARG D 119 -30.01 -6.60 -20.82
C ARG D 119 -29.94 -7.09 -22.25
N GLY D 120 -28.77 -7.56 -22.67
CA GLY D 120 -28.48 -7.75 -24.07
C GLY D 120 -28.18 -6.42 -24.73
N ASP D 121 -27.65 -6.53 -25.94
CA ASP D 121 -27.27 -5.40 -26.77
C ASP D 121 -28.09 -5.42 -28.04
N GLU D 122 -28.57 -4.25 -28.44
CA GLU D 122 -29.15 -4.09 -29.77
C GLU D 122 -28.05 -4.17 -30.83
N PRO D 123 -28.38 -4.54 -32.07
CA PRO D 123 -27.39 -4.46 -33.15
C PRO D 123 -26.68 -3.11 -33.14
N LYS D 124 -25.42 -3.12 -33.58
CA LYS D 124 -24.62 -1.91 -33.52
C LYS D 124 -25.22 -0.84 -34.43
N GLY D 125 -25.44 0.35 -33.87
CA GLY D 125 -26.05 1.45 -34.58
C GLY D 125 -27.53 1.63 -34.35
N TYR D 126 -28.16 0.81 -33.51
CA TYR D 126 -29.60 0.87 -33.29
C TYR D 126 -29.90 1.74 -32.07
N ALA D 127 -30.89 2.62 -32.23
CA ALA D 127 -31.56 3.24 -31.08
C ALA D 127 -31.83 2.20 -30.01
N LYS D 128 -31.41 2.50 -28.79
CA LYS D 128 -31.62 1.60 -27.67
C LYS D 128 -33.09 1.65 -27.19
N LYS D 129 -33.64 0.47 -26.86
CA LYS D 129 -34.98 0.35 -26.30
C LYS D 129 -34.95 0.66 -24.80
N PRO D 130 -35.85 1.52 -24.29
CA PRO D 130 -35.79 1.89 -22.87
C PRO D 130 -35.99 0.75 -21.88
N PHE D 131 -35.53 -0.44 -22.23
CA PHE D 131 -35.57 -1.62 -21.37
C PHE D 131 -34.17 -1.90 -20.87
N TYR D 132 -34.04 -2.18 -19.57
CA TYR D 132 -32.75 -2.39 -18.93
C TYR D 132 -32.81 -3.62 -18.04
N ALA D 133 -31.68 -3.99 -17.44
CA ALA D 133 -31.63 -5.27 -16.73
C ALA D 133 -32.48 -5.23 -15.47
N SER D 134 -32.43 -4.11 -14.73
CA SER D 134 -33.30 -3.96 -13.57
C SER D 134 -34.76 -4.24 -13.90
N ASP D 135 -35.19 -3.93 -15.13
CA ASP D 135 -36.54 -4.28 -15.56
C ASP D 135 -36.73 -5.80 -15.65
N LEU D 136 -35.75 -6.53 -16.23
CA LEU D 136 -35.85 -7.97 -16.26
C LEU D 136 -35.82 -8.58 -14.86
N VAL D 137 -35.04 -7.99 -13.94
CA VAL D 137 -35.01 -8.49 -12.56
C VAL D 137 -36.38 -8.34 -11.89
N GLU D 138 -37.02 -7.17 -12.04
CA GLU D 138 -38.35 -7.00 -11.46
C GLU D 138 -39.35 -8.00 -12.03
N LEU D 139 -39.32 -8.18 -13.35
CA LEU D 139 -40.22 -9.14 -13.99
C LEU D 139 -39.98 -10.56 -13.51
N LEU D 140 -38.71 -10.97 -13.33
CA LEU D 140 -38.42 -12.34 -12.89
C LEU D 140 -38.89 -12.56 -11.47
N ARG D 141 -38.70 -11.56 -10.60
CA ARG D 141 -39.22 -11.63 -9.25
C ARG D 141 -40.73 -11.56 -9.18
N SER D 142 -41.40 -11.00 -10.22
CA SER D 142 -42.87 -11.09 -10.29
C SER D 142 -43.34 -12.54 -10.32
N VAL D 143 -42.52 -13.44 -10.88
CA VAL D 143 -42.97 -14.78 -11.23
C VAL D 143 -42.67 -15.78 -10.12
N ALA D 144 -41.47 -15.75 -9.55
CA ALA D 144 -41.14 -16.65 -8.45
C ALA D 144 -39.83 -16.19 -7.81
N ASP D 145 -39.41 -16.91 -6.76
CA ASP D 145 -38.29 -16.52 -5.90
C ASP D 145 -36.97 -17.00 -6.50
N PHE D 146 -36.63 -16.41 -7.63
CA PHE D 146 -35.39 -16.75 -8.31
C PHE D 146 -34.21 -16.15 -7.57
N ASP D 147 -33.21 -16.97 -7.28
CA ASP D 147 -31.86 -16.43 -7.14
C ASP D 147 -31.51 -15.80 -8.48
N ILE D 148 -31.07 -14.53 -8.48
CA ILE D 148 -30.79 -13.82 -9.73
C ILE D 148 -29.37 -13.25 -9.67
N SER D 149 -28.60 -13.49 -10.73
CA SER D 149 -27.24 -12.98 -10.88
C SER D 149 -27.22 -11.90 -11.95
N VAL D 150 -26.54 -10.78 -11.67
CA VAL D 150 -26.49 -9.64 -12.58
C VAL D 150 -25.04 -9.26 -12.85
N ALA D 151 -24.84 -8.42 -13.87
CA ALA D 151 -23.50 -8.09 -14.38
C ALA D 151 -23.01 -6.77 -13.76
N ALA D 152 -21.76 -6.77 -13.31
CA ALA D 152 -21.04 -5.58 -12.86
C ALA D 152 -19.88 -5.28 -13.82
N TYR D 153 -19.53 -4.00 -13.90
CA TYR D 153 -18.51 -3.52 -14.83
C TYR D 153 -17.44 -2.74 -14.08
N PRO D 154 -16.42 -3.42 -13.56
CA PRO D 154 -15.37 -2.72 -12.80
C PRO D 154 -14.75 -1.56 -13.58
N GLU D 155 -14.65 -1.63 -14.92
CA GLU D 155 -14.04 -0.55 -15.67
C GLU D 155 -15.08 0.39 -16.31
N VAL D 156 -16.32 0.35 -15.80
CA VAL D 156 -17.51 1.07 -16.25
C VAL D 156 -18.05 0.52 -17.57
N HIS D 157 -19.36 0.38 -17.65
CA HIS D 157 -19.95 -0.12 -18.87
C HIS D 157 -19.86 0.95 -19.96
N PRO D 158 -19.56 0.55 -21.21
CA PRO D 158 -19.24 1.56 -22.24
C PRO D 158 -20.38 2.51 -22.57
N GLU D 159 -21.63 2.13 -22.33
CA GLU D 159 -22.77 3.00 -22.62
C GLU D 159 -23.27 3.76 -21.40
N ALA D 160 -22.54 3.71 -20.27
CA ALA D 160 -23.08 4.32 -19.05
C ALA D 160 -22.98 5.83 -19.12
N LYS D 161 -23.88 6.50 -18.40
CA LYS D 161 -23.83 7.95 -18.31
C LYS D 161 -22.54 8.41 -17.66
N SER D 162 -22.08 7.66 -16.66
CA SER D 162 -20.90 7.97 -15.85
C SER D 162 -20.62 6.76 -14.98
N ALA D 163 -19.40 6.71 -14.45
CA ALA D 163 -19.09 5.65 -13.51
C ALA D 163 -20.01 5.68 -12.30
N GLN D 164 -20.39 6.88 -11.81
CA GLN D 164 -21.37 6.98 -10.73
C GLN D 164 -22.69 6.34 -11.13
N ALA D 165 -23.18 6.67 -12.33
CA ALA D 165 -24.49 6.17 -12.75
C ALA D 165 -24.47 4.65 -12.90
N ASP D 166 -23.34 4.09 -13.37
CA ASP D 166 -23.25 2.64 -13.57
C ASP D 166 -23.20 1.89 -12.25
N LEU D 167 -22.58 2.50 -11.23
CA LEU D 167 -22.58 1.89 -9.91
C LEU D 167 -23.95 2.00 -9.27
N ILE D 168 -24.62 3.14 -9.44
CA ILE D 168 -26.00 3.29 -8.98
C ILE D 168 -26.90 2.26 -9.65
N ASN D 169 -26.69 2.03 -10.96
CA ASN D 169 -27.46 1.00 -11.65
C ASN D 169 -27.27 -0.38 -11.04
N LEU D 170 -26.03 -0.75 -10.68
CA LEU D 170 -25.80 -2.05 -10.03
C LEU D 170 -26.57 -2.16 -8.71
N LYS D 171 -26.49 -1.12 -7.88
CA LYS D 171 -27.31 -1.08 -6.67
C LYS D 171 -28.80 -1.18 -7.03
N ARG D 172 -29.20 -0.56 -8.16
CA ARG D 172 -30.61 -0.64 -8.55
C ARG D 172 -31.00 -2.08 -8.89
N LYS D 173 -30.12 -2.81 -9.57
CA LYS D 173 -30.43 -4.20 -9.87
C LYS D 173 -30.51 -5.05 -8.60
N ILE D 174 -29.70 -4.73 -7.59
CA ILE D 174 -29.77 -5.46 -6.32
C ILE D 174 -31.08 -5.16 -5.63
N ASP D 175 -31.48 -3.89 -5.61
CA ASP D 175 -32.75 -3.50 -5.01
C ASP D 175 -33.93 -4.23 -5.67
N ALA D 176 -33.90 -4.37 -7.00
CA ALA D 176 -35.01 -5.06 -7.66
C ALA D 176 -35.09 -6.53 -7.29
N GLY D 177 -34.02 -7.13 -6.73
CA GLY D 177 -34.09 -8.48 -6.22
C GLY D 177 -32.99 -9.43 -6.66
N ALA D 178 -32.00 -8.93 -7.38
CA ALA D 178 -30.86 -9.76 -7.68
C ALA D 178 -29.99 -9.88 -6.44
N ASN D 179 -29.48 -11.10 -6.19
CA ASN D 179 -28.75 -11.39 -4.97
C ASN D 179 -27.36 -11.98 -5.24
N HIS D 180 -26.88 -11.88 -6.47
CA HIS D 180 -25.59 -12.42 -6.89
C HIS D 180 -25.03 -11.51 -7.98
N VAL D 181 -23.73 -11.23 -7.95
CA VAL D 181 -23.12 -10.26 -8.85
C VAL D 181 -21.88 -10.89 -9.48
N ILE D 182 -21.78 -10.85 -10.80
CA ILE D 182 -20.66 -11.40 -11.57
C ILE D 182 -20.07 -10.26 -12.42
N THR D 183 -18.74 -10.13 -12.39
CA THR D 183 -18.11 -9.02 -13.11
C THR D 183 -17.81 -9.42 -14.53
N GLN D 184 -17.78 -8.42 -15.41
CA GLN D 184 -17.06 -8.51 -16.67
C GLN D 184 -15.62 -8.99 -16.42
N PHE D 185 -15.00 -9.60 -17.41
CA PHE D 185 -13.61 -9.99 -17.21
C PHE D 185 -12.75 -8.71 -17.16
N PHE D 186 -11.53 -8.88 -16.63
CA PHE D 186 -10.64 -7.73 -16.39
C PHE D 186 -9.22 -8.25 -16.17
N PHE D 187 -8.25 -7.34 -16.35
CA PHE D 187 -6.85 -7.61 -16.07
C PHE D 187 -6.20 -6.65 -15.10
N ASP D 188 -6.84 -5.51 -14.81
CA ASP D 188 -6.39 -4.56 -13.77
C ASP D 188 -6.96 -5.03 -12.44
N ILE D 189 -6.16 -5.80 -11.69
CA ILE D 189 -6.63 -6.31 -10.39
C ILE D 189 -6.86 -5.17 -9.40
N GLU D 190 -6.00 -4.16 -9.42
CA GLU D 190 -6.14 -3.05 -8.49
C GLU D 190 -7.45 -2.31 -8.76
N ASN D 191 -7.84 -2.16 -10.02
CA ASN D 191 -9.08 -1.45 -10.29
C ASN D 191 -10.30 -2.29 -9.93
N TYR D 192 -10.20 -3.62 -9.94
CA TYR D 192 -11.31 -4.41 -9.45
C TYR D 192 -11.50 -4.21 -7.95
N LEU D 193 -10.42 -4.32 -7.18
CA LEU D 193 -10.50 -4.16 -5.72
C LEU D 193 -11.11 -2.82 -5.36
N ARG D 194 -10.66 -1.76 -6.02
CA ARG D 194 -11.19 -0.43 -5.74
C ARG D 194 -12.69 -0.39 -6.04
N PHE D 195 -13.11 -0.99 -7.16
CA PHE D 195 -14.52 -1.03 -7.52
C PHE D 195 -15.32 -1.86 -6.53
N ARG D 196 -14.78 -3.03 -6.15
CA ARG D 196 -15.41 -3.87 -5.13
C ARG D 196 -15.72 -3.09 -3.85
N ASP D 197 -14.79 -2.22 -3.43
CA ASP D 197 -15.01 -1.45 -2.21
C ASP D 197 -16.08 -0.39 -2.42
N ARG D 198 -16.12 0.21 -3.60
CA ARG D 198 -17.19 1.14 -3.91
C ARG D 198 -18.54 0.45 -3.87
N CYS D 199 -18.57 -0.84 -4.16
CA CYS D 199 -19.83 -1.57 -4.08
C CYS D 199 -20.24 -1.77 -2.63
N ALA D 200 -19.28 -1.99 -1.74
CA ALA D 200 -19.65 -2.08 -0.34
C ALA D 200 -20.04 -0.71 0.24
N SER D 201 -19.53 0.39 -0.34
CA SER D 201 -19.85 1.73 0.16
C SER D 201 -21.30 2.09 -0.14
N ILE D 202 -21.71 1.91 -1.40
CA ILE D 202 -23.06 2.18 -1.86
C ILE D 202 -24.11 1.29 -1.16
N GLY D 203 -23.72 0.15 -0.57
CA GLY D 203 -24.66 -0.66 0.19
C GLY D 203 -25.02 -2.02 -0.40
N ILE D 204 -24.14 -2.56 -1.22
CA ILE D 204 -24.36 -3.85 -1.86
C ILE D 204 -23.67 -4.90 -1.03
N ASP D 205 -24.43 -5.91 -0.57
CA ASP D 205 -23.90 -6.84 0.41
C ASP D 205 -23.50 -8.20 -0.14
N THR D 206 -23.73 -8.53 -1.40
CA THR D 206 -23.07 -9.76 -1.85
C THR D 206 -21.72 -9.46 -2.45
N GLU D 207 -20.86 -10.47 -2.39
CA GLU D 207 -19.58 -10.39 -3.09
C GLU D 207 -19.79 -9.96 -4.52
N ILE D 208 -18.92 -9.03 -4.95
CA ILE D 208 -18.70 -8.74 -6.35
C ILE D 208 -17.82 -9.84 -6.94
N VAL D 209 -18.44 -10.92 -7.42
CA VAL D 209 -17.70 -12.10 -7.87
C VAL D 209 -16.93 -11.86 -9.18
N PRO D 210 -15.60 -11.99 -9.17
CA PRO D 210 -14.82 -11.73 -10.39
C PRO D 210 -15.03 -12.81 -11.43
N GLY D 211 -15.24 -12.36 -12.67
CA GLY D 211 -15.26 -13.26 -13.81
C GLY D 211 -13.87 -13.47 -14.38
N ILE D 212 -13.31 -14.67 -14.22
CA ILE D 212 -11.95 -14.97 -14.64
C ILE D 212 -11.94 -15.56 -16.06
N LEU D 213 -11.30 -14.85 -17.00
CA LEU D 213 -11.21 -15.31 -18.39
C LEU D 213 -9.80 -15.78 -18.73
N PRO D 214 -9.54 -17.08 -18.74
CA PRO D 214 -8.23 -17.57 -19.22
C PRO D 214 -7.99 -17.19 -20.69
N VAL D 215 -6.82 -16.64 -20.96
CA VAL D 215 -6.47 -16.09 -22.28
C VAL D 215 -5.75 -17.20 -23.06
N THR D 216 -6.52 -18.01 -23.79
CA THR D 216 -5.93 -19.07 -24.59
C THR D 216 -5.77 -18.69 -26.06
N ASN D 217 -6.40 -17.61 -26.51
CA ASN D 217 -6.19 -17.09 -27.86
C ASN D 217 -6.20 -15.56 -27.79
N PHE D 218 -5.06 -14.93 -28.09
CA PHE D 218 -5.00 -13.49 -27.82
C PHE D 218 -5.82 -12.71 -28.84
N LYS D 219 -5.78 -13.10 -30.12
CA LYS D 219 -6.52 -12.35 -31.14
C LYS D 219 -8.03 -12.39 -30.87
N GLN D 220 -8.53 -13.52 -30.36
CA GLN D 220 -9.92 -13.57 -29.93
C GLN D 220 -10.17 -12.58 -28.79
N LEU D 221 -9.27 -12.53 -27.80
CA LEU D 221 -9.42 -11.60 -26.69
C LEU D 221 -9.47 -10.15 -27.17
N GLN D 222 -8.62 -9.78 -28.15
CA GLN D 222 -8.66 -8.42 -28.70
C GLN D 222 -10.01 -8.13 -29.33
N LYS D 223 -10.63 -9.15 -29.94
CA LYS D 223 -11.99 -9.01 -30.47
C LYS D 223 -12.99 -8.77 -29.35
N MET D 224 -12.98 -9.63 -28.30
CA MET D 224 -13.99 -9.50 -27.25
C MET D 224 -13.81 -8.22 -26.47
N ALA D 225 -12.56 -7.81 -26.24
CA ALA D 225 -12.31 -6.68 -25.34
C ALA D 225 -12.54 -5.34 -26.01
N SER D 226 -12.78 -5.31 -27.32
CA SER D 226 -13.03 -4.04 -27.99
C SER D 226 -14.46 -3.56 -27.75
N PHE D 227 -15.43 -4.47 -27.79
CA PHE D 227 -16.83 -4.10 -27.55
C PHE D 227 -17.08 -3.63 -26.13
N THR D 228 -16.21 -4.00 -25.20
CA THR D 228 -16.59 -4.08 -23.81
C THR D 228 -15.88 -3.10 -22.89
N ASN D 229 -14.91 -2.33 -23.39
CA ASN D 229 -14.23 -1.25 -22.68
C ASN D 229 -13.17 -1.72 -21.69
N VAL D 230 -12.92 -3.02 -21.56
CA VAL D 230 -11.90 -3.50 -20.63
C VAL D 230 -10.53 -3.21 -21.21
N LYS D 231 -9.62 -2.68 -20.40
CA LYS D 231 -8.29 -2.32 -20.86
C LYS D 231 -7.39 -3.54 -20.86
N ILE D 232 -6.65 -3.73 -21.96
CA ILE D 232 -5.68 -4.82 -22.08
C ILE D 232 -4.31 -4.25 -21.75
N PRO D 233 -3.72 -4.55 -20.59
CA PRO D 233 -2.44 -3.96 -20.23
C PRO D 233 -1.36 -4.25 -21.27
N ALA D 234 -0.38 -3.35 -21.32
CA ALA D 234 0.71 -3.48 -22.28
C ALA D 234 1.45 -4.81 -22.09
N TRP D 235 1.74 -5.17 -20.85
CA TRP D 235 2.53 -6.38 -20.64
C TRP D 235 1.80 -7.63 -21.11
N LEU D 236 0.46 -7.61 -21.15
CA LEU D 236 -0.29 -8.76 -21.67
C LEU D 236 -0.17 -8.83 -23.20
N VAL D 237 -0.18 -7.68 -23.87
CA VAL D 237 0.05 -7.66 -25.31
C VAL D 237 1.44 -8.21 -25.61
N LYS D 238 2.43 -7.76 -24.84
CA LYS D 238 3.78 -8.25 -25.04
C LYS D 238 3.86 -9.74 -24.75
N ALA D 239 3.18 -10.19 -23.71
CA ALA D 239 3.24 -11.59 -23.30
C ALA D 239 2.69 -12.52 -24.37
N TYR D 240 1.93 -11.98 -25.33
CA TYR D 240 1.32 -12.81 -26.35
C TYR D 240 1.84 -12.55 -27.75
N ASP D 241 2.68 -11.55 -27.95
CA ASP D 241 3.17 -11.26 -29.29
C ASP D 241 3.94 -12.46 -29.83
N GLY D 242 3.76 -12.73 -31.13
CA GLY D 242 4.47 -13.84 -31.73
C GLY D 242 3.92 -15.22 -31.40
N LEU D 243 2.88 -15.33 -30.60
CA LEU D 243 2.32 -16.63 -30.23
C LEU D 243 1.09 -17.01 -31.07
N ASP D 244 0.91 -16.43 -32.26
CA ASP D 244 -0.33 -16.65 -33.00
C ASP D 244 -0.48 -18.11 -33.42
N ASN D 245 0.63 -18.81 -33.65
CA ASN D 245 0.58 -20.19 -34.09
C ASN D 245 1.17 -21.16 -33.06
N ASP D 246 1.22 -20.72 -31.79
CA ASP D 246 1.82 -21.48 -30.69
C ASP D 246 0.79 -21.64 -29.58
N PRO D 247 -0.18 -22.54 -29.75
CA PRO D 247 -1.21 -22.70 -28.71
C PRO D 247 -0.63 -23.23 -27.41
N THR D 248 0.38 -24.10 -27.50
CA THR D 248 0.95 -24.70 -26.30
C THR D 248 1.61 -23.64 -25.42
N THR D 249 2.35 -22.71 -26.03
CA THR D 249 2.92 -21.65 -25.22
C THR D 249 1.84 -20.74 -24.68
N ARG D 250 0.85 -20.43 -25.53
CA ARG D 250 -0.27 -19.59 -25.08
C ARG D 250 -0.93 -20.17 -23.84
N ASN D 251 -1.14 -21.49 -23.81
CA ASN D 251 -1.79 -22.06 -22.65
C ASN D 251 -0.93 -21.94 -21.39
N LEU D 252 0.40 -22.01 -21.51
CA LEU D 252 1.25 -21.87 -20.33
C LEU D 252 1.34 -20.41 -19.86
N VAL D 253 1.58 -19.46 -20.77
CA VAL D 253 1.52 -18.04 -20.44
C VAL D 253 0.20 -17.69 -19.74
N ALA D 254 -0.89 -18.31 -20.21
CA ALA D 254 -2.20 -18.02 -19.65
C ALA D 254 -2.36 -18.57 -18.24
N ALA D 255 -1.80 -19.75 -17.96
CA ALA D 255 -1.95 -20.32 -16.63
C ALA D 255 -1.24 -19.45 -15.60
N SER D 256 -0.05 -18.97 -15.95
CA SER D 256 0.67 -18.13 -15.03
C SER D 256 -0.10 -16.82 -14.80
N VAL D 257 -0.59 -16.21 -15.89
CA VAL D 257 -1.37 -14.97 -15.75
C VAL D 257 -2.59 -15.18 -14.86
N ALA D 258 -3.41 -16.19 -15.17
CA ALA D 258 -4.65 -16.39 -14.42
C ALA D 258 -4.37 -16.78 -12.97
N MET D 259 -3.44 -17.73 -12.74
CA MET D 259 -3.13 -18.11 -11.36
C MET D 259 -2.55 -16.93 -10.58
N ASP D 260 -1.81 -16.04 -11.24
CA ASP D 260 -1.36 -14.85 -10.54
C ASP D 260 -2.56 -14.03 -10.07
N MET D 261 -3.49 -13.75 -11.00
CA MET D 261 -4.70 -13.03 -10.65
C MET D 261 -5.38 -13.67 -9.45
N VAL D 262 -5.69 -14.94 -9.61
CA VAL D 262 -6.53 -15.63 -8.64
C VAL D 262 -5.84 -15.74 -7.29
N LYS D 263 -4.53 -15.95 -7.26
CA LYS D 263 -3.78 -15.88 -6.01
C LYS D 263 -3.97 -14.51 -5.35
N ILE D 264 -3.94 -13.44 -6.15
CA ILE D 264 -3.96 -12.11 -5.56
C ILE D 264 -5.35 -11.77 -5.05
N LEU D 265 -6.39 -12.08 -5.85
CA LEU D 265 -7.75 -11.93 -5.37
C LEU D 265 -7.98 -12.73 -4.10
N SER D 266 -7.41 -13.94 -4.03
CA SER D 266 -7.66 -14.78 -2.86
C SER D 266 -7.04 -14.18 -1.62
N ARG D 267 -5.86 -13.57 -1.76
CA ARG D 267 -5.23 -12.90 -0.62
C ARG D 267 -6.09 -11.74 -0.13
N GLU D 268 -6.61 -10.93 -1.07
CA GLU D 268 -7.51 -9.83 -0.75
C GLU D 268 -8.92 -10.28 -0.40
N GLY D 269 -9.11 -11.55 -0.04
CA GLY D 269 -10.38 -12.01 0.49
C GLY D 269 -11.51 -12.30 -0.49
N VAL D 270 -11.23 -12.48 -1.78
CA VAL D 270 -12.21 -13.04 -2.69
C VAL D 270 -12.22 -14.55 -2.55
N ASN D 271 -13.40 -15.11 -2.23
CA ASN D 271 -13.58 -16.55 -2.10
C ASN D 271 -14.64 -17.07 -3.06
N ASP D 272 -14.91 -16.33 -4.13
CA ASP D 272 -15.91 -16.68 -5.12
C ASP D 272 -15.36 -16.39 -6.51
N PHE D 273 -15.40 -17.38 -7.40
CA PHE D 273 -14.84 -17.19 -8.73
C PHE D 273 -15.81 -17.75 -9.77
N HIS D 274 -16.00 -16.98 -10.85
CA HIS D 274 -16.82 -17.35 -12.01
C HIS D 274 -15.89 -17.44 -13.22
N PHE D 275 -15.74 -18.63 -13.80
CA PHE D 275 -14.83 -18.84 -14.91
C PHE D 275 -15.56 -18.81 -16.26
N TYR D 276 -15.05 -18.01 -17.19
CA TYR D 276 -15.47 -18.03 -18.58
C TYR D 276 -14.68 -19.12 -19.28
N THR D 277 -15.22 -20.34 -19.26
CA THR D 277 -14.46 -21.49 -19.75
C THR D 277 -14.35 -21.52 -21.26
N LEU D 278 -15.19 -20.78 -21.98
CA LEU D 278 -15.29 -20.87 -23.44
C LEU D 278 -15.31 -22.34 -23.85
N ASN D 279 -15.98 -23.15 -23.03
CA ASN D 279 -16.30 -24.55 -23.24
C ASN D 279 -15.06 -25.46 -23.20
N ARG D 280 -13.87 -24.93 -22.91
CA ARG D 280 -12.69 -25.75 -22.65
C ARG D 280 -12.54 -25.95 -21.14
N SER D 281 -11.81 -27.01 -20.76
CA SER D 281 -11.65 -27.31 -19.34
C SER D 281 -10.22 -27.24 -18.81
N GLU D 282 -9.20 -27.13 -19.68
CA GLU D 282 -7.82 -27.30 -19.22
C GLU D 282 -7.46 -26.27 -18.15
N LEU D 283 -7.56 -24.98 -18.49
CA LEU D 283 -7.11 -23.93 -17.58
C LEU D 283 -8.03 -23.79 -16.38
N THR D 284 -9.35 -23.90 -16.55
CA THR D 284 -10.23 -23.73 -15.40
C THR D 284 -9.99 -24.82 -14.35
N TYR D 285 -9.78 -26.07 -14.80
CA TYR D 285 -9.51 -27.17 -13.85
C TYR D 285 -8.21 -26.92 -13.06
N ALA D 286 -7.17 -26.45 -13.75
CA ALA D 286 -5.88 -26.26 -13.09
C ALA D 286 -5.90 -25.06 -12.15
N ILE D 287 -6.53 -23.94 -12.57
CA ILE D 287 -6.69 -22.78 -11.68
C ILE D 287 -7.49 -23.16 -10.44
N CYS D 288 -8.60 -23.87 -10.62
CA CYS D 288 -9.32 -24.35 -9.45
C CYS D 288 -8.44 -25.23 -8.59
N HIS D 289 -7.69 -26.14 -9.24
CA HIS D 289 -6.79 -27.03 -8.51
C HIS D 289 -5.81 -26.25 -7.65
N MET D 290 -5.18 -25.22 -8.23
CA MET D 290 -4.28 -24.38 -7.46
C MET D 290 -5.00 -23.58 -6.40
N LEU D 291 -6.32 -23.42 -6.50
CA LEU D 291 -7.11 -22.77 -5.47
C LEU D 291 -7.48 -23.72 -4.33
N GLY D 292 -7.14 -25.00 -4.44
CA GLY D 292 -7.60 -25.97 -3.49
C GLY D 292 -8.96 -26.54 -3.81
N VAL D 293 -9.56 -26.12 -4.92
CA VAL D 293 -10.83 -26.68 -5.38
C VAL D 293 -10.48 -27.92 -6.20
N ARG D 294 -10.58 -29.09 -5.57
CA ARG D 294 -10.10 -30.34 -6.14
C ARG D 294 -11.07 -31.45 -5.78
N PRO D 295 -11.21 -32.47 -6.65
CA PRO D 295 -12.12 -33.62 -6.51
C PRO D 295 -12.56 -33.96 -5.09
N ASN E 2 -13.28 6.41 2.68
CA ASN E 2 -12.14 6.04 3.51
C ASN E 2 -12.56 5.58 4.89
N ALA E 3 -13.59 6.23 5.47
CA ALA E 3 -14.14 5.74 6.72
C ALA E 3 -14.92 4.45 6.51
N MET E 4 -15.42 4.22 5.29
CA MET E 4 -15.96 2.90 4.94
C MET E 4 -14.88 1.82 5.07
N SER E 5 -13.69 2.09 4.52
CA SER E 5 -12.60 1.12 4.60
C SER E 5 -12.09 0.94 6.03
N TYR E 6 -11.94 2.03 6.79
CA TYR E 6 -11.52 1.94 8.18
C TYR E 6 -12.48 1.09 9.00
N ALA E 7 -13.78 1.30 8.83
CA ALA E 7 -14.78 0.54 9.57
C ALA E 7 -14.63 -0.96 9.33
N LYS E 8 -14.45 -1.36 8.06
CA LYS E 8 -14.41 -2.78 7.73
C LYS E 8 -13.10 -3.42 8.16
N GLU E 9 -11.99 -2.67 8.16
CA GLU E 9 -10.68 -3.22 8.55
C GLU E 9 -10.40 -3.13 10.04
N ILE E 10 -10.94 -2.13 10.74
CA ILE E 10 -10.81 -2.10 12.20
C ILE E 10 -11.57 -3.27 12.82
N ASP E 11 -12.58 -3.80 12.11
CA ASP E 11 -13.32 -4.98 12.50
C ASP E 11 -12.64 -6.28 12.03
N THR E 12 -12.05 -6.27 10.84
CA THR E 12 -11.34 -7.44 10.32
C THR E 12 -9.99 -7.62 10.99
N LEU E 13 -9.33 -6.50 11.32
CA LEU E 13 -8.15 -6.54 12.17
C LEU E 13 -8.46 -7.13 13.54
N ASN E 14 -9.67 -6.88 14.06
CA ASN E 14 -10.06 -7.33 15.40
C ASN E 14 -10.45 -8.81 15.43
N GLN E 15 -11.00 -9.35 14.33
CA GLN E 15 -11.32 -10.77 14.32
C GLN E 15 -10.07 -11.64 14.21
N HIS E 16 -9.02 -11.16 13.53
CA HIS E 16 -7.76 -11.91 13.51
C HIS E 16 -7.14 -11.97 14.91
N ILE E 17 -7.27 -10.89 15.67
CA ILE E 17 -6.65 -10.85 17.00
C ILE E 17 -7.32 -11.86 17.92
N ALA E 18 -8.64 -12.02 17.82
CA ALA E 18 -9.39 -12.92 18.68
C ALA E 18 -9.23 -14.39 18.31
N ASP E 19 -8.61 -14.71 17.18
CA ASP E 19 -8.32 -16.08 16.77
C ASP E 19 -6.84 -16.43 17.06
N LYS E 22 -2.02 -19.38 16.00
CA LYS E 22 -0.58 -19.32 16.23
C LYS E 22 -0.26 -18.58 17.53
N LYS E 23 0.69 -19.12 18.29
CA LYS E 23 0.99 -18.56 19.60
C LYS E 23 1.84 -17.30 19.48
N ILE E 24 1.46 -16.28 20.25
CA ILE E 24 2.23 -15.06 20.46
C ILE E 24 3.15 -15.28 21.63
N ASN E 25 4.38 -14.82 21.52
CA ASN E 25 5.33 -14.84 22.62
C ASN E 25 5.49 -13.42 23.15
N VAL E 26 5.44 -13.29 24.47
CA VAL E 26 5.66 -11.98 25.07
C VAL E 26 6.73 -12.12 26.13
N SER E 27 7.51 -11.05 26.28
CA SER E 27 8.49 -10.90 27.35
C SER E 27 8.30 -9.52 27.98
N PHE E 28 8.55 -9.43 29.30
CA PHE E 28 8.42 -8.20 30.08
C PHE E 28 9.77 -7.75 30.64
N GLU E 29 10.00 -6.44 30.64
CA GLU E 29 11.22 -5.84 31.16
C GLU E 29 10.95 -5.12 32.48
N PHE E 30 11.93 -5.18 33.40
CA PHE E 30 11.81 -4.62 34.74
C PHE E 30 13.08 -3.87 35.08
N PHE E 31 12.98 -2.89 35.96
CA PHE E 31 14.22 -2.23 36.36
C PHE E 31 14.41 -2.33 37.87
N PRO E 32 15.65 -2.35 38.34
CA PRO E 32 15.89 -2.42 39.80
C PRO E 32 15.33 -1.19 40.52
N PRO E 33 14.59 -1.40 41.60
CA PRO E 33 13.95 -0.28 42.29
C PRO E 33 14.85 0.32 43.36
N LYS E 34 14.60 1.60 43.63
CA LYS E 34 15.49 2.42 44.44
C LYS E 34 14.89 2.82 45.78
N ASN E 35 13.70 2.34 46.11
CA ASN E 35 13.10 2.57 47.43
C ASN E 35 11.99 1.55 47.66
N GLU E 36 11.45 1.54 48.88
CA GLU E 36 10.54 0.47 49.27
C GLU E 36 9.22 0.53 48.53
N LYS E 37 8.69 1.74 48.30
CA LYS E 37 7.47 1.88 47.51
C LYS E 37 7.64 1.23 46.13
N MET E 38 8.68 1.64 45.39
CA MET E 38 9.01 1.01 44.11
C MET E 38 9.19 -0.51 44.22
N GLU E 39 9.67 -1.00 45.36
CA GLU E 39 9.83 -2.44 45.51
C GLU E 39 8.49 -3.14 45.55
N THR E 40 7.50 -2.54 46.23
CA THR E 40 6.17 -3.15 46.33
C THR E 40 5.53 -3.27 44.95
N LEU E 41 5.66 -2.21 44.14
CA LEU E 41 5.06 -2.19 42.81
C LEU E 41 5.65 -3.29 41.93
N LEU E 42 6.98 -3.37 41.89
CA LEU E 42 7.68 -4.37 41.09
C LEU E 42 7.16 -5.77 41.37
N TRP E 43 7.13 -6.15 42.65
CA TRP E 43 6.75 -7.51 42.98
C TRP E 43 5.25 -7.75 42.86
N ASP E 44 4.44 -6.70 43.05
CA ASP E 44 3.03 -6.82 42.67
C ASP E 44 2.90 -7.08 41.17
N SER E 45 3.69 -6.36 40.37
CA SER E 45 3.64 -6.52 38.92
C SER E 45 4.03 -7.92 38.50
N ILE E 46 5.11 -8.44 39.09
CA ILE E 46 5.59 -9.77 38.73
C ILE E 46 4.52 -10.81 38.99
N HIS E 47 4.02 -10.84 40.22
CA HIS E 47 2.99 -11.82 40.54
C HIS E 47 1.69 -11.56 39.77
N ARG E 48 1.47 -10.34 39.30
CA ARG E 48 0.36 -10.11 38.39
C ARG E 48 0.65 -10.69 37.02
N LEU E 49 1.77 -10.29 36.41
CA LEU E 49 2.10 -10.70 35.05
C LEU E 49 2.57 -12.15 34.96
N LYS E 50 3.08 -12.73 36.05
CA LYS E 50 3.70 -14.06 36.01
C LYS E 50 2.79 -15.09 35.36
N VAL E 51 1.47 -14.92 35.52
CA VAL E 51 0.49 -15.92 35.11
C VAL E 51 0.26 -15.93 33.60
N LEU E 52 0.72 -14.91 32.89
CA LEU E 52 0.65 -14.89 31.44
C LEU E 52 1.65 -15.84 30.78
N LYS E 53 2.42 -16.59 31.57
CA LYS E 53 3.45 -17.52 31.06
C LYS E 53 4.26 -16.89 29.94
N PRO E 54 5.10 -15.89 30.22
CA PRO E 54 5.89 -15.24 29.16
C PRO E 54 7.16 -16.01 28.84
N LYS E 55 7.71 -15.72 27.66
CA LYS E 55 8.92 -16.40 27.20
C LYS E 55 10.08 -16.17 28.16
N PHE E 56 10.34 -14.92 28.51
CA PHE E 56 11.25 -14.59 29.60
C PHE E 56 10.83 -13.24 30.19
N VAL E 57 11.34 -12.92 31.37
CA VAL E 57 11.35 -11.54 31.84
C VAL E 57 12.80 -11.10 31.91
N SER E 58 13.02 -9.78 31.93
CA SER E 58 14.39 -9.26 31.98
C SER E 58 14.44 -8.08 32.94
N VAL E 59 15.65 -7.81 33.45
CA VAL E 59 15.89 -6.78 34.46
C VAL E 59 17.06 -5.92 33.99
N THR E 60 16.79 -4.64 33.69
CA THR E 60 17.84 -3.75 33.20
C THR E 60 18.98 -3.61 34.22
N TYR E 61 20.03 -2.90 33.80
CA TYR E 61 21.24 -2.76 34.62
C TYR E 61 21.89 -1.41 34.37
N GLY E 62 22.20 -0.67 35.45
CA GLY E 62 22.83 0.62 35.37
C GLY E 62 24.34 0.62 35.15
N ALA E 63 24.75 1.13 33.98
CA ALA E 63 26.12 0.97 33.50
C ALA E 63 27.14 1.34 34.58
N ASN E 64 27.21 2.62 34.94
CA ASN E 64 28.25 3.07 35.85
C ASN E 64 27.82 3.06 37.33
N SER E 65 26.55 2.78 37.63
CA SER E 65 26.12 2.78 39.03
C SER E 65 26.94 1.80 39.87
N GLY E 66 27.44 0.73 39.26
CA GLY E 66 28.09 -0.33 39.98
C GLY E 66 27.15 -1.28 40.68
N GLU E 67 25.85 -0.98 40.71
CA GLU E 67 24.88 -1.83 41.39
C GLU E 67 24.49 -3.01 40.53
N ARG E 68 25.49 -3.74 40.00
CA ARG E 68 25.21 -4.96 39.26
C ARG E 68 24.71 -6.07 40.16
N ASP E 69 24.97 -5.97 41.47
CA ASP E 69 24.41 -6.94 42.40
C ASP E 69 22.92 -6.68 42.61
N ARG E 70 22.48 -5.42 42.45
CA ARG E 70 21.05 -5.12 42.45
C ARG E 70 20.32 -5.91 41.37
N THR E 71 20.87 -5.90 40.15
CA THR E 71 20.26 -6.57 39.01
C THR E 71 20.43 -8.10 39.06
N HIS E 72 21.62 -8.59 39.46
CA HIS E 72 21.83 -10.02 39.62
C HIS E 72 20.79 -10.64 40.55
N GLY E 73 20.63 -10.07 41.76
CA GLY E 73 19.82 -10.72 42.77
C GLY E 73 18.36 -10.79 42.40
N ILE E 74 17.81 -9.69 41.86
CA ILE E 74 16.44 -9.70 41.38
C ILE E 74 16.19 -10.88 40.47
N VAL E 75 17.17 -11.19 39.61
CA VAL E 75 16.98 -12.19 38.57
C VAL E 75 16.81 -13.59 39.17
N LYS E 76 17.62 -13.95 40.16
CA LYS E 76 17.45 -15.26 40.76
C LYS E 76 16.32 -15.28 41.79
N ALA E 77 15.94 -14.13 42.34
CA ALA E 77 14.73 -14.09 43.14
C ALA E 77 13.51 -14.41 42.27
N ILE E 78 13.47 -13.87 41.05
CA ILE E 78 12.33 -14.12 40.16
C ILE E 78 12.18 -15.60 39.85
N LYS E 79 13.29 -16.30 39.63
CA LYS E 79 13.14 -17.72 39.33
C LYS E 79 12.97 -18.57 40.58
N GLN E 80 13.36 -18.05 41.76
CA GLN E 80 13.11 -18.80 42.99
C GLN E 80 11.67 -18.68 43.44
N GLU E 81 11.09 -17.48 43.35
CA GLU E 81 9.71 -17.23 43.79
C GLU E 81 8.66 -17.51 42.73
N THR E 82 9.00 -17.36 41.44
CA THR E 82 8.03 -17.55 40.37
C THR E 82 8.40 -18.63 39.36
N GLY E 83 9.65 -19.10 39.36
CA GLY E 83 10.05 -20.08 38.37
C GLY E 83 10.07 -19.58 36.95
N LEU E 84 10.07 -18.27 36.73
CA LEU E 84 10.13 -17.70 35.39
C LEU E 84 11.57 -17.54 34.92
N GLU E 85 11.76 -17.52 33.60
CA GLU E 85 13.06 -17.35 32.98
C GLU E 85 13.42 -15.88 33.05
N ALA E 86 14.27 -15.52 34.00
CA ALA E 86 14.71 -14.15 34.15
C ALA E 86 16.04 -13.97 33.44
N ALA E 87 16.18 -12.82 32.78
CA ALA E 87 17.35 -12.49 31.98
C ALA E 87 17.97 -11.20 32.50
N PRO E 88 19.20 -11.22 33.00
CA PRO E 88 19.85 -9.97 33.36
C PRO E 88 20.29 -9.21 32.12
N HIS E 89 20.14 -7.90 32.16
CA HIS E 89 20.81 -7.03 31.21
C HIS E 89 22.26 -6.85 31.63
N LEU E 90 23.19 -6.98 30.67
CA LEU E 90 24.61 -6.85 30.93
C LEU E 90 25.19 -5.84 29.95
N THR E 91 25.74 -4.74 30.45
CA THR E 91 26.53 -3.88 29.58
C THR E 91 28.02 -4.18 29.72
N GLY E 92 28.78 -3.71 28.75
CA GLY E 92 30.20 -4.01 28.69
C GLY E 92 31.16 -2.88 29.04
N ILE E 93 30.87 -1.65 28.60
CA ILE E 93 31.90 -0.61 28.48
C ILE E 93 32.30 0.00 29.83
N ASP E 94 31.98 -0.67 30.92
CA ASP E 94 32.34 -0.23 32.26
C ASP E 94 33.14 -1.26 33.04
N ALA E 95 33.33 -2.46 32.48
CA ALA E 95 34.08 -3.54 33.11
C ALA E 95 35.27 -3.91 32.23
N THR E 96 36.29 -4.48 32.89
CA THR E 96 37.37 -5.13 32.17
C THR E 96 36.86 -6.45 31.57
N PRO E 97 37.49 -6.92 30.48
CA PRO E 97 36.94 -8.12 29.81
C PRO E 97 37.00 -9.39 30.65
N GLU E 98 37.99 -9.56 31.53
CA GLU E 98 37.97 -10.73 32.39
C GLU E 98 36.91 -10.60 33.49
N GLU E 99 36.69 -9.38 33.99
CA GLU E 99 35.61 -9.14 34.94
C GLU E 99 34.29 -9.67 34.40
N LEU E 100 34.04 -9.46 33.10
CA LEU E 100 32.79 -9.90 32.48
C LEU E 100 32.69 -11.41 32.38
N LYS E 101 33.80 -12.08 32.08
CA LYS E 101 33.76 -13.54 31.95
C LYS E 101 33.29 -14.18 33.26
N GLN E 102 33.70 -13.62 34.41
CA GLN E 102 33.30 -14.19 35.69
C GLN E 102 31.85 -13.88 36.01
N ILE E 103 31.38 -12.68 35.67
CA ILE E 103 29.94 -12.42 35.79
C ILE E 103 29.13 -13.45 35.01
N ALA E 104 29.63 -13.85 33.83
CA ALA E 104 28.91 -14.83 33.01
C ALA E 104 28.98 -16.24 33.62
N ARG E 105 30.14 -16.63 34.19
CA ARG E 105 30.24 -17.94 34.84
C ARG E 105 29.31 -18.01 36.04
N ASP E 106 29.18 -16.91 36.79
CA ASP E 106 28.27 -16.86 37.92
C ASP E 106 26.83 -16.98 37.45
N TYR E 107 26.43 -16.17 36.45
CA TYR E 107 25.10 -16.28 35.88
C TYR E 107 24.80 -17.71 35.44
N TRP E 108 25.75 -18.35 34.74
CA TRP E 108 25.46 -19.66 34.16
C TRP E 108 25.37 -20.75 35.24
N ASP E 109 26.27 -20.74 36.21
CA ASP E 109 26.17 -21.68 37.33
C ASP E 109 25.08 -21.26 38.32
N SER E 110 24.26 -20.28 37.94
CA SER E 110 23.11 -19.82 38.71
C SER E 110 21.79 -20.26 38.11
N GLY E 111 21.80 -20.82 36.89
CA GLY E 111 20.61 -21.26 36.20
C GLY E 111 20.21 -20.39 35.04
N ILE E 112 20.70 -19.15 35.00
CA ILE E 112 20.42 -18.21 33.92
C ILE E 112 20.89 -18.75 32.58
N ARG E 113 20.02 -18.70 31.59
CA ARG E 113 20.38 -19.12 30.24
C ARG E 113 20.17 -18.03 29.21
N ARG E 114 19.76 -16.83 29.63
CA ARG E 114 19.49 -15.75 28.69
C ARG E 114 20.02 -14.45 29.26
N ILE E 115 20.77 -13.72 28.42
CA ILE E 115 21.36 -12.45 28.78
C ILE E 115 21.01 -11.45 27.68
N VAL E 116 20.69 -10.23 28.08
CA VAL E 116 20.45 -9.13 27.17
C VAL E 116 21.74 -8.32 27.16
N ALA E 117 22.53 -8.45 26.10
CA ALA E 117 23.89 -7.90 26.06
C ALA E 117 23.90 -6.56 25.34
N LEU E 118 24.34 -5.51 26.04
CA LEU E 118 24.35 -4.15 25.51
C LEU E 118 25.71 -3.52 25.73
N ARG E 119 26.05 -2.53 24.90
CA ARG E 119 27.30 -1.82 25.12
C ARG E 119 27.19 -0.92 26.34
N GLY E 120 26.02 -0.35 26.58
CA GLY E 120 25.88 0.75 27.50
C GLY E 120 26.55 1.99 26.94
N ASP E 121 26.42 3.07 27.70
CA ASP E 121 27.10 4.32 27.40
C ASP E 121 28.03 4.66 28.53
N GLU E 122 29.22 5.11 28.19
CA GLU E 122 30.08 5.65 29.21
C GLU E 122 29.60 7.04 29.60
N PRO E 123 29.98 7.51 30.80
CA PRO E 123 29.70 8.91 31.16
C PRO E 123 30.44 9.85 30.22
N LYS E 124 29.79 10.95 29.84
CA LYS E 124 30.30 11.74 28.72
C LYS E 124 31.58 12.48 29.05
N GLY E 125 32.06 12.43 30.29
CA GLY E 125 33.41 12.90 30.56
C GLY E 125 34.46 12.02 29.92
N TYR E 126 34.22 10.72 29.88
CA TYR E 126 35.20 9.73 29.45
C TYR E 126 35.16 9.57 27.94
N ALA E 127 36.34 9.32 27.36
CA ALA E 127 36.44 9.09 25.93
C ALA E 127 35.94 7.68 25.59
N LYS E 128 35.58 7.49 24.32
CA LYS E 128 35.01 6.21 23.87
C LYS E 128 36.07 5.13 23.82
N LYS E 129 35.64 3.89 24.14
CA LYS E 129 36.52 2.73 24.16
C LYS E 129 36.18 1.80 23.00
N PRO E 130 37.19 1.09 22.42
CA PRO E 130 36.95 0.33 21.19
C PRO E 130 36.27 -1.00 21.43
N PHE E 131 35.25 -0.98 22.28
CA PHE E 131 34.57 -2.17 22.76
C PHE E 131 33.09 -1.95 22.57
N TYR E 132 32.45 -2.83 21.79
CA TYR E 132 31.05 -2.69 21.41
C TYR E 132 30.27 -3.90 21.87
N ALA E 133 28.99 -3.91 21.56
CA ALA E 133 28.14 -5.02 22.01
C ALA E 133 28.52 -6.32 21.34
N SER E 134 28.91 -6.25 20.07
CA SER E 134 29.38 -7.44 19.39
C SER E 134 30.48 -8.11 20.19
N ASP E 135 31.42 -7.31 20.70
CA ASP E 135 32.51 -7.84 21.53
C ASP E 135 31.97 -8.51 22.80
N LEU E 136 30.92 -7.94 23.41
CA LEU E 136 30.29 -8.58 24.55
C LEU E 136 29.59 -9.88 24.16
N VAL E 137 28.94 -9.89 22.97
CA VAL E 137 28.33 -11.13 22.48
C VAL E 137 29.38 -12.21 22.31
N GLU E 138 30.50 -11.84 21.67
CA GLU E 138 31.60 -12.78 21.44
C GLU E 138 32.12 -13.32 22.75
N LEU E 139 32.31 -12.43 23.73
CA LEU E 139 32.82 -12.84 25.04
C LEU E 139 31.85 -13.82 25.70
N LEU E 140 30.58 -13.45 25.79
CA LEU E 140 29.58 -14.31 26.43
C LEU E 140 29.53 -15.68 25.77
N ARG E 141 29.51 -15.71 24.42
CA ARG E 141 29.54 -16.98 23.70
C ARG E 141 30.77 -17.81 24.07
N SER E 142 31.87 -17.17 24.44
CA SER E 142 33.07 -17.92 24.79
C SER E 142 33.02 -18.48 26.20
N VAL E 143 32.13 -17.97 27.05
CA VAL E 143 32.01 -18.44 28.42
C VAL E 143 31.04 -19.61 28.53
N ALA E 144 29.87 -19.54 27.88
CA ALA E 144 28.90 -20.62 27.92
C ALA E 144 27.89 -20.46 26.79
N ASP E 145 26.90 -21.36 26.76
CA ASP E 145 25.91 -21.45 25.68
C ASP E 145 24.68 -20.59 26.01
N PHE E 146 24.87 -19.28 25.96
CA PHE E 146 23.83 -18.31 26.33
C PHE E 146 22.94 -17.96 25.14
N ASP E 147 21.63 -18.04 25.35
CA ASP E 147 20.69 -17.23 24.59
C ASP E 147 20.99 -15.76 24.86
N ILE E 148 21.20 -14.98 23.81
CA ILE E 148 21.67 -13.61 23.96
C ILE E 148 20.79 -12.70 23.12
N SER E 149 20.09 -11.80 23.77
CA SER E 149 19.28 -10.80 23.07
C SER E 149 20.12 -9.55 22.94
N VAL E 150 19.97 -8.86 21.83
CA VAL E 150 20.70 -7.61 21.62
C VAL E 150 19.74 -6.53 21.12
N ALA E 151 20.14 -5.29 21.36
CA ALA E 151 19.35 -4.13 20.97
C ALA E 151 19.37 -3.90 19.45
N ALA E 152 18.21 -3.49 18.91
CA ALA E 152 18.07 -2.96 17.56
C ALA E 152 17.48 -1.56 17.61
N TYR E 153 17.72 -0.77 16.55
CA TYR E 153 17.33 0.64 16.53
C TYR E 153 16.64 1.00 15.21
N PRO E 154 15.30 0.86 15.16
CA PRO E 154 14.59 1.08 13.90
C PRO E 154 14.70 2.49 13.37
N GLU E 155 15.08 3.45 14.20
CA GLU E 155 15.21 4.84 13.78
C GLU E 155 16.68 5.27 13.75
N VAL E 156 17.58 4.28 13.80
CA VAL E 156 19.03 4.43 13.80
C VAL E 156 19.51 5.00 15.13
N HIS E 157 20.45 4.29 15.75
CA HIS E 157 21.08 4.73 16.99
C HIS E 157 21.68 6.13 16.78
N PRO E 158 21.64 6.99 17.81
CA PRO E 158 22.11 8.38 17.62
C PRO E 158 23.61 8.53 17.45
N GLU E 159 24.41 7.56 17.90
CA GLU E 159 25.86 7.65 17.75
C GLU E 159 26.40 6.99 16.48
N ALA E 160 25.55 6.29 15.71
CA ALA E 160 25.95 5.47 14.57
C ALA E 160 26.42 6.31 13.38
N LYS E 161 27.25 5.69 12.54
CA LYS E 161 27.90 6.41 11.44
C LYS E 161 26.89 6.75 10.35
N SER E 162 25.87 5.91 10.17
CA SER E 162 24.97 5.99 9.04
C SER E 162 23.89 4.95 9.29
N ALA E 163 22.76 5.09 8.61
CA ALA E 163 21.75 4.07 8.80
C ALA E 163 22.25 2.72 8.29
N GLN E 164 23.11 2.73 7.26
CA GLN E 164 23.70 1.48 6.76
C GLN E 164 24.68 0.87 7.77
N ALA E 165 25.54 1.69 8.38
CA ALA E 165 26.47 1.12 9.37
C ALA E 165 25.73 0.50 10.55
N ASP E 166 24.65 1.14 11.01
CA ASP E 166 23.95 0.62 12.17
C ASP E 166 23.25 -0.70 11.85
N LEU E 167 22.65 -0.81 10.66
CA LEU E 167 22.11 -2.11 10.24
C LEU E 167 23.22 -3.15 10.10
N ILE E 168 24.35 -2.75 9.49
CA ILE E 168 25.49 -3.66 9.42
C ILE E 168 25.90 -4.09 10.82
N ASN E 169 25.78 -3.19 11.80
CA ASN E 169 26.17 -3.54 13.16
C ASN E 169 25.27 -4.61 13.75
N LEU E 170 23.96 -4.54 13.48
CA LEU E 170 23.04 -5.53 14.02
C LEU E 170 23.40 -6.93 13.52
N LYS E 171 23.65 -7.07 12.20
CA LYS E 171 24.01 -8.37 11.67
C LYS E 171 25.29 -8.89 12.31
N ARG E 172 26.22 -7.98 12.63
CA ARG E 172 27.46 -8.38 13.28
C ARG E 172 27.18 -8.99 14.66
N LYS E 173 26.22 -8.41 15.41
CA LYS E 173 25.85 -8.98 16.71
C LYS E 173 25.26 -10.37 16.57
N ILE E 174 24.41 -10.59 15.55
CA ILE E 174 23.87 -11.93 15.32
C ILE E 174 24.98 -12.90 14.95
N ASP E 175 25.86 -12.49 14.03
CA ASP E 175 26.98 -13.32 13.62
C ASP E 175 27.91 -13.68 14.79
N ALA E 176 28.03 -12.79 15.77
CA ALA E 176 28.83 -13.07 16.95
C ALA E 176 28.20 -14.13 17.87
N GLY E 177 26.89 -14.35 17.81
CA GLY E 177 26.26 -15.37 18.63
C GLY E 177 25.03 -14.92 19.42
N ALA E 178 24.45 -13.79 19.02
CA ALA E 178 23.16 -13.36 19.53
C ALA E 178 22.05 -13.95 18.66
N ASN E 179 20.93 -14.33 19.32
CA ASN E 179 19.85 -15.05 18.66
C ASN E 179 18.48 -14.46 19.02
N HIS E 180 18.43 -13.19 19.36
CA HIS E 180 17.17 -12.58 19.73
C HIS E 180 17.36 -11.08 19.68
N VAL E 181 16.45 -10.38 19.02
CA VAL E 181 16.60 -8.96 18.77
C VAL E 181 15.42 -8.24 19.40
N ILE E 182 15.70 -7.15 20.10
CA ILE E 182 14.67 -6.32 20.73
C ILE E 182 14.90 -4.88 20.32
N THR E 183 13.83 -4.21 19.89
CA THR E 183 14.00 -2.86 19.36
C THR E 183 13.88 -1.84 20.47
N GLN E 184 14.52 -0.69 20.25
CA GLN E 184 14.15 0.54 20.94
C GLN E 184 12.65 0.78 20.75
N PHE E 185 12.03 1.44 21.71
CA PHE E 185 10.62 1.74 21.48
C PHE E 185 10.47 2.72 20.31
N PHE E 186 9.24 2.84 19.81
CA PHE E 186 8.97 3.63 18.62
C PHE E 186 7.47 3.93 18.54
N PHE E 187 7.12 5.01 17.86
CA PHE E 187 5.71 5.30 17.59
C PHE E 187 5.41 5.37 16.10
N ASP E 188 6.36 5.03 15.24
CA ASP E 188 6.18 5.02 13.78
C ASP E 188 6.16 3.55 13.34
N ILE E 189 4.95 3.00 13.21
CA ILE E 189 4.81 1.62 12.78
C ILE E 189 5.41 1.44 11.39
N GLU E 190 5.10 2.35 10.46
CA GLU E 190 5.62 2.21 9.10
C GLU E 190 7.13 2.14 9.11
N ASN E 191 7.78 2.94 9.95
CA ASN E 191 9.24 2.93 9.97
C ASN E 191 9.78 1.61 10.52
N TYR E 192 9.10 1.03 11.52
CA TYR E 192 9.56 -0.22 12.08
C TYR E 192 9.43 -1.35 11.06
N LEU E 193 8.32 -1.40 10.32
CA LEU E 193 8.14 -2.43 9.30
C LEU E 193 9.18 -2.30 8.19
N ARG E 194 9.46 -1.08 7.74
CA ARG E 194 10.53 -0.85 6.76
C ARG E 194 11.85 -1.41 7.26
N PHE E 195 12.25 -1.01 8.47
CA PHE E 195 13.48 -1.54 9.06
C PHE E 195 13.39 -3.05 9.24
N ARG E 196 12.22 -3.56 9.64
CA ARG E 196 12.09 -5.00 9.81
C ARG E 196 12.32 -5.74 8.50
N ASP E 197 11.82 -5.19 7.37
CA ASP E 197 12.10 -5.76 6.06
C ASP E 197 13.58 -5.65 5.71
N ARG E 198 14.23 -4.54 6.04
CA ARG E 198 15.67 -4.40 5.84
C ARG E 198 16.45 -5.53 6.50
N CYS E 199 16.11 -5.84 7.76
CA CYS E 199 16.86 -6.85 8.49
C CYS E 199 16.74 -8.22 7.82
N ALA E 200 15.58 -8.52 7.23
CA ALA E 200 15.45 -9.79 6.52
C ALA E 200 16.14 -9.74 5.16
N SER E 201 16.33 -8.54 4.59
CA SER E 201 17.04 -8.40 3.33
C SER E 201 18.52 -8.77 3.46
N ILE E 202 19.17 -8.25 4.51
CA ILE E 202 20.59 -8.54 4.71
C ILE E 202 20.86 -9.89 5.35
N GLY E 203 19.84 -10.63 5.74
CA GLY E 203 20.04 -12.00 6.16
C GLY E 203 19.94 -12.29 7.65
N ILE E 204 19.28 -11.44 8.41
CA ILE E 204 18.96 -11.73 9.82
C ILE E 204 17.71 -12.61 9.84
N ASP E 205 17.83 -13.81 10.39
CA ASP E 205 16.71 -14.76 10.36
C ASP E 205 15.75 -14.56 11.52
N THR E 206 16.26 -14.25 12.71
CA THR E 206 15.36 -14.12 13.85
C THR E 206 14.46 -12.90 13.69
N GLU E 207 13.38 -12.91 14.45
CA GLU E 207 12.41 -11.81 14.45
C GLU E 207 13.00 -10.57 15.10
N ILE E 208 12.77 -9.42 14.45
CA ILE E 208 13.03 -8.12 15.06
C ILE E 208 11.90 -7.81 16.04
N VAL E 209 12.00 -8.31 17.26
CA VAL E 209 10.93 -8.17 18.25
C VAL E 209 10.75 -6.69 18.63
N PRO E 210 9.55 -6.12 18.45
CA PRO E 210 9.33 -4.72 18.86
C PRO E 210 9.26 -4.54 20.38
N GLY E 211 9.93 -3.49 20.85
CA GLY E 211 9.80 -3.01 22.20
C GLY E 211 8.61 -2.07 22.37
N ILE E 212 7.63 -2.50 23.16
CA ILE E 212 6.40 -1.73 23.41
C ILE E 212 6.58 -0.92 24.69
N LEU E 213 6.54 0.42 24.57
CA LEU E 213 6.54 1.31 25.73
C LEU E 213 5.15 1.87 25.96
N PRO E 214 4.29 1.22 26.77
CA PRO E 214 2.98 1.82 27.08
C PRO E 214 3.17 3.15 27.80
N VAL E 215 2.58 4.21 27.23
CA VAL E 215 2.88 5.59 27.61
C VAL E 215 1.90 6.00 28.70
N THR E 216 2.34 5.88 29.95
CA THR E 216 1.52 6.20 31.11
C THR E 216 1.80 7.57 31.67
N ASN E 217 3.03 8.03 31.54
CA ASN E 217 3.44 9.36 31.99
C ASN E 217 4.13 10.02 30.81
N PHE E 218 3.52 11.07 30.27
CA PHE E 218 4.07 11.66 29.06
C PHE E 218 5.24 12.60 29.33
N LYS E 219 5.40 13.13 30.54
CA LYS E 219 6.59 13.90 30.80
C LYS E 219 7.81 13.00 30.97
N GLN E 220 7.61 11.84 31.61
CA GLN E 220 8.65 10.81 31.66
C GLN E 220 9.07 10.38 30.26
N LEU E 221 8.10 10.10 29.39
CA LEU E 221 8.41 9.67 28.02
C LEU E 221 9.20 10.71 27.25
N GLN E 222 8.95 12.00 27.48
CA GLN E 222 9.63 13.01 26.69
C GLN E 222 11.11 13.10 27.04
N LYS E 223 11.47 12.77 28.28
CA LYS E 223 12.87 12.74 28.67
C LYS E 223 13.53 11.41 28.30
N MET E 224 12.77 10.31 28.23
CA MET E 224 13.33 9.10 27.67
C MET E 224 13.54 9.22 26.18
N ALA E 225 12.75 10.07 25.51
CA ALA E 225 12.88 10.25 24.06
C ALA E 225 13.95 11.27 23.70
N SER E 226 14.46 12.02 24.67
CA SER E 226 15.60 12.90 24.41
C SER E 226 16.91 12.12 24.40
N PHE E 227 17.02 11.11 25.28
CA PHE E 227 18.23 10.27 25.29
C PHE E 227 18.32 9.44 24.02
N THR E 228 17.18 9.05 23.44
CA THR E 228 17.13 7.98 22.46
C THR E 228 17.01 8.44 21.02
N ASN E 229 16.68 9.70 20.76
CA ASN E 229 16.49 10.17 19.38
C ASN E 229 15.26 9.49 18.73
N VAL E 230 14.23 9.18 19.54
CA VAL E 230 12.99 8.58 19.05
C VAL E 230 11.98 9.68 18.74
N LYS E 231 11.34 9.57 17.58
CA LYS E 231 10.36 10.56 17.13
C LYS E 231 9.08 10.43 17.93
N ILE E 232 8.64 11.50 18.58
CA ILE E 232 7.33 11.55 19.21
C ILE E 232 6.38 12.26 18.24
N PRO E 233 5.36 11.59 17.72
CA PRO E 233 4.49 12.23 16.73
C PRO E 233 3.75 13.41 17.34
N ALA E 234 3.44 14.37 16.47
CA ALA E 234 2.60 15.50 16.85
C ALA E 234 1.30 15.03 17.51
N TRP E 235 0.65 14.02 16.92
CA TRP E 235 -0.64 13.59 17.44
C TRP E 235 -0.51 12.98 18.83
N LEU E 236 0.65 12.41 19.15
CA LEU E 236 0.83 11.83 20.48
C LEU E 236 0.92 12.93 21.53
N VAL E 237 1.56 14.04 21.17
CA VAL E 237 1.67 15.17 22.08
C VAL E 237 0.31 15.78 22.35
N LYS E 238 -0.52 15.96 21.30
CA LYS E 238 -1.84 16.54 21.51
C LYS E 238 -2.76 15.60 22.29
N ALA E 239 -2.53 14.30 22.21
CA ALA E 239 -3.30 13.34 22.99
C ALA E 239 -3.01 13.39 24.49
N TYR E 240 -1.93 14.06 24.90
CA TYR E 240 -1.55 14.11 26.32
C TYR E 240 -1.53 15.51 26.88
N ASP E 241 -1.63 16.53 26.03
CA ASP E 241 -1.80 17.90 26.46
C ASP E 241 -2.93 17.96 27.48
N GLY E 242 -2.73 18.73 28.55
CA GLY E 242 -3.76 18.92 29.55
C GLY E 242 -3.94 17.77 30.52
N LEU E 243 -3.19 16.69 30.38
CA LEU E 243 -3.43 15.47 31.14
C LEU E 243 -2.41 15.23 32.23
N ASP E 244 -1.60 16.25 32.56
CA ASP E 244 -0.52 16.02 33.51
C ASP E 244 -1.04 15.63 34.89
N ASN E 245 -2.25 16.07 35.25
CA ASN E 245 -2.82 15.80 36.58
C ASN E 245 -3.92 14.73 36.59
N ASP E 246 -4.06 13.96 35.51
CA ASP E 246 -5.15 13.01 35.35
C ASP E 246 -4.56 11.65 34.98
N PRO E 247 -4.20 10.82 35.96
CA PRO E 247 -3.64 9.51 35.62
C PRO E 247 -4.65 8.61 34.95
N THR E 248 -5.92 8.72 35.33
CA THR E 248 -6.93 7.81 34.79
C THR E 248 -7.11 8.01 33.29
N THR E 249 -7.21 9.27 32.83
CA THR E 249 -7.35 9.50 31.40
C THR E 249 -6.07 9.15 30.64
N ARG E 250 -4.91 9.32 31.28
CA ARG E 250 -3.64 8.95 30.67
C ARG E 250 -3.58 7.44 30.42
N ASN E 251 -4.06 6.64 31.38
CA ASN E 251 -4.02 5.20 31.17
C ASN E 251 -4.98 4.81 30.05
N LEU E 252 -6.20 5.38 30.04
CA LEU E 252 -7.15 5.12 28.95
C LEU E 252 -6.58 5.53 27.59
N VAL E 253 -5.96 6.71 27.52
CA VAL E 253 -5.33 7.09 26.27
C VAL E 253 -4.23 6.09 25.91
N ALA E 254 -3.47 5.63 26.90
CA ALA E 254 -2.35 4.73 26.65
C ALA E 254 -2.84 3.39 26.08
N ALA E 255 -3.94 2.86 26.61
CA ALA E 255 -4.45 1.59 26.11
C ALA E 255 -4.82 1.70 24.65
N SER E 256 -5.53 2.79 24.26
CA SER E 256 -5.88 2.97 22.87
C SER E 256 -4.63 3.06 22.00
N VAL E 257 -3.59 3.75 22.46
CA VAL E 257 -2.41 3.91 21.63
C VAL E 257 -1.68 2.59 21.49
N ALA E 258 -1.46 1.91 22.62
CA ALA E 258 -0.70 0.67 22.59
C ALA E 258 -1.44 -0.41 21.81
N MET E 259 -2.75 -0.55 22.02
CA MET E 259 -3.50 -1.58 21.31
C MET E 259 -3.69 -1.24 19.83
N ASP E 260 -3.66 0.03 19.44
CA ASP E 260 -3.55 0.36 18.02
C ASP E 260 -2.26 -0.19 17.44
N MET E 261 -1.13 0.09 18.12
CA MET E 261 0.20 -0.33 17.67
C MET E 261 0.31 -1.85 17.59
N VAL E 262 -0.09 -2.53 18.65
CA VAL E 262 0.02 -3.98 18.71
C VAL E 262 -0.90 -4.65 17.68
N LYS E 263 -2.09 -4.09 17.44
CA LYS E 263 -2.99 -4.67 16.44
C LYS E 263 -2.40 -4.56 15.04
N ILE E 264 -1.78 -3.44 14.71
CA ILE E 264 -1.19 -3.32 13.39
C ILE E 264 0.00 -4.26 13.25
N LEU E 265 0.86 -4.30 14.27
CA LEU E 265 2.03 -5.17 14.20
C LEU E 265 1.61 -6.63 14.02
N SER E 266 0.61 -7.07 14.78
CA SER E 266 0.20 -8.48 14.74
C SER E 266 -0.34 -8.85 13.37
N ARG E 267 -1.09 -7.93 12.74
CA ARG E 267 -1.62 -8.18 11.40
C ARG E 267 -0.48 -8.34 10.39
N GLU E 268 0.58 -7.54 10.55
CA GLU E 268 1.71 -7.57 9.65
C GLU E 268 2.69 -8.69 9.97
N GLY E 269 2.29 -9.69 10.74
CA GLY E 269 3.09 -10.87 10.95
C GLY E 269 3.90 -10.92 12.22
N VAL E 270 3.88 -9.88 13.05
CA VAL E 270 4.67 -9.88 14.28
C VAL E 270 3.96 -10.70 15.35
N ASN E 271 4.62 -11.75 15.84
CA ASN E 271 4.07 -12.62 16.88
C ASN E 271 4.91 -12.60 18.15
N ASP E 272 5.67 -11.53 18.37
CA ASP E 272 6.64 -11.45 19.45
C ASP E 272 6.68 -10.04 20.00
N PHE E 273 6.51 -9.89 21.32
CA PHE E 273 6.40 -8.56 21.87
C PHE E 273 7.23 -8.44 23.13
N HIS E 274 8.09 -7.43 23.18
CA HIS E 274 8.83 -7.09 24.38
C HIS E 274 8.22 -5.82 24.97
N PHE E 275 7.72 -5.93 26.22
CA PHE E 275 7.01 -4.85 26.90
C PHE E 275 7.91 -4.19 27.94
N TYR E 276 8.19 -2.91 27.73
CA TYR E 276 8.82 -2.05 28.73
C TYR E 276 7.76 -1.69 29.77
N THR E 277 7.67 -2.50 30.82
CA THR E 277 6.59 -2.35 31.79
C THR E 277 6.82 -1.23 32.81
N LEU E 278 8.08 -0.82 33.03
CA LEU E 278 8.40 0.20 34.02
C LEU E 278 7.89 -0.21 35.41
N ASN E 279 7.81 -1.52 35.63
CA ASN E 279 7.45 -2.17 36.89
C ASN E 279 5.95 -2.07 37.19
N ARG E 280 5.13 -1.67 36.21
CA ARG E 280 3.69 -1.57 36.36
C ARG E 280 3.03 -2.64 35.48
N SER E 281 1.99 -3.28 36.01
CA SER E 281 1.40 -4.43 35.33
C SER E 281 0.13 -4.13 34.54
N GLU E 282 -0.62 -3.07 34.87
CA GLU E 282 -2.00 -2.96 34.37
C GLU E 282 -2.05 -2.88 32.85
N LEU E 283 -1.29 -1.96 32.26
CA LEU E 283 -1.34 -1.78 30.81
C LEU E 283 -0.76 -2.97 30.07
N THR E 284 0.21 -3.66 30.64
CA THR E 284 0.75 -4.81 29.95
C THR E 284 -0.19 -6.01 30.04
N TYR E 285 -0.78 -6.26 31.22
CA TYR E 285 -1.77 -7.32 31.34
C TYR E 285 -2.90 -7.13 30.35
N ALA E 286 -3.35 -5.87 30.17
CA ALA E 286 -4.45 -5.60 29.27
C ALA E 286 -4.03 -5.79 27.81
N ILE E 287 -2.89 -5.20 27.40
CA ILE E 287 -2.39 -5.42 26.05
C ILE E 287 -2.20 -6.90 25.80
N CYS E 288 -1.58 -7.62 26.75
CA CYS E 288 -1.40 -9.05 26.58
C CYS E 288 -2.74 -9.77 26.49
N HIS E 289 -3.72 -9.30 27.25
CA HIS E 289 -5.04 -9.93 27.25
C HIS E 289 -5.75 -9.75 25.92
N MET E 290 -5.60 -8.58 25.30
CA MET E 290 -6.21 -8.37 23.98
C MET E 290 -5.52 -9.18 22.91
N LEU E 291 -4.23 -9.49 23.06
CA LEU E 291 -3.59 -10.30 22.02
C LEU E 291 -3.96 -11.77 22.11
N GLY E 292 -4.71 -12.18 23.12
CA GLY E 292 -5.03 -13.57 23.35
C GLY E 292 -4.14 -14.24 24.36
N VAL E 293 -3.09 -13.55 24.81
CA VAL E 293 -2.17 -14.05 25.84
C VAL E 293 -2.89 -13.89 27.19
N ARG E 294 -3.37 -15.01 27.73
CA ARG E 294 -4.24 -14.98 28.90
C ARG E 294 -3.93 -16.17 29.80
N PRO E 295 -4.20 -16.06 31.12
CA PRO E 295 -3.83 -17.11 32.08
C PRO E 295 -4.26 -18.51 31.64
N ILE F 10 0.91 8.61 0.86
CA ILE F 10 0.82 9.91 0.22
C ILE F 10 0.39 10.97 1.23
N ASP F 11 -0.48 10.59 2.18
CA ASP F 11 -0.89 11.51 3.22
C ASP F 11 0.16 11.61 4.32
N THR F 12 0.81 10.50 4.66
CA THR F 12 1.98 10.49 5.54
C THR F 12 3.29 10.48 4.77
N LEU F 13 3.28 10.94 3.52
CA LEU F 13 4.50 11.25 2.79
C LEU F 13 4.83 12.75 2.83
N ASN F 14 3.80 13.60 2.75
CA ASN F 14 3.99 15.03 2.98
C ASN F 14 3.98 15.38 4.45
N GLN F 15 3.46 14.51 5.32
CA GLN F 15 3.53 14.70 6.76
C GLN F 15 4.76 14.07 7.40
N HIS F 16 5.38 13.08 6.72
CA HIS F 16 6.67 12.57 7.15
C HIS F 16 7.81 13.54 6.80
N ILE F 17 7.64 14.34 5.75
CA ILE F 17 8.63 15.37 5.43
C ILE F 17 8.51 16.55 6.39
N ALA F 18 7.28 16.89 6.79
CA ALA F 18 7.00 18.01 7.69
C ALA F 18 7.53 17.74 9.10
N LYS F 23 17.93 15.69 10.26
CA LYS F 23 19.09 16.27 9.58
C LYS F 23 19.38 15.61 8.22
N ILE F 24 19.39 16.43 7.17
CA ILE F 24 19.47 15.98 5.78
C ILE F 24 20.64 16.68 5.13
N ASN F 25 21.51 15.91 4.49
CA ASN F 25 22.69 16.43 3.82
C ASN F 25 22.46 16.50 2.32
N VAL F 26 22.82 17.62 1.72
CA VAL F 26 22.76 17.77 0.28
C VAL F 26 24.11 18.27 -0.22
N SER F 27 24.48 17.86 -1.43
CA SER F 27 25.66 18.34 -2.12
C SER F 27 25.28 18.67 -3.55
N PHE F 28 25.93 19.69 -4.11
CA PHE F 28 25.63 20.17 -5.45
C PHE F 28 26.85 19.96 -6.33
N GLU F 29 26.63 19.44 -7.53
CA GLU F 29 27.68 19.22 -8.51
C GLU F 29 27.53 20.26 -9.62
N PHE F 30 28.63 20.93 -9.97
CA PHE F 30 28.67 21.86 -11.08
C PHE F 30 29.65 21.36 -12.14
N PHE F 31 29.58 21.96 -13.33
CA PHE F 31 30.53 21.63 -14.39
C PHE F 31 31.20 22.91 -14.89
N PRO F 32 32.40 22.79 -15.43
CA PRO F 32 33.19 23.99 -15.76
C PRO F 32 32.65 24.69 -16.99
N PRO F 33 32.38 26.00 -16.90
CA PRO F 33 31.70 26.70 -17.98
C PRO F 33 32.53 26.77 -19.25
N LYS F 34 31.86 26.66 -20.40
CA LYS F 34 32.53 26.66 -21.68
C LYS F 34 32.54 28.02 -22.34
N ASN F 35 31.96 29.03 -21.69
CA ASN F 35 31.90 30.39 -22.23
C ASN F 35 31.31 31.28 -21.15
N GLU F 36 31.19 32.57 -21.47
CA GLU F 36 30.95 33.58 -20.46
C GLU F 36 29.50 33.58 -19.99
N LYS F 37 28.56 33.35 -20.91
CA LYS F 37 27.14 33.28 -20.52
C LYS F 37 26.89 32.14 -19.54
N MET F 38 27.51 30.99 -19.76
CA MET F 38 27.44 29.91 -18.79
C MET F 38 28.17 30.25 -17.50
N GLU F 39 29.18 31.13 -17.56
CA GLU F 39 29.86 31.53 -16.33
C GLU F 39 28.96 32.40 -15.45
N THR F 40 28.16 33.26 -16.08
CA THR F 40 27.18 34.03 -15.31
C THR F 40 26.13 33.11 -14.70
N LEU F 41 25.60 32.16 -15.48
CA LEU F 41 24.70 31.15 -14.94
C LEU F 41 25.27 30.47 -13.70
N LEU F 42 26.49 29.95 -13.81
CA LEU F 42 27.05 29.11 -12.76
C LEU F 42 27.22 29.87 -11.45
N TRP F 43 27.78 31.08 -11.51
CA TRP F 43 27.98 31.82 -10.27
C TRP F 43 26.67 32.36 -9.71
N ASP F 44 25.73 32.75 -10.57
CA ASP F 44 24.37 33.02 -10.09
C ASP F 44 23.83 31.83 -9.33
N SER F 45 23.98 30.63 -9.90
CA SER F 45 23.43 29.45 -9.23
C SER F 45 24.22 29.09 -7.98
N ILE F 46 25.53 29.36 -7.98
CA ILE F 46 26.36 29.12 -6.79
C ILE F 46 25.90 30.00 -5.63
N HIS F 47 25.56 31.25 -5.93
CA HIS F 47 25.19 32.17 -4.85
C HIS F 47 23.75 31.93 -4.39
N ARG F 48 22.88 31.57 -5.32
CA ARG F 48 21.55 31.10 -4.98
C ARG F 48 21.61 29.89 -4.04
N LEU F 49 22.49 28.93 -4.34
CA LEU F 49 22.50 27.64 -3.64
C LEU F 49 23.37 27.63 -2.38
N LYS F 50 24.40 28.49 -2.33
CA LYS F 50 25.25 28.52 -1.14
C LYS F 50 24.40 28.71 0.11
N VAL F 51 23.27 29.40 -0.04
CA VAL F 51 22.38 29.71 1.07
C VAL F 51 21.93 28.47 1.83
N LEU F 52 21.87 27.32 1.15
CA LEU F 52 21.28 26.08 1.69
C LEU F 52 22.24 25.26 2.55
N LYS F 53 23.46 25.77 2.77
CA LYS F 53 24.46 25.11 3.61
C LYS F 53 24.72 23.67 3.17
N PRO F 54 25.12 23.45 1.92
CA PRO F 54 25.35 22.07 1.47
C PRO F 54 26.58 21.50 2.12
N LYS F 55 26.58 20.18 2.34
CA LYS F 55 27.74 19.53 2.95
C LYS F 55 29.03 19.77 2.17
N PHE F 56 28.95 19.71 0.84
CA PHE F 56 30.03 20.11 -0.05
C PHE F 56 29.41 20.40 -1.41
N VAL F 57 30.19 21.03 -2.27
CA VAL F 57 29.85 21.09 -3.69
C VAL F 57 31.04 20.52 -4.46
N SER F 58 30.77 20.05 -5.66
CA SER F 58 31.80 19.42 -6.48
C SER F 58 31.83 20.04 -7.87
N VAL F 59 33.00 19.99 -8.50
CA VAL F 59 33.18 20.46 -9.86
C VAL F 59 33.71 19.31 -10.69
N THR F 60 33.04 19.00 -11.80
CA THR F 60 33.41 17.90 -12.66
C THR F 60 34.66 18.23 -13.49
N TYR F 61 35.26 17.18 -14.03
CA TYR F 61 36.43 17.35 -14.90
C TYR F 61 36.33 16.39 -16.07
N GLY F 62 36.25 16.94 -17.28
CA GLY F 62 36.24 16.10 -18.47
C GLY F 62 37.46 15.22 -18.62
N ALA F 63 37.23 13.89 -18.63
CA ALA F 63 38.29 12.87 -18.65
C ALA F 63 39.50 13.29 -19.49
N ASN F 64 39.36 13.46 -20.80
CA ASN F 64 40.56 13.66 -21.61
C ASN F 64 40.61 15.03 -22.26
N SER F 65 40.28 16.07 -21.49
CA SER F 65 40.18 17.42 -22.01
C SER F 65 41.30 18.35 -21.59
N GLY F 66 42.21 17.91 -20.70
CA GLY F 66 43.30 18.74 -20.25
C GLY F 66 42.90 19.96 -19.44
N GLU F 67 41.60 20.08 -19.13
CA GLU F 67 41.07 21.21 -18.39
C GLU F 67 41.22 21.06 -16.88
N ARG F 68 42.31 20.45 -16.41
CA ARG F 68 42.46 20.24 -14.98
C ARG F 68 42.54 21.55 -14.22
N ASP F 69 43.16 22.56 -14.83
CA ASP F 69 43.32 23.86 -14.19
C ASP F 69 41.99 24.60 -14.05
N ARG F 70 41.03 24.31 -14.93
CA ARG F 70 39.74 24.98 -14.79
C ARG F 70 38.90 24.37 -13.67
N THR F 71 38.87 23.03 -13.58
CA THR F 71 38.25 22.40 -12.43
C THR F 71 38.91 22.86 -11.13
N HIS F 72 40.25 22.84 -11.09
CA HIS F 72 40.97 23.20 -9.87
C HIS F 72 40.79 24.68 -9.53
N GLY F 73 40.75 25.53 -10.56
CA GLY F 73 40.56 26.95 -10.32
C GLY F 73 39.19 27.27 -9.75
N ILE F 74 38.14 26.76 -10.39
CA ILE F 74 36.78 26.97 -9.93
C ILE F 74 36.62 26.53 -8.47
N VAL F 75 37.13 25.35 -8.15
CA VAL F 75 37.07 24.86 -6.76
C VAL F 75 37.71 25.86 -5.82
N LYS F 76 38.81 26.48 -6.25
CA LYS F 76 39.48 27.47 -5.40
C LYS F 76 38.61 28.71 -5.24
N ALA F 77 38.03 29.19 -6.33
CA ALA F 77 37.14 30.34 -6.24
C ALA F 77 35.97 30.04 -5.33
N ILE F 78 35.38 28.84 -5.44
CA ILE F 78 34.19 28.52 -4.65
C ILE F 78 34.51 28.58 -3.17
N LYS F 79 35.65 27.98 -2.76
CA LYS F 79 36.09 28.11 -1.37
C LYS F 79 36.34 29.57 -1.01
N GLN F 80 36.98 30.31 -1.91
CA GLN F 80 37.37 31.69 -1.65
C GLN F 80 36.14 32.59 -1.43
N GLU F 81 35.11 32.42 -2.23
CA GLU F 81 33.99 33.37 -2.24
C GLU F 81 32.85 32.97 -1.33
N THR F 82 32.62 31.67 -1.13
CA THR F 82 31.44 31.25 -0.40
C THR F 82 31.77 30.64 0.96
N GLY F 83 32.92 30.00 1.12
CA GLY F 83 33.22 29.31 2.35
C GLY F 83 32.87 27.85 2.37
N LEU F 84 32.29 27.32 1.29
CA LEU F 84 31.85 25.93 1.28
C LEU F 84 33.02 25.02 0.93
N GLU F 85 32.93 23.76 1.36
CA GLU F 85 33.92 22.78 0.94
C GLU F 85 33.66 22.41 -0.52
N ALA F 86 34.59 22.73 -1.39
CA ALA F 86 34.47 22.42 -2.81
C ALA F 86 35.42 21.28 -3.17
N ALA F 87 34.90 20.25 -3.83
CA ALA F 87 35.67 19.06 -4.15
C ALA F 87 35.87 18.93 -5.65
N PRO F 88 37.10 18.89 -6.13
CA PRO F 88 37.32 18.51 -7.53
C PRO F 88 36.94 17.05 -7.78
N HIS F 89 36.37 16.80 -8.95
CA HIS F 89 36.44 15.48 -9.58
C HIS F 89 37.82 15.29 -10.20
N LEU F 90 38.46 14.16 -9.92
CA LEU F 90 39.76 13.82 -10.50
C LEU F 90 39.68 12.46 -11.18
N THR F 91 40.14 12.38 -12.43
CA THR F 91 40.10 11.14 -13.20
C THR F 91 41.51 10.57 -13.31
N GLY F 92 41.61 9.25 -13.15
CA GLY F 92 42.92 8.62 -13.18
C GLY F 92 43.40 8.25 -14.56
N ILE F 93 42.49 8.05 -15.52
CA ILE F 93 42.82 7.38 -16.77
C ILE F 93 43.77 8.24 -17.62
N ASP F 94 43.75 9.56 -17.49
CA ASP F 94 44.48 10.42 -18.43
C ASP F 94 45.70 11.09 -17.80
N ALA F 95 46.25 10.46 -16.75
CA ALA F 95 47.43 10.95 -16.04
C ALA F 95 48.26 9.75 -15.56
N THR F 96 49.58 9.94 -15.54
CA THR F 96 50.50 8.97 -14.92
C THR F 96 50.38 9.01 -13.40
N PRO F 97 50.72 7.91 -12.72
CA PRO F 97 50.63 7.92 -11.24
C PRO F 97 51.41 9.06 -10.60
N GLU F 98 52.61 9.36 -11.10
CA GLU F 98 53.35 10.51 -10.57
C GLU F 98 52.61 11.82 -10.81
N GLU F 99 52.00 11.99 -11.99
CA GLU F 99 51.27 13.24 -12.27
C GLU F 99 50.10 13.41 -11.30
N LEU F 100 49.38 12.31 -11.04
CA LEU F 100 48.27 12.33 -10.10
C LEU F 100 48.74 12.70 -8.70
N LYS F 101 49.84 12.09 -8.25
CA LYS F 101 50.32 12.39 -6.90
C LYS F 101 50.65 13.87 -6.78
N GLN F 102 51.28 14.44 -7.81
CA GLN F 102 51.48 15.88 -7.82
C GLN F 102 50.15 16.63 -7.70
N ILE F 103 49.20 16.34 -8.59
CA ILE F 103 47.90 17.02 -8.54
C ILE F 103 47.33 16.93 -7.13
N ALA F 104 47.28 15.71 -6.59
CA ALA F 104 46.71 15.50 -5.26
C ALA F 104 47.42 16.33 -4.21
N ARG F 105 48.73 16.53 -4.38
CA ARG F 105 49.48 17.36 -3.44
C ARG F 105 49.12 18.83 -3.59
N ASP F 106 48.96 19.30 -4.83
CA ASP F 106 48.48 20.66 -5.04
C ASP F 106 47.11 20.88 -4.40
N TYR F 107 46.20 19.90 -4.54
CA TYR F 107 44.87 20.01 -3.95
C TYR F 107 44.95 20.17 -2.44
N TRP F 108 45.79 19.36 -1.78
CA TRP F 108 45.87 19.37 -0.33
C TRP F 108 46.49 20.66 0.19
N ASP F 109 47.48 21.19 -0.53
CA ASP F 109 48.06 22.48 -0.18
C ASP F 109 47.15 23.63 -0.53
N SER F 110 46.06 23.40 -1.24
CA SER F 110 45.08 24.43 -1.53
C SER F 110 43.96 24.48 -0.51
N GLY F 111 43.88 23.52 0.42
CA GLY F 111 42.79 23.47 1.37
C GLY F 111 41.66 22.53 0.98
N ILE F 112 41.80 21.81 -0.14
CA ILE F 112 40.82 20.83 -0.54
C ILE F 112 40.95 19.59 0.34
N ARG F 113 39.81 19.05 0.77
CA ARG F 113 39.87 17.89 1.64
C ARG F 113 39.02 16.75 1.12
N ARG F 114 38.16 16.99 0.17
CA ARG F 114 37.43 15.91 -0.49
C ARG F 114 37.78 15.91 -1.97
N ILE F 115 37.98 14.72 -2.51
CA ILE F 115 38.11 14.50 -3.94
C ILE F 115 37.05 13.49 -4.38
N VAL F 116 36.40 13.77 -5.51
CA VAL F 116 35.55 12.79 -6.20
C VAL F 116 36.48 12.05 -7.16
N ALA F 117 36.83 10.82 -6.81
CA ALA F 117 37.88 10.10 -7.50
C ALA F 117 37.25 9.09 -8.45
N LEU F 118 37.54 9.24 -9.74
CA LEU F 118 36.91 8.43 -10.78
C LEU F 118 37.94 7.93 -11.76
N ARG F 119 37.62 6.82 -12.40
CA ARG F 119 38.50 6.30 -13.44
C ARG F 119 38.55 7.23 -14.63
N GLY F 120 37.41 7.79 -15.01
CA GLY F 120 37.26 8.36 -16.35
C GLY F 120 37.17 7.26 -17.38
N ASP F 121 36.92 7.68 -18.62
CA ASP F 121 36.95 6.75 -19.74
C ASP F 121 38.08 7.15 -20.68
N GLU F 122 38.85 6.16 -21.15
CA GLU F 122 39.92 6.48 -22.09
C GLU F 122 39.30 6.93 -23.41
N PRO F 123 40.06 7.71 -24.22
CA PRO F 123 39.50 8.24 -25.48
C PRO F 123 39.14 7.18 -26.51
N LYS F 124 38.85 7.66 -27.72
CA LYS F 124 38.09 6.90 -28.71
C LYS F 124 38.74 5.56 -29.03
N GLY F 125 40.04 5.55 -29.24
CA GLY F 125 40.61 4.38 -29.88
C GLY F 125 41.66 3.75 -29.01
N TYR F 126 41.87 4.35 -27.85
CA TYR F 126 42.95 3.94 -26.98
C TYR F 126 42.70 2.53 -26.48
N ALA F 127 43.75 1.72 -26.46
CA ALA F 127 43.68 0.43 -25.79
C ALA F 127 43.28 0.64 -24.32
N LYS F 128 42.51 -0.32 -23.77
CA LYS F 128 42.04 -0.20 -22.39
C LYS F 128 43.23 -0.24 -21.44
N LYS F 129 43.26 0.70 -20.48
CA LYS F 129 44.38 0.72 -19.55
C LYS F 129 44.05 -0.12 -18.31
N PRO F 130 44.99 -0.95 -17.83
CA PRO F 130 44.69 -1.76 -16.64
C PRO F 130 44.66 -0.92 -15.35
N PHE F 131 43.98 0.22 -15.39
CA PHE F 131 43.93 1.17 -14.28
C PHE F 131 42.47 1.48 -13.97
N TYR F 132 42.12 1.37 -12.69
CA TYR F 132 40.75 1.44 -12.25
C TYR F 132 40.61 2.43 -11.11
N ALA F 133 39.37 2.78 -10.80
CA ALA F 133 39.14 3.84 -9.82
C ALA F 133 39.80 3.52 -8.49
N SER F 134 39.75 2.24 -8.06
CA SER F 134 40.33 1.90 -6.76
C SER F 134 41.83 2.17 -6.75
N ASP F 135 42.52 1.98 -7.88
CA ASP F 135 43.93 2.37 -7.95
C ASP F 135 44.11 3.88 -7.73
N LEU F 136 43.16 4.69 -8.21
CA LEU F 136 43.24 6.12 -7.96
C LEU F 136 42.97 6.43 -6.49
N VAL F 137 42.07 5.66 -5.86
CA VAL F 137 41.77 5.85 -4.44
C VAL F 137 42.99 5.54 -3.58
N GLU F 138 43.67 4.42 -3.86
CA GLU F 138 44.88 4.08 -3.12
C GLU F 138 45.94 5.15 -3.26
N LEU F 139 46.11 5.68 -4.48
CA LEU F 139 47.15 6.67 -4.72
C LEU F 139 46.83 7.96 -3.99
N LEU F 140 45.58 8.43 -4.07
CA LEU F 140 45.17 9.58 -3.26
C LEU F 140 45.38 9.28 -1.79
N ARG F 141 44.93 8.11 -1.34
CA ARG F 141 45.02 7.73 0.06
C ARG F 141 46.46 7.70 0.55
N SER F 142 47.40 7.34 -0.33
CA SER F 142 48.81 7.27 0.05
C SER F 142 49.47 8.64 0.09
N VAL F 143 48.81 9.68 -0.42
CA VAL F 143 49.35 11.04 -0.35
C VAL F 143 48.88 11.75 0.92
N ALA F 144 47.62 11.61 1.31
CA ALA F 144 47.06 12.40 2.40
C ALA F 144 45.78 11.73 2.91
N ASP F 145 45.22 12.30 3.98
CA ASP F 145 44.00 11.77 4.57
C ASP F 145 42.79 12.45 3.94
N PHE F 146 42.62 12.19 2.65
CA PHE F 146 41.51 12.76 1.92
C PHE F 146 40.22 12.03 2.27
N ASP F 147 39.11 12.76 2.23
CA ASP F 147 37.81 12.13 2.08
C ASP F 147 37.60 11.89 0.59
N ILE F 148 37.27 10.66 0.22
CA ILE F 148 37.17 10.28 -1.18
C ILE F 148 35.75 9.81 -1.47
N SER F 149 35.11 10.44 -2.47
CA SER F 149 33.84 9.98 -3.01
C SER F 149 34.09 9.16 -4.26
N VAL F 150 33.41 8.00 -4.36
CA VAL F 150 33.48 7.12 -5.51
C VAL F 150 32.09 6.91 -6.08
N ALA F 151 32.06 6.45 -7.34
CA ALA F 151 30.83 6.29 -8.11
C ALA F 151 30.20 4.93 -7.87
N ALA F 152 28.88 4.91 -7.76
CA ALA F 152 28.12 3.66 -7.72
C ALA F 152 27.14 3.64 -8.88
N TYR F 153 26.79 2.44 -9.31
CA TYR F 153 25.92 2.26 -10.47
C TYR F 153 24.82 1.27 -10.10
N PRO F 154 23.68 1.76 -9.62
CA PRO F 154 22.58 0.85 -9.24
C PRO F 154 22.14 -0.04 -10.37
N GLU F 155 22.17 0.44 -11.61
CA GLU F 155 21.80 -0.37 -12.76
C GLU F 155 23.01 -0.98 -13.47
N VAL F 156 24.15 -1.06 -12.76
CA VAL F 156 25.42 -1.68 -13.18
C VAL F 156 26.17 -0.88 -14.22
N HIS F 157 27.49 -0.77 -14.06
CA HIS F 157 28.30 -0.03 -15.03
C HIS F 157 28.30 -0.73 -16.38
N PRO F 158 28.20 0.01 -17.49
CA PRO F 158 28.07 -0.63 -18.81
C PRO F 158 29.22 -1.54 -19.21
N GLU F 159 30.41 -1.38 -18.65
CA GLU F 159 31.52 -2.27 -18.99
C GLU F 159 31.75 -3.35 -17.94
N ALA F 160 30.94 -3.41 -16.90
CA ALA F 160 31.16 -4.36 -15.81
C ALA F 160 30.99 -5.79 -16.30
N LYS F 161 31.87 -6.67 -15.83
CA LYS F 161 31.84 -8.09 -16.17
C LYS F 161 30.51 -8.75 -15.82
N SER F 162 29.93 -8.37 -14.69
CA SER F 162 28.62 -8.83 -14.23
C SER F 162 28.16 -7.87 -13.12
N ALA F 163 26.92 -8.05 -12.65
CA ALA F 163 26.47 -7.20 -11.55
C ALA F 163 27.20 -7.56 -10.25
N GLN F 164 27.40 -8.87 -10.01
CA GLN F 164 28.24 -9.28 -8.89
C GLN F 164 29.59 -8.56 -8.90
N ALA F 165 30.27 -8.53 -10.06
CA ALA F 165 31.62 -7.97 -10.08
C ALA F 165 31.64 -6.46 -9.88
N ASP F 166 30.62 -5.75 -10.38
CA ASP F 166 30.56 -4.30 -10.19
C ASP F 166 30.30 -3.95 -8.73
N LEU F 167 29.52 -4.77 -8.01
CA LEU F 167 29.35 -4.57 -6.57
C LEU F 167 30.65 -4.82 -5.83
N ILE F 168 31.35 -5.91 -6.17
CA ILE F 168 32.64 -6.20 -5.57
C ILE F 168 33.60 -5.05 -5.81
N ASN F 169 33.56 -4.44 -7.01
CA ASN F 169 34.36 -3.26 -7.28
C ASN F 169 34.03 -2.12 -6.32
N LEU F 170 32.74 -1.91 -6.01
CA LEU F 170 32.40 -0.83 -5.09
C LEU F 170 33.01 -1.08 -3.72
N LYS F 171 32.81 -2.29 -3.18
N LYS F 171 32.80 -2.29 -3.18
CA LYS F 171 33.40 -2.61 -1.88
CA LYS F 171 33.40 -2.64 -1.89
C LYS F 171 34.93 -2.49 -1.92
C LYS F 171 34.92 -2.46 -1.93
N ARG F 172 35.52 -2.78 -3.08
CA ARG F 172 36.97 -2.63 -3.25
C ARG F 172 37.39 -1.18 -3.12
N LYS F 173 36.62 -0.26 -3.72
CA LYS F 173 36.96 1.15 -3.65
C LYS F 173 36.81 1.68 -2.23
N ILE F 174 35.77 1.25 -1.52
CA ILE F 174 35.67 1.61 -0.10
C ILE F 174 36.91 1.12 0.64
N ASP F 175 37.25 -0.17 0.46
CA ASP F 175 38.33 -0.76 1.24
C ASP F 175 39.68 -0.14 0.89
N ALA F 176 39.82 0.39 -0.33
CA ALA F 176 40.98 1.21 -0.67
C ALA F 176 41.01 2.57 0.03
N GLY F 177 39.95 2.98 0.72
CA GLY F 177 40.03 4.23 1.45
C GLY F 177 39.02 5.29 1.06
N ALA F 178 38.08 4.96 0.19
CA ALA F 178 36.98 5.89 -0.02
C ALA F 178 36.03 5.84 1.17
N ASN F 179 35.39 6.99 1.46
CA ASN F 179 34.42 7.00 2.54
C ASN F 179 33.07 7.58 2.15
N HIS F 180 32.78 7.71 0.85
CA HIS F 180 31.57 8.35 0.36
C HIS F 180 31.24 7.82 -1.03
N VAL F 181 29.97 7.53 -1.25
CA VAL F 181 29.49 6.90 -2.47
C VAL F 181 28.44 7.79 -3.10
N ILE F 182 28.56 8.06 -4.39
CA ILE F 182 27.54 8.79 -5.15
C ILE F 182 27.14 7.91 -6.35
N THR F 183 25.84 7.64 -6.46
CA THR F 183 25.33 6.83 -7.57
C THR F 183 25.22 7.64 -8.86
N GLN F 184 25.39 6.96 -9.99
CA GLN F 184 24.89 7.44 -11.28
C GLN F 184 23.41 7.80 -11.09
N PHE F 185 22.83 8.62 -11.97
CA PHE F 185 21.43 8.95 -11.80
C PHE F 185 20.55 7.76 -12.20
N PHE F 186 19.31 7.77 -11.70
CA PHE F 186 18.38 6.68 -11.95
C PHE F 186 16.93 7.20 -11.93
N PHE F 187 16.03 6.36 -12.42
CA PHE F 187 14.60 6.65 -12.32
C PHE F 187 13.83 5.46 -11.79
N ASP F 188 14.51 4.37 -11.44
CA ASP F 188 13.91 3.15 -10.91
C ASP F 188 14.22 3.11 -9.41
N ILE F 189 13.34 3.74 -8.62
CA ILE F 189 13.52 3.79 -7.16
C ILE F 189 13.64 2.39 -6.56
N GLU F 190 12.74 1.48 -6.93
CA GLU F 190 12.74 0.14 -6.34
C GLU F 190 14.05 -0.57 -6.62
N ASN F 191 14.68 -0.27 -7.75
CA ASN F 191 15.96 -0.90 -8.03
C ASN F 191 17.08 -0.30 -7.19
N TYR F 192 17.13 1.03 -7.07
CA TYR F 192 18.09 1.67 -6.20
C TYR F 192 18.00 1.13 -4.76
N LEU F 193 16.78 1.02 -4.24
CA LEU F 193 16.60 0.49 -2.89
C LEU F 193 17.05 -0.97 -2.78
N ARG F 194 16.78 -1.81 -3.78
CA ARG F 194 17.37 -3.16 -3.78
C ARG F 194 18.90 -3.08 -3.75
N PHE F 195 19.48 -2.26 -4.62
CA PHE F 195 20.92 -2.08 -4.66
C PHE F 195 21.45 -1.66 -3.30
N ARG F 196 20.77 -0.71 -2.66
CA ARG F 196 21.21 -0.21 -1.36
C ARG F 196 21.22 -1.33 -0.31
N ASP F 197 20.26 -2.26 -0.39
CA ASP F 197 20.34 -3.36 0.57
C ASP F 197 21.47 -4.29 0.22
N ARG F 198 21.78 -4.43 -1.06
CA ARG F 198 22.90 -5.28 -1.47
C ARG F 198 24.23 -4.72 -0.94
N CYS F 199 24.44 -3.39 -1.03
CA CYS F 199 25.64 -2.80 -0.44
C CYS F 199 25.71 -3.03 1.07
N ALA F 200 24.55 -3.08 1.74
CA ALA F 200 24.58 -3.37 3.16
C ALA F 200 24.91 -4.83 3.41
N SER F 201 24.41 -5.73 2.55
CA SER F 201 24.70 -7.16 2.67
C SER F 201 26.19 -7.42 2.72
N ILE F 202 26.95 -6.67 1.94
CA ILE F 202 28.34 -6.97 1.67
C ILE F 202 29.26 -5.99 2.38
N GLY F 203 28.71 -5.23 3.32
CA GLY F 203 29.50 -4.60 4.35
C GLY F 203 29.88 -3.17 4.09
N ILE F 204 29.32 -2.55 3.06
CA ILE F 204 29.62 -1.16 2.76
C ILE F 204 28.84 -0.29 3.73
N ASP F 205 29.54 0.37 4.66
CA ASP F 205 28.92 0.98 5.82
C ASP F 205 28.80 2.50 5.69
N THR F 206 28.79 3.00 4.46
CA THR F 206 28.50 4.40 4.21
C THR F 206 27.20 4.45 3.42
N GLU F 207 26.51 5.57 3.53
CA GLU F 207 25.33 5.77 2.71
C GLU F 207 25.69 5.68 1.22
N ILE F 208 24.79 5.07 0.45
CA ILE F 208 24.85 5.08 -1.01
C ILE F 208 24.03 6.29 -1.45
N VAL F 209 24.63 7.47 -1.54
CA VAL F 209 23.79 8.67 -1.72
C VAL F 209 23.36 8.76 -3.18
N PRO F 210 22.08 8.98 -3.45
CA PRO F 210 21.60 9.01 -4.84
C PRO F 210 21.93 10.32 -5.52
N GLY F 211 22.36 10.19 -6.79
CA GLY F 211 22.43 11.30 -7.71
C GLY F 211 21.08 11.65 -8.32
N ILE F 212 20.62 12.86 -8.06
CA ILE F 212 19.32 13.31 -8.54
C ILE F 212 19.55 14.19 -9.75
N LEU F 213 19.01 13.78 -10.89
CA LEU F 213 19.21 14.59 -12.08
C LEU F 213 17.88 15.23 -12.46
N PRO F 214 17.70 16.54 -12.21
CA PRO F 214 16.48 17.21 -12.64
C PRO F 214 16.41 17.30 -14.16
N VAL F 215 15.29 16.83 -14.70
CA VAL F 215 15.14 16.50 -16.13
C VAL F 215 14.52 17.71 -16.84
N THR F 216 15.35 18.67 -17.24
CA THR F 216 14.83 19.86 -17.94
C THR F 216 14.78 19.71 -19.46
N ASN F 217 15.70 18.93 -20.04
CA ASN F 217 15.78 18.76 -21.49
C ASN F 217 15.75 17.27 -21.79
N PHE F 218 14.64 16.79 -22.34
CA PHE F 218 14.52 15.34 -22.50
C PHE F 218 15.45 14.81 -23.59
N LYS F 219 15.57 15.52 -24.71
CA LYS F 219 16.50 15.07 -25.75
C LYS F 219 17.91 14.89 -25.18
N GLN F 220 18.35 15.86 -24.37
CA GLN F 220 19.66 15.76 -23.73
C GLN F 220 19.73 14.57 -22.78
N LEU F 221 18.69 14.38 -21.95
CA LEU F 221 18.67 13.23 -21.04
C LEU F 221 18.82 11.91 -21.77
N GLN F 222 18.21 11.78 -22.95
CA GLN F 222 18.37 10.54 -23.71
C GLN F 222 19.81 10.37 -24.18
N LYS F 223 20.50 11.46 -24.50
CA LYS F 223 21.90 11.37 -24.89
C LYS F 223 22.81 11.14 -23.69
N MET F 224 22.53 11.82 -22.58
CA MET F 224 23.25 11.58 -21.32
C MET F 224 22.97 10.17 -20.81
N ALA F 225 22.09 9.41 -21.48
CA ALA F 225 21.69 8.10 -20.99
C ALA F 225 21.85 6.98 -21.98
N SER F 226 22.12 7.28 -23.26
CA SER F 226 22.57 6.24 -24.16
C SER F 226 23.94 5.72 -23.75
N PHE F 227 24.82 6.64 -23.34
CA PHE F 227 26.19 6.32 -22.96
C PHE F 227 26.29 5.62 -21.61
N THR F 228 25.29 5.78 -20.77
CA THR F 228 25.43 5.43 -19.36
C THR F 228 24.69 4.17 -18.95
N ASN F 229 23.74 3.68 -19.77
CA ASN F 229 23.10 2.39 -19.55
C ASN F 229 22.05 2.43 -18.43
N VAL F 230 21.47 3.60 -18.14
CA VAL F 230 20.39 3.71 -17.16
C VAL F 230 19.07 3.76 -17.93
N LYS F 231 18.07 3.02 -17.44
CA LYS F 231 16.82 2.90 -18.18
C LYS F 231 15.95 4.13 -17.97
N ILE F 232 15.35 4.59 -19.07
CA ILE F 232 14.41 5.69 -19.05
C ILE F 232 13.00 5.09 -19.05
N PRO F 233 12.25 5.20 -17.95
CA PRO F 233 10.92 4.57 -17.92
C PRO F 233 10.00 5.11 -18.99
N ALA F 234 9.13 4.23 -19.51
CA ALA F 234 8.21 4.64 -20.55
C ALA F 234 7.29 5.77 -20.09
N TRP F 235 6.91 5.79 -18.80
CA TRP F 235 6.09 6.89 -18.30
C TRP F 235 6.84 8.22 -18.38
N LEU F 236 8.17 8.19 -18.27
CA LEU F 236 8.97 9.40 -18.41
C LEU F 236 9.02 9.87 -19.87
N VAL F 237 9.27 8.93 -20.80
CA VAL F 237 9.17 9.24 -22.23
C VAL F 237 7.81 9.83 -22.57
N LYS F 238 6.76 9.40 -21.86
CA LYS F 238 5.44 9.95 -22.14
C LYS F 238 5.30 11.35 -21.57
N ALA F 239 5.82 11.56 -20.36
CA ALA F 239 5.68 12.85 -19.71
C ALA F 239 6.35 13.97 -20.49
N TYR F 240 7.34 13.65 -21.32
CA TYR F 240 8.06 14.68 -22.05
C TYR F 240 7.68 14.75 -23.52
N ASP F 241 6.93 13.77 -24.03
CA ASP F 241 6.55 13.79 -25.43
C ASP F 241 5.65 14.98 -25.72
N GLY F 242 6.07 15.82 -26.64
CA GLY F 242 5.36 17.04 -27.00
C GLY F 242 5.98 18.30 -26.44
N LEU F 243 6.86 18.18 -25.45
CA LEU F 243 7.42 19.36 -24.78
C LEU F 243 8.77 19.77 -25.33
N ASP F 244 9.08 19.43 -26.59
CA ASP F 244 10.37 19.83 -27.14
C ASP F 244 10.52 21.35 -27.17
N ASN F 245 9.42 22.06 -27.41
CA ASN F 245 9.47 23.51 -27.51
C ASN F 245 8.77 24.23 -26.35
N ASP F 246 8.56 23.53 -25.22
CA ASP F 246 7.77 24.03 -24.08
C ASP F 246 8.63 23.96 -22.82
N PRO F 247 9.52 24.94 -22.62
CA PRO F 247 10.39 24.88 -21.43
C PRO F 247 9.66 25.07 -20.11
N THR F 248 8.61 25.90 -20.07
CA THR F 248 7.87 26.08 -18.82
C THR F 248 7.26 24.77 -18.35
N THR F 249 6.41 24.17 -19.20
CA THR F 249 5.83 22.86 -18.87
C THR F 249 6.90 21.83 -18.52
N ARG F 250 8.01 21.83 -19.26
CA ARG F 250 9.11 20.93 -18.93
C ARG F 250 9.59 21.16 -17.50
N ASN F 251 9.81 22.42 -17.12
CA ASN F 251 10.27 22.70 -15.77
C ASN F 251 9.20 22.34 -14.73
N LEU F 252 7.93 22.37 -15.12
CA LEU F 252 6.87 21.98 -14.21
C LEU F 252 6.83 20.46 -14.04
N VAL F 253 6.84 19.72 -15.15
CA VAL F 253 6.93 18.27 -15.09
C VAL F 253 8.18 17.83 -14.35
N ALA F 254 9.31 18.50 -14.60
CA ALA F 254 10.55 18.16 -13.91
C ALA F 254 10.39 18.24 -12.40
N ALA F 255 9.87 19.36 -11.92
CA ALA F 255 9.63 19.51 -10.48
C ALA F 255 8.87 18.32 -9.93
N SER F 256 7.74 17.99 -10.56
CA SER F 256 6.96 16.86 -10.10
C SER F 256 7.80 15.58 -10.03
N VAL F 257 8.52 15.25 -11.11
CA VAL F 257 9.24 13.98 -11.19
C VAL F 257 10.32 13.90 -10.11
N ALA F 258 11.06 14.98 -9.88
CA ALA F 258 12.11 14.95 -8.86
C ALA F 258 11.56 14.96 -7.44
N MET F 259 10.51 15.75 -7.17
CA MET F 259 10.01 15.76 -5.80
C MET F 259 9.36 14.44 -5.43
N ASP F 260 8.71 13.77 -6.40
CA ASP F 260 8.20 12.42 -6.18
C ASP F 260 9.29 11.49 -5.70
N MET F 261 10.40 11.45 -6.44
CA MET F 261 11.49 10.54 -6.12
C MET F 261 12.06 10.84 -4.75
N VAL F 262 12.45 12.09 -4.56
CA VAL F 262 13.09 12.52 -3.34
C VAL F 262 12.22 12.23 -2.13
N LYS F 263 10.90 12.47 -2.25
CA LYS F 263 9.99 12.15 -1.14
C LYS F 263 10.00 10.66 -0.83
N ILE F 264 10.00 9.82 -1.86
CA ILE F 264 10.00 8.37 -1.63
C ILE F 264 11.31 7.96 -0.98
N LEU F 265 12.44 8.39 -1.57
CA LEU F 265 13.74 8.10 -1.00
C LEU F 265 13.79 8.52 0.46
N SER F 266 13.31 9.73 0.73
CA SER F 266 13.34 10.27 2.08
C SER F 266 12.54 9.38 3.04
N ARG F 267 11.42 8.84 2.57
CA ARG F 267 10.65 7.97 3.45
C ARG F 267 11.36 6.66 3.72
N GLU F 268 12.03 6.09 2.70
CA GLU F 268 12.69 4.80 2.89
C GLU F 268 13.96 4.92 3.75
N GLY F 269 14.29 6.14 4.17
CA GLY F 269 15.40 6.34 5.09
C GLY F 269 16.57 7.08 4.48
N VAL F 270 16.55 7.43 3.20
CA VAL F 270 17.68 8.12 2.59
C VAL F 270 17.65 9.58 3.04
N ASN F 271 18.70 10.00 3.74
CA ASN F 271 18.82 11.38 4.21
C ASN F 271 20.10 12.05 3.73
N ASP F 272 20.58 11.63 2.55
CA ASP F 272 21.67 12.31 1.83
C ASP F 272 21.25 12.38 0.37
N PHE F 273 21.57 13.51 -0.29
CA PHE F 273 21.25 13.70 -1.71
C PHE F 273 22.37 14.45 -2.42
N HIS F 274 22.72 13.97 -3.62
CA HIS F 274 23.70 14.63 -4.49
C HIS F 274 22.97 15.10 -5.75
N PHE F 275 22.98 16.40 -6.00
CA PHE F 275 22.14 16.98 -7.04
C PHE F 275 22.99 17.34 -8.25
N TYR F 276 22.65 16.78 -9.41
CA TYR F 276 23.33 17.14 -10.65
C TYR F 276 22.68 18.42 -11.20
N THR F 277 23.21 19.57 -10.76
CA THR F 277 22.52 20.85 -11.00
C THR F 277 22.61 21.27 -12.46
N LEU F 278 23.65 20.84 -13.17
CA LEU F 278 23.88 21.34 -14.53
C LEU F 278 24.01 22.85 -14.54
N ASN F 279 24.52 23.40 -13.43
CA ASN F 279 24.79 24.82 -13.26
C ASN F 279 23.51 25.68 -13.24
N ARG F 280 22.36 25.05 -12.95
CA ARG F 280 21.08 25.73 -12.85
C ARG F 280 20.52 25.56 -11.44
N SER F 281 19.97 26.65 -10.89
CA SER F 281 19.57 26.64 -9.49
C SER F 281 18.08 26.34 -9.26
N GLU F 282 17.21 26.60 -10.24
CA GLU F 282 15.77 26.62 -9.98
C GLU F 282 15.27 25.30 -9.38
N LEU F 283 15.44 24.18 -10.09
CA LEU F 283 14.82 22.94 -9.65
C LEU F 283 15.51 22.37 -8.41
N THR F 284 16.83 22.51 -8.31
CA THR F 284 17.54 22.04 -7.12
C THR F 284 17.04 22.75 -5.86
N TYR F 285 17.08 24.10 -5.86
CA TYR F 285 16.62 24.86 -4.69
C TYR F 285 15.21 24.47 -4.26
N ALA F 286 14.30 24.26 -5.23
CA ALA F 286 12.93 23.89 -4.91
C ALA F 286 12.83 22.47 -4.34
N ILE F 287 13.65 21.53 -4.85
CA ILE F 287 13.64 20.20 -4.27
C ILE F 287 14.18 20.25 -2.84
N CYS F 288 15.29 20.94 -2.63
CA CYS F 288 15.78 21.12 -1.27
C CYS F 288 14.71 21.77 -0.40
N HIS F 289 13.96 22.70 -0.98
CA HIS F 289 12.91 23.35 -0.21
C HIS F 289 11.84 22.36 0.22
N MET F 290 11.46 21.42 -0.67
CA MET F 290 10.45 20.44 -0.30
C MET F 290 10.96 19.45 0.74
N LEU F 291 12.28 19.30 0.91
CA LEU F 291 12.87 18.35 1.84
C LEU F 291 13.08 18.93 3.24
N GLY F 292 13.04 20.25 3.38
CA GLY F 292 13.33 20.89 4.64
C GLY F 292 14.63 21.68 4.64
N VAL F 293 15.44 21.53 3.58
CA VAL F 293 16.69 22.28 3.42
C VAL F 293 16.37 23.71 3.00
N ARG F 294 16.29 24.62 3.97
CA ARG F 294 15.90 25.99 3.71
C ARG F 294 16.90 26.93 4.38
N PRO F 295 16.96 28.19 3.92
CA PRO F 295 17.86 29.19 4.50
C PRO F 295 17.65 29.41 6.00
PA FAD G . 32.89 -30.35 -5.48
O1A FAD G . 34.25 -30.91 -5.40
O2A FAD G . 32.94 -28.87 -5.86
O5B FAD G . 32.12 -30.57 -4.14
C5B FAD G . 31.93 -31.89 -3.59
C4B FAD G . 31.86 -31.82 -2.08
O4B FAD G . 33.19 -31.92 -1.54
C3B FAD G . 31.25 -30.55 -1.48
O3B FAD G . 30.58 -30.84 -0.26
C2B FAD G . 32.50 -29.70 -1.23
O2B FAD G . 32.31 -28.71 -0.22
C1B FAD G . 33.48 -30.78 -0.76
N9A FAD G . 34.88 -30.43 -0.95
C8A FAD G . 35.42 -29.70 -1.98
N7A FAD G . 36.72 -29.56 -1.92
C5A FAD G . 37.06 -30.26 -0.77
C6A FAD G . 38.30 -30.50 -0.14
N6A FAD G . 39.47 -30.04 -0.60
N1A FAD G . 38.29 -31.23 1.00
C2A FAD G . 37.13 -31.69 1.46
N3A FAD G . 35.90 -31.54 0.95
C4A FAD G . 35.94 -30.81 -0.17
N1 FAD G . 27.08 -35.18 -11.74
C2 FAD G . 27.43 -36.08 -12.71
O2 FAD G . 27.78 -37.24 -12.43
N3 FAD G . 27.40 -35.70 -14.03
C4 FAD G . 27.04 -34.45 -14.52
O4 FAD G . 27.05 -34.23 -15.73
C4X FAD G . 26.67 -33.51 -13.48
N5 FAD G . 26.32 -32.31 -13.85
C5X FAD G . 25.98 -31.41 -12.86
C6 FAD G . 25.61 -30.11 -13.22
C7 FAD G . 25.27 -29.17 -12.26
C7M FAD G . 24.87 -27.78 -12.70
C8 FAD G . 25.26 -29.52 -10.91
C8M FAD G . 24.86 -28.54 -9.84
C9 FAD G . 25.63 -30.82 -10.55
C9A FAD G . 25.98 -31.76 -11.50
N10 FAD G . 26.38 -33.07 -11.16
C10 FAD G . 26.72 -33.96 -12.13
C1' FAD G . 26.38 -33.51 -9.76
C2' FAD G . 27.68 -33.18 -9.03
O2' FAD G . 28.79 -33.86 -9.61
C3' FAD G . 27.52 -33.61 -7.57
O3' FAD G . 26.83 -32.58 -6.85
C4' FAD G . 28.80 -33.99 -6.83
O4' FAD G . 28.37 -34.64 -5.63
C5' FAD G . 29.74 -32.85 -6.49
O5' FAD G . 30.14 -32.16 -7.70
P FAD G . 30.88 -30.77 -7.63
O1P FAD G . 31.52 -30.33 -8.96
O2P FAD G . 30.04 -29.67 -7.09
O3P FAD G . 32.04 -31.15 -6.56
S SO4 H . 47.45 -22.19 -22.34
O1 SO4 H . 47.90 -22.80 -21.07
O2 SO4 H . 46.46 -21.20 -21.88
O3 SO4 H . 48.60 -21.60 -23.01
O4 SO4 H . 46.87 -23.08 -23.34
C ACY I . 22.53 -32.03 -12.85
O ACY I . 21.95 -31.22 -13.62
OXT ACY I . 23.32 -32.89 -13.27
CH3 ACY I . 22.26 -31.95 -11.37
C1 EDO J . 44.99 -27.19 -27.15
O1 EDO J . 45.91 -28.29 -26.99
C2 EDO J . 45.78 -25.89 -26.85
O2 EDO J . 45.77 -25.11 -28.07
PA FAD K . -26.85 26.53 -2.25
O1A FAD K . -28.27 26.91 -2.45
O2A FAD K . -26.51 25.25 -3.01
O5B FAD K . -26.41 26.34 -0.75
C5B FAD K . -26.02 27.46 0.06
C4B FAD K . -26.27 27.13 1.52
O4B FAD K . -27.69 27.10 1.77
C3B FAD K . -25.72 25.78 1.99
O3B FAD K . -25.13 25.90 3.28
C2B FAD K . -26.96 24.88 1.96
O2B FAD K . -26.87 23.82 2.90
C1B FAD K . -28.07 25.86 2.34
N9A FAD K . -29.41 25.52 1.86
C8A FAD K . -29.77 25.27 0.56
N7A FAD K . -31.06 25.00 0.40
C5A FAD K . -31.57 25.09 1.68
C6A FAD K . -32.88 24.92 2.19
N6A FAD K . -33.94 24.61 1.44
N1A FAD K . -33.05 25.09 3.53
C2A FAD K . -32.00 25.39 4.28
N3A FAD K . -30.73 25.57 3.91
C4A FAD K . -30.58 25.41 2.59
N1 FAD K . -19.98 32.80 -5.93
C2 FAD K . -20.19 33.93 -6.67
O2 FAD K . -20.49 35.01 -6.14
N3 FAD K . -20.06 33.91 -8.04
C4 FAD K . -19.72 32.81 -8.79
O4 FAD K . -19.63 32.92 -10.01
C4X FAD K . -19.50 31.61 -8.01
N5 FAD K . -19.17 30.51 -8.65
C5X FAD K . -18.95 29.36 -7.91
C6 FAD K . -18.61 28.18 -8.59
C7 FAD K . -18.40 26.99 -7.89
C7M FAD K . -18.03 25.74 -8.65
C8 FAD K . -18.52 26.98 -6.49
C8M FAD K . -18.27 25.72 -5.70
C9 FAD K . -18.86 28.15 -5.82
C9A FAD K . -19.08 29.33 -6.52
N10 FAD K . -19.45 30.54 -5.87
C10 FAD K . -19.66 31.70 -6.59
C1' FAD K . -19.56 30.60 -4.39
C2' FAD K . -20.93 30.17 -3.88
O2' FAD K . -21.92 31.09 -4.34
C3' FAD K . -20.93 30.25 -2.35
O3' FAD K . -20.19 29.16 -1.79
C4' FAD K . -22.33 30.29 -1.74
O4' FAD K . -22.21 30.64 -0.36
C5' FAD K . -23.09 28.98 -1.85
O5' FAD K . -23.82 28.95 -3.09
P FAD K . -24.54 27.63 -3.55
O1P FAD K . -24.87 27.51 -5.05
O2P FAD K . -23.69 26.53 -3.01
O3P FAD K . -25.90 27.71 -2.74
S SO4 L . -31.39 18.22 -22.12
O1 SO4 L . -30.73 19.36 -21.40
O2 SO4 L . -32.78 18.09 -21.61
O3 SO4 L . -31.48 18.25 -23.61
O4 SO4 L . -30.47 17.06 -21.88
C ACY M . -15.33 29.51 -6.10
O ACY M . -14.69 28.61 -5.52
OXT ACY M . -15.45 29.64 -7.36
CH3 ACY M . -16.02 30.54 -5.24
C FMT N . -16.34 18.53 -16.99
O1 FMT N . -15.92 19.32 -16.13
O2 FMT N . -17.37 17.85 -16.88
PA FAD O . -41.33 4.31 17.80
O1A FAD O . -42.74 4.68 17.76
O2A FAD O . -40.46 5.41 17.12
O5B FAD O . -41.14 2.85 17.26
C5B FAD O . -41.80 1.73 17.87
C4B FAD O . -41.97 0.63 16.85
O4B FAD O . -43.27 0.75 16.22
C3B FAD O . -40.95 0.62 15.69
O3B FAD O . -40.70 -0.71 15.27
C2B FAD O . -41.70 1.33 14.57
O2B FAD O . -41.26 0.94 13.28
C1B FAD O . -43.12 0.83 14.81
N9A FAD O . -44.14 1.73 14.30
C8A FAD O . -44.04 3.09 14.20
N7A FAD O . -45.11 3.68 13.71
C5A FAD O . -45.97 2.62 13.44
C6A FAD O . -47.26 2.58 12.90
N6A FAD O . -47.94 3.67 12.51
N1A FAD O . -47.85 1.37 12.79
C2A FAD O . -47.18 0.28 13.18
N3A FAD O . -45.95 0.20 13.69
C4A FAD O . -45.39 1.42 13.80
N1 FAD O . -37.17 3.52 26.64
C2 FAD O . -37.66 3.87 27.86
O2 FAD O . -38.53 3.20 28.44
N3 FAD O . -37.17 5.02 28.49
C4 FAD O . -36.20 5.87 27.99
O4 FAD O . -35.84 6.85 28.63
C4X FAD O . -35.69 5.48 26.68
N5 FAD O . -34.76 6.24 26.12
C5X FAD O . -34.28 5.86 24.89
C6 FAD O . -33.31 6.66 24.27
C7 FAD O . -32.79 6.32 23.02
C7M FAD O . -31.74 7.20 22.41
C8 FAD O . -33.25 5.17 22.37
C8M FAD O . -32.70 4.76 21.03
C9 FAD O . -34.22 4.37 22.98
C9A FAD O . -34.74 4.71 24.22
N10 FAD O . -35.75 3.94 24.85
C10 FAD O . -36.23 4.29 26.08
C1' FAD O . -36.22 2.70 24.22
C2' FAD O . -37.47 2.86 23.39
O2' FAD O . -38.52 3.39 24.20
C3' FAD O . -37.87 1.50 22.82
O3' FAD O . -36.94 1.08 21.84
C4' FAD O . -39.27 1.42 22.21
O4' FAD O . -39.57 0.03 22.05
C5' FAD O . -39.37 2.15 20.88
O5' FAD O . -39.34 3.57 21.12
P FAD O . -39.45 4.59 19.92
O1P FAD O . -39.56 6.06 20.35
O2P FAD O . -38.34 4.33 18.97
O3P FAD O . -40.85 4.13 19.30
C FMT P . -25.84 16.50 20.04
O1 FMT P . -25.47 15.52 20.71
O2 FMT P . -26.44 16.41 18.95
C FMT Q . -27.24 5.37 30.20
O1 FMT Q . -26.74 6.17 31.00
O2 FMT Q . -28.47 5.17 30.06
C ACY R . -31.97 3.62 26.05
O ACY R . -31.58 4.71 26.52
OXT ACY R . -31.59 3.17 24.96
CH3 ACY R . -32.95 2.81 26.84
PA FAD S . -27.73 -2.99 -17.55
O1A FAD S . -29.12 -2.54 -17.68
O2A FAD S . -27.28 -3.46 -16.14
O5B FAD S . -26.82 -1.75 -17.96
C5B FAD S . -26.44 -1.51 -19.33
C4B FAD S . -26.08 -0.06 -19.50
O4B FAD S . -27.26 0.75 -19.32
C3B FAD S . -25.04 0.50 -18.55
O3B FAD S . -24.25 1.43 -19.30
C2B FAD S . -25.89 1.18 -17.46
O2B FAD S . -25.20 2.21 -16.76
C1B FAD S . -27.03 1.73 -18.31
N9A FAD S . -28.31 1.94 -17.62
C8A FAD S . -28.90 1.10 -16.71
N7A FAD S . -30.08 1.51 -16.30
C5A FAD S . -30.29 2.67 -17.02
C6A FAD S . -31.37 3.59 -17.04
N6A FAD S . -32.46 3.47 -16.30
N1A FAD S . -31.25 4.66 -17.87
C2A FAD S . -30.16 4.78 -18.62
N3A FAD S . -29.08 3.99 -18.68
C4A FAD S . -29.22 2.94 -17.85
N1 FAD S . -25.02 -10.65 -23.19
C2 FAD S . -25.82 -11.50 -23.90
O2 FAD S . -26.35 -11.16 -24.96
N3 FAD S . -26.05 -12.78 -23.41
C4 FAD S . -25.52 -13.33 -22.23
O4 FAD S . -25.78 -14.49 -21.89
C4X FAD S . -24.68 -12.41 -21.50
N5 FAD S . -24.12 -12.83 -20.40
C5X FAD S . -23.32 -11.93 -19.67
C6 FAD S . -22.78 -12.34 -18.45
C7 FAD S . -21.96 -11.49 -17.71
C7M FAD S . -21.34 -11.99 -16.44
C8 FAD S . -21.70 -10.19 -18.19
C8M FAD S . -20.80 -9.25 -17.43
C9 FAD S . -22.26 -9.77 -19.40
C9A FAD S . -23.07 -10.63 -20.14
N10 FAD S . -23.68 -10.22 -21.35
C10 FAD S . -24.49 -11.09 -22.06
C1' FAD S . -23.42 -8.90 -21.92
C2' FAD S . -24.41 -7.83 -21.52
O2' FAD S . -25.71 -8.11 -22.04
C3' FAD S . -23.88 -6.49 -22.04
O3' FAD S . -22.73 -6.16 -21.28
C4' FAD S . -24.87 -5.31 -22.09
O4' FAD S . -24.27 -4.32 -22.94
C5' FAD S . -25.23 -4.74 -20.73
O5' FAD S . -26.04 -5.70 -20.03
P FAD S . -26.46 -5.47 -18.52
O1P FAD S . -27.25 -6.70 -18.06
O2P FAD S . -25.29 -5.18 -17.65
O3P FAD S . -27.45 -4.17 -18.59
C ACY T . -34.41 -15.50 -1.97
O ACY T . -35.47 -14.99 -1.50
OXT ACY T . -34.35 -16.19 -3.03
CH3 ACY T . -33.13 -15.28 -1.23
C ACY U . -45.27 -19.96 -11.13
O ACY U . -44.88 -19.47 -10.05
OXT ACY U . -44.81 -21.00 -11.66
CH3 ACY U . -46.39 -19.25 -11.86
C ACY V . -20.19 -12.32 -21.19
O ACY V . -19.61 -12.54 -20.11
OXT ACY V . -20.10 -11.22 -21.81
CH3 ACY V . -21.03 -13.44 -21.77
C FMT W . -19.66 -17.74 -6.86
O1 FMT W . -19.82 -18.30 -7.97
O2 FMT W . -20.58 -17.21 -6.22
PA FAD X . 26.10 -1.49 20.03
O1A FAD X . 27.51 -1.87 20.16
O2A FAD X . 25.13 -2.54 19.46
O5B FAD X . 26.08 -0.17 19.14
C5B FAD X . 26.05 1.13 19.75
C4B FAD X . 26.55 2.18 18.77
O4B FAD X . 27.88 1.85 18.36
C3B FAD X . 25.75 2.34 17.48
O3B FAD X . 25.82 3.71 17.09
C2B FAD X . 26.50 1.43 16.50
O2B FAD X . 26.30 1.76 15.13
C1B FAD X . 27.93 1.71 16.94
N9A FAD X . 28.90 0.69 16.61
C8A FAD X . 28.80 -0.67 16.84
N7A FAD X . 29.83 -1.36 16.46
C5A FAD X . 30.71 -0.40 15.96
C6A FAD X . 31.99 -0.48 15.40
N6A FAD X . 32.65 -1.62 15.25
N1A FAD X . 32.57 0.67 15.00
C2A FAD X . 31.92 1.82 15.16
N3A FAD X . 30.70 2.02 15.67
C4A FAD X . 30.14 0.86 16.06
N1 FAD X . 21.55 0.55 28.43
C2 FAD X . 22.04 0.36 29.70
O2 FAD X . 22.89 1.11 30.19
N3 FAD X . 21.54 -0.71 30.45
C4 FAD X . 20.59 -1.63 30.04
O4 FAD X . 20.23 -2.54 30.79
C4X FAD X . 20.09 -1.41 28.70
N5 FAD X . 19.17 -2.25 28.22
C5X FAD X . 18.70 -2.02 26.92
C6 FAD X . 17.76 -2.89 26.38
C7 FAD X . 17.28 -2.71 25.10
C7M FAD X . 16.25 -3.66 24.55
C8 FAD X . 17.74 -1.62 24.33
C8M FAD X . 17.21 -1.39 22.93
C9 FAD X . 18.67 -0.74 24.86
C9A FAD X . 19.17 -0.94 26.15
N10 FAD X . 20.16 -0.10 26.71
C10 FAD X . 20.63 -0.29 27.97
C1' FAD X . 20.65 1.06 25.96
C2' FAD X . 21.92 0.80 25.18
O2' FAD X . 22.98 0.46 26.07
C3' FAD X . 22.30 2.07 24.43
O3' FAD X . 21.39 2.29 23.36
C4' FAD X . 23.75 2.19 23.99
O4' FAD X . 23.90 3.55 23.60
C5' FAD X . 24.16 1.29 22.83
O5' FAD X . 24.07 -0.10 23.24
P FAD X . 24.10 -1.27 22.17
O1P FAD X . 24.05 -2.66 22.82
O2P FAD X . 23.00 -1.15 21.18
O3P FAD X . 25.54 -1.02 21.44
C ACY Y . 16.37 0.34 27.79
O ACY Y . 15.87 -0.61 28.43
OXT ACY Y . 16.11 0.60 26.59
CH3 ACY Y . 17.36 1.23 28.52
PA FAD Z . 35.55 2.13 -11.79
O1A FAD Z . 34.93 2.23 -10.45
O2A FAD Z . 37.03 1.76 -11.64
O5B FAD Z . 34.72 1.11 -12.73
C5B FAD Z . 34.88 1.10 -14.17
C4B FAD Z . 34.48 -0.23 -14.78
O4B FAD Z . 35.56 -1.20 -14.67
C3B FAD Z . 33.28 -0.93 -14.15
O3B FAD Z . 32.56 -1.66 -15.14
C2B FAD Z . 33.94 -1.83 -13.11
O2B FAD Z . 33.10 -2.91 -12.72
C1B FAD Z . 35.16 -2.30 -13.89
N9A FAD Z . 36.29 -2.73 -13.07
C8A FAD Z . 36.75 -2.15 -11.91
N7A FAD Z . 37.78 -2.77 -11.38
C5A FAD Z . 38.02 -3.83 -12.23
C6A FAD Z . 38.97 -4.86 -12.23
N6A FAD Z . 39.92 -4.99 -11.30
N1A FAD Z . 38.92 -5.77 -13.23
C2A FAD Z . 37.99 -5.63 -14.18
N3A FAD Z . 37.04 -4.70 -14.29
C4A FAD Z . 37.10 -3.82 -13.28
N1 FAD Z . 33.66 11.03 -15.52
C2 FAD Z . 34.48 12.06 -15.87
O2 FAD Z . 35.19 12.03 -16.87
N3 FAD Z . 34.54 13.19 -15.08
C4 FAD Z . 33.82 13.41 -13.91
O4 FAD Z . 33.96 14.47 -13.28
C4X FAD Z . 32.94 12.32 -13.55
N5 FAD Z . 32.24 12.44 -12.46
C5X FAD Z . 31.41 11.40 -12.10
C6 FAD Z . 30.66 11.52 -10.93
C7 FAD Z . 29.81 10.50 -10.53
C7M FAD Z . 28.99 10.67 -9.28
C8 FAD Z . 29.69 9.35 -11.31
C8M FAD Z . 28.75 8.24 -10.91
C9 FAD Z . 30.45 9.22 -12.47
C9A FAD Z . 31.31 10.24 -12.87
N10 FAD Z . 32.10 10.14 -14.04
C10 FAD Z . 32.92 11.17 -14.41
C1' FAD Z . 31.99 8.98 -14.93
C2' FAD Z . 33.07 7.93 -14.75
O2' FAD Z . 34.36 8.48 -15.05
C3' FAD Z . 32.78 6.79 -15.71
O3' FAD Z . 31.56 6.17 -15.31
C4' FAD Z . 33.81 5.69 -15.82
O4' FAD Z . 33.39 4.87 -16.90
C5' FAD Z . 33.80 4.78 -14.60
O5' FAD Z . 34.28 5.50 -13.46
P FAD Z . 34.51 4.74 -12.11
O1P FAD Z . 33.18 4.12 -11.70
O2P FAD Z . 35.20 5.62 -11.10
O3P FAD Z . 35.46 3.53 -12.54
C ACY AA . 28.72 12.58 -13.82
O ACY AA . 28.25 12.73 -12.69
OXT ACY AA . 29.58 13.36 -14.27
CH3 ACY AA . 28.26 11.42 -14.64
C ACY BA . 39.56 10.10 7.67
O ACY BA . 40.45 9.50 8.32
OXT ACY BA . 39.25 9.80 6.49
CH3 ACY BA . 38.87 11.24 8.35
C1 EDO CA . 25.88 13.84 1.84
O1 EDO CA . 26.80 12.75 1.98
C2 EDO CA . 25.64 14.21 0.37
O2 EDO CA . 26.75 13.74 -0.41
#